data_8SP8
#
_entry.id   8SP8
#
_cell.length_a   1.00
_cell.length_b   1.00
_cell.length_c   1.00
_cell.angle_alpha   90.00
_cell.angle_beta   90.00
_cell.angle_gamma   90.00
#
_symmetry.space_group_name_H-M   'P 1'
#
loop_
_entity.id
_entity.type
_entity.pdbx_description
1 polymer 'Transient receptor potential cation channel subfamily V member 6'
2 non-polymer 'CHOLESTEROL HEMISUCCINATE'
3 non-polymer '(2S)-3-(hexadecanoyloxy)-2-[(9Z)-octadec-9-enoyloxy]propyl 2-(trimethylammonio)ethyl phosphate'
4 non-polymer Tetrahydrocannabivarin
5 non-polymer 'CALCIUM ION'
6 non-polymer 'CHLORIDE ION'
#
_entity_poly.entity_id   1
_entity_poly.type   'polypeptide(L)'
_entity_poly.pdbx_seq_one_letter_code
;MGLSLPKEKGLILCLWSKFCRWFQRRESWAQSRDEQNLLQQKRIWESPLLLAAKDNDVQALNKLLKYEDCKVHQRGAMGE
TALHIAALYDNLEAAMVLMEAAPELVFEPMTSELYEGQTALHIAVVNQNMNLVRALLARRASVSARATGTAFRRSPCNLI
YFGEHPLSFAACVNSEEIVRLLIEHGADIRAQDSLGNTVLHILILQPNKTFACQMYNLLLSYDRHGDHLQPLDLVPNHQG
LTPFKLAGVEGNTVMFQHLMQKRKHTQWTYGPLTSTLYDLTEIDSSGDEQSLLELIITTKKREARQILDQTPVKELVSLK
WKRYGRPYFCMLGAIYLLYIICFTMCCIYRPLKPRTNNRTSPRDNTLLQQKLLQEAYMTPKDDIRLVGELVTVIGAIIIL
LVEVPDIFRMGVTRFFGQTILGGPFHVLIITYAFMVLVTMVMRLISASGEVVPMSFALVLGWCNVMYFARGFQMLGPFTI
MIQKMIFGDLMRFCWLMAVVILGFASAFYIIFQTEDPEELGHFYDYPMALFSTFELFLTIIDGPANYNVDLPFMYSITYA
AFAIIATLLMLNLLIAMMGDTHWRVAHERDELWRAQIVATTVMLERKLPRCLWPRSGICGREYGLGDRWFLRVEDRQDLN
RQRIQRYAQAFHTRGSEDLDKDSVEK
;
_entity_poly.pdbx_strand_id   A,B,C,D
#
# COMPACT_ATOMS: atom_id res chain seq x y z
N GLU A 27 9.77 36.87 16.24
CA GLU A 27 10.52 36.48 17.47
C GLU A 27 10.21 37.44 18.61
N SER A 28 10.82 38.63 18.57
CA SER A 28 10.56 39.62 19.60
C SER A 28 9.29 40.41 19.32
N TRP A 29 8.93 40.57 18.05
CA TRP A 29 7.71 41.30 17.74
C TRP A 29 6.48 40.50 18.15
N ALA A 30 6.50 39.18 17.95
CA ALA A 30 5.46 38.34 18.51
C ALA A 30 5.48 38.39 20.02
N GLN A 31 6.67 38.46 20.62
CA GLN A 31 6.78 38.63 22.06
C GLN A 31 6.28 39.99 22.51
N SER A 32 6.36 41.01 21.64
CA SER A 32 5.91 42.34 22.00
C SER A 32 4.40 42.52 21.81
N ARG A 33 3.75 41.72 20.98
CA ARG A 33 2.30 41.68 21.00
C ARG A 33 1.80 41.25 22.37
N ASP A 34 2.33 40.13 22.86
CA ASP A 34 1.87 39.54 24.11
C ASP A 34 2.01 40.49 25.27
N GLU A 35 3.17 41.15 25.38
CA GLU A 35 3.41 42.11 26.44
C GLU A 35 2.40 43.25 26.44
N GLN A 36 1.80 43.56 25.29
CA GLN A 36 0.78 44.59 25.22
C GLN A 36 -0.61 44.05 25.52
N ASN A 37 -0.91 42.83 25.06
CA ASN A 37 -2.21 42.25 25.35
C ASN A 37 -2.40 42.01 26.84
N LEU A 38 -1.31 41.73 27.56
CA LEU A 38 -1.37 41.60 29.00
C LEU A 38 -1.34 42.96 29.67
N LEU A 39 -0.57 43.90 29.12
CA LEU A 39 -0.61 45.27 29.61
C LEU A 39 -1.97 45.90 29.36
N GLN A 40 -2.63 45.49 28.28
CA GLN A 40 -3.99 45.93 28.02
C GLN A 40 -4.93 45.52 29.14
N GLN A 41 -4.88 44.25 29.54
CA GLN A 41 -5.72 43.77 30.63
C GLN A 41 -5.29 44.34 31.97
N LYS A 42 -4.03 44.77 32.08
CA LYS A 42 -3.54 45.35 33.32
C LYS A 42 -4.17 46.72 33.56
N ARG A 43 -4.09 47.60 32.57
CA ARG A 43 -4.56 48.97 32.71
C ARG A 43 -6.08 49.06 32.74
N ILE A 44 -6.78 48.00 32.32
CA ILE A 44 -8.21 47.90 32.60
C ILE A 44 -8.42 47.72 34.10
N TRP A 45 -7.66 46.80 34.71
CA TRP A 45 -7.75 46.59 36.15
C TRP A 45 -7.25 47.79 36.92
N GLU A 46 -6.26 48.50 36.39
CA GLU A 46 -5.80 49.76 36.99
C GLU A 46 -6.60 50.95 36.46
N SER A 47 -7.91 50.84 36.50
CA SER A 47 -8.80 51.95 36.19
C SER A 47 -10.21 51.61 36.64
N PRO A 48 -10.93 52.52 37.31
CA PRO A 48 -12.34 52.23 37.62
C PRO A 48 -13.25 52.37 36.41
N LEU A 49 -12.87 53.17 35.42
CA LEU A 49 -13.72 53.38 34.25
C LEU A 49 -13.63 52.22 33.27
N LEU A 50 -12.41 51.89 32.83
CA LEU A 50 -12.22 50.82 31.85
C LEU A 50 -12.66 49.46 32.38
N LEU A 51 -12.68 49.29 33.70
CA LEU A 51 -13.17 48.04 34.28
C LEU A 51 -14.69 47.97 34.21
N ALA A 52 -15.38 49.04 34.60
CA ALA A 52 -16.83 49.04 34.59
C ALA A 52 -17.38 48.79 33.20
N ALA A 53 -16.67 49.24 32.17
CA ALA A 53 -17.07 48.94 30.80
C ALA A 53 -16.93 47.46 30.50
N LYS A 54 -15.85 46.83 30.96
CA LYS A 54 -15.57 45.44 30.62
C LYS A 54 -16.64 44.51 31.15
N ASP A 55 -17.19 44.81 32.34
CA ASP A 55 -18.12 43.94 33.03
C ASP A 55 -19.53 44.49 33.11
N ASN A 56 -19.78 45.67 32.54
CA ASN A 56 -21.14 46.17 32.32
C ASN A 56 -21.81 46.53 33.65
N ASP A 57 -21.07 47.20 34.54
CA ASP A 57 -21.62 47.69 35.79
C ASP A 57 -22.10 49.11 35.55
N VAL A 58 -23.33 49.24 35.03
CA VAL A 58 -23.86 50.56 34.72
C VAL A 58 -24.11 51.37 35.98
N GLN A 59 -24.55 50.73 37.06
CA GLN A 59 -24.86 51.46 38.28
C GLN A 59 -23.62 52.08 38.90
N ALA A 60 -22.48 51.40 38.80
CA ALA A 60 -21.20 51.95 39.24
C ALA A 60 -20.51 52.77 38.18
N LEU A 61 -21.07 52.84 36.97
CA LEU A 61 -20.52 53.65 35.90
C LEU A 61 -21.12 55.05 35.88
N ASN A 62 -22.44 55.15 36.01
CA ASN A 62 -23.09 56.45 36.19
C ASN A 62 -22.50 57.20 37.38
N LYS A 63 -22.15 56.49 38.45
CA LYS A 63 -21.48 57.11 39.59
C LYS A 63 -20.18 57.78 39.18
N LEU A 64 -19.43 57.17 38.27
CA LEU A 64 -18.13 57.70 37.87
C LEU A 64 -18.25 58.86 36.89
N LEU A 65 -19.16 58.77 35.92
CA LEU A 65 -19.29 59.83 34.93
C LEU A 65 -19.96 61.06 35.53
N LYS A 66 -20.80 60.88 36.54
CA LYS A 66 -21.50 62.00 37.16
C LYS A 66 -20.65 62.71 38.19
N TYR A 67 -19.65 62.03 38.77
CA TYR A 67 -18.93 62.58 39.91
C TYR A 67 -18.13 63.82 39.52
N GLU A 68 -17.54 63.79 38.33
CA GLU A 68 -16.58 64.82 37.93
C GLU A 68 -16.46 64.72 36.42
N ASP A 69 -16.12 65.84 35.78
CA ASP A 69 -15.94 65.81 34.33
C ASP A 69 -14.65 65.06 34.03
N CYS A 70 -14.71 63.73 34.16
CA CYS A 70 -13.53 62.93 34.36
C CYS A 70 -12.69 62.88 33.09
N LYS A 71 -11.54 62.23 33.20
CA LYS A 71 -10.78 61.80 32.03
C LYS A 71 -11.58 60.65 31.39
N VAL A 72 -12.40 61.02 30.41
CA VAL A 72 -13.04 60.03 29.54
C VAL A 72 -12.12 59.60 28.41
N HIS A 73 -11.03 60.33 28.17
CA HIS A 73 -10.02 59.99 27.18
C HIS A 73 -8.93 59.09 27.75
N GLN A 74 -9.24 58.32 28.81
CA GLN A 74 -8.30 57.32 29.28
C GLN A 74 -8.02 56.32 28.18
N ARG A 75 -6.75 56.17 27.83
CA ARG A 75 -6.32 55.27 26.77
C ARG A 75 -5.41 54.20 27.36
N GLY A 76 -5.83 52.95 27.24
CA GLY A 76 -5.07 51.84 27.74
C GLY A 76 -3.82 51.57 26.92
N ALA A 77 -3.39 50.32 26.89
CA ALA A 77 -2.13 49.98 26.22
C ALA A 77 -2.25 50.14 24.72
N MET A 78 -3.34 49.63 24.13
CA MET A 78 -3.54 49.73 22.69
C MET A 78 -4.09 51.08 22.26
N GLY A 79 -4.20 52.05 23.17
CA GLY A 79 -4.69 53.37 22.81
C GLY A 79 -6.18 53.50 22.80
N GLU A 80 -6.89 52.62 23.48
CA GLU A 80 -8.33 52.50 23.34
C GLU A 80 -9.05 53.16 24.51
N THR A 81 -10.17 53.78 24.19
CA THR A 81 -11.03 54.43 25.16
C THR A 81 -12.03 53.43 25.71
N ALA A 82 -12.87 53.88 26.64
CA ALA A 82 -13.86 53.00 27.26
C ALA A 82 -14.86 52.44 26.27
N LEU A 83 -15.09 53.13 25.15
CA LEU A 83 -16.09 52.70 24.20
C LEU A 83 -15.64 51.48 23.41
N HIS A 84 -14.35 51.41 23.07
CA HIS A 84 -13.80 50.22 22.43
C HIS A 84 -14.02 48.99 23.29
N ILE A 85 -13.83 49.15 24.60
CA ILE A 85 -13.85 48.00 25.50
C ILE A 85 -15.28 47.55 25.76
N ALA A 86 -16.22 48.50 25.87
CA ALA A 86 -17.62 48.12 25.94
C ALA A 86 -18.06 47.37 24.69
N ALA A 87 -17.51 47.74 23.54
CA ALA A 87 -17.83 47.10 22.28
C ALA A 87 -17.03 45.83 22.04
N LEU A 88 -15.85 45.74 22.63
CA LEU A 88 -15.02 44.56 22.44
C LEU A 88 -15.55 43.35 23.20
N TYR A 89 -16.25 43.58 24.31
CA TYR A 89 -16.80 42.52 25.14
C TYR A 89 -18.32 42.43 25.03
N ASP A 90 -18.91 43.03 24.00
CA ASP A 90 -20.35 42.94 23.75
C ASP A 90 -21.16 43.51 24.90
N ASN A 91 -20.67 44.61 25.46
CA ASN A 91 -21.37 45.29 26.56
C ASN A 91 -22.15 46.44 25.95
N LEU A 92 -23.37 46.13 25.52
CA LEU A 92 -24.26 47.12 24.92
C LEU A 92 -24.62 48.20 25.93
N GLU A 93 -24.92 47.81 27.16
CA GLU A 93 -25.47 48.76 28.12
C GLU A 93 -24.42 49.75 28.59
N ALA A 94 -23.16 49.31 28.70
CA ALA A 94 -22.10 50.23 29.06
C ALA A 94 -21.83 51.22 27.95
N ALA A 95 -21.85 50.76 26.69
CA ALA A 95 -21.45 51.61 25.58
C ALA A 95 -22.37 52.80 25.40
N MET A 96 -23.67 52.63 25.69
CA MET A 96 -24.59 53.75 25.57
C MET A 96 -24.23 54.85 26.55
N VAL A 97 -23.87 54.49 27.78
CA VAL A 97 -23.60 55.48 28.82
C VAL A 97 -22.40 56.35 28.41
N LEU A 98 -21.38 55.73 27.82
CA LEU A 98 -20.24 56.51 27.33
C LEU A 98 -20.67 57.47 26.23
N MET A 99 -21.59 57.03 25.36
CA MET A 99 -22.03 57.87 24.27
C MET A 99 -22.99 58.95 24.75
N GLU A 100 -23.74 58.69 25.82
CA GLU A 100 -24.60 59.71 26.40
C GLU A 100 -23.79 60.76 27.15
N ALA A 101 -22.83 60.31 27.96
CA ALA A 101 -22.02 61.23 28.76
C ALA A 101 -21.22 62.16 27.86
N ALA A 102 -20.31 61.59 27.07
CA ALA A 102 -19.47 62.35 26.15
C ALA A 102 -19.70 61.79 24.75
N PRO A 103 -20.38 62.50 23.85
CA PRO A 103 -20.51 62.00 22.47
C PRO A 103 -19.21 61.99 21.68
N GLU A 104 -18.13 62.55 22.21
CA GLU A 104 -16.88 62.62 21.46
C GLU A 104 -16.17 61.28 21.34
N LEU A 105 -16.67 60.22 21.98
CA LEU A 105 -15.93 58.97 22.00
C LEU A 105 -16.05 58.20 20.70
N VAL A 106 -17.20 58.29 20.03
CA VAL A 106 -17.42 57.55 18.79
C VAL A 106 -16.41 57.91 17.71
N PHE A 107 -15.91 59.14 17.71
CA PHE A 107 -14.95 59.61 16.72
C PHE A 107 -13.51 59.25 17.07
N GLU A 108 -13.28 58.50 18.15
CA GLU A 108 -11.94 58.28 18.65
C GLU A 108 -11.40 56.95 18.14
N PRO A 109 -10.37 56.93 17.31
CA PRO A 109 -9.74 55.66 16.96
C PRO A 109 -8.69 55.25 17.99
N MET A 110 -8.31 53.99 17.91
CA MET A 110 -7.14 53.53 18.65
C MET A 110 -5.90 54.15 18.06
N THR A 111 -4.92 54.43 18.93
CA THR A 111 -3.74 55.18 18.58
C THR A 111 -2.47 54.34 18.52
N SER A 112 -2.51 53.10 18.99
CA SER A 112 -1.34 52.26 18.99
C SER A 112 -0.98 51.84 17.57
N GLU A 113 0.31 51.53 17.38
CA GLU A 113 0.80 51.05 16.11
C GLU A 113 0.13 49.75 15.69
N LEU A 114 -0.42 48.98 16.64
CA LEU A 114 -0.91 47.65 16.34
C LEU A 114 -2.34 47.67 15.81
N TYR A 115 -3.22 48.38 16.50
CA TYR A 115 -4.63 48.48 16.16
C TYR A 115 -4.97 49.90 15.70
N GLU A 116 -4.05 50.52 14.98
CA GLU A 116 -4.19 51.92 14.58
C GLU A 116 -5.44 52.17 13.77
N GLY A 117 -6.09 53.30 14.02
CA GLY A 117 -7.24 53.74 13.27
C GLY A 117 -8.56 53.10 13.67
N GLN A 118 -8.52 51.95 14.31
CA GLN A 118 -9.72 51.21 14.63
C GLN A 118 -10.59 52.00 15.60
N THR A 119 -11.88 52.05 15.32
CA THR A 119 -12.86 52.77 16.10
C THR A 119 -13.76 51.76 16.82
N ALA A 120 -14.77 52.29 17.51
CA ALA A 120 -15.77 51.43 18.11
C ALA A 120 -16.70 50.82 17.06
N LEU A 121 -16.80 51.45 15.89
CA LEU A 121 -17.70 50.93 14.86
C LEU A 121 -17.15 49.66 14.24
N HIS A 122 -15.87 49.66 13.90
CA HIS A 122 -15.22 48.45 13.41
C HIS A 122 -15.42 47.28 14.35
N ILE A 123 -15.40 47.53 15.67
CA ILE A 123 -15.47 46.44 16.62
C ILE A 123 -16.87 45.85 16.68
N ALA A 124 -17.89 46.71 16.76
CA ALA A 124 -19.26 46.22 16.86
C ALA A 124 -19.66 45.42 15.63
N VAL A 125 -19.13 45.79 14.47
CA VAL A 125 -19.40 45.05 13.25
C VAL A 125 -18.86 43.63 13.34
N VAL A 126 -17.62 43.49 13.81
CA VAL A 126 -16.98 42.17 13.84
C VAL A 126 -17.66 41.28 14.86
N ASN A 127 -18.07 41.83 15.99
CA ASN A 127 -18.81 41.08 16.99
C ASN A 127 -20.29 40.96 16.66
N GLN A 128 -20.75 41.56 15.55
CA GLN A 128 -22.11 41.40 15.07
C GLN A 128 -23.14 41.93 16.06
N ASN A 129 -22.76 42.91 16.88
CA ASN A 129 -23.69 43.48 17.85
C ASN A 129 -24.63 44.42 17.09
N MET A 130 -25.78 43.87 16.68
CA MET A 130 -26.66 44.60 15.77
C MET A 130 -27.25 45.83 16.43
N ASN A 131 -27.59 45.75 17.71
CA ASN A 131 -28.22 46.88 18.39
C ASN A 131 -27.22 47.96 18.78
N LEU A 132 -25.95 47.61 18.94
CA LEU A 132 -24.94 48.62 19.25
C LEU A 132 -24.50 49.37 18.01
N VAL A 133 -24.35 48.66 16.88
CA VAL A 133 -23.88 49.31 15.67
C VAL A 133 -24.88 50.35 15.17
N ARG A 134 -26.18 50.05 15.29
CA ARG A 134 -27.21 51.04 14.92
C ARG A 134 -27.03 52.34 15.70
N ALA A 135 -26.58 52.25 16.95
CA ALA A 135 -26.44 53.44 17.77
C ALA A 135 -25.29 54.31 17.30
N LEU A 136 -24.14 53.71 17.02
CA LEU A 136 -22.98 54.49 16.61
C LEU A 136 -23.21 55.17 15.27
N LEU A 137 -24.01 54.57 14.40
CA LEU A 137 -24.42 55.27 13.18
C LEU A 137 -25.38 56.40 13.51
N ALA A 138 -26.32 56.17 14.44
CA ALA A 138 -27.15 57.24 14.95
C ALA A 138 -26.33 58.35 15.61
N ARG A 139 -25.15 58.01 16.13
CA ARG A 139 -24.18 59.00 16.59
C ARG A 139 -23.20 59.37 15.47
N ARG A 140 -23.66 59.34 14.22
CA ARG A 140 -22.97 59.89 13.05
C ARG A 140 -21.50 59.46 12.97
N ALA A 141 -21.25 58.21 13.35
CA ALA A 141 -19.90 57.65 13.27
C ALA A 141 -19.46 57.47 11.82
N SER A 142 -18.19 57.72 11.57
CA SER A 142 -17.65 57.61 10.21
C SER A 142 -17.60 56.16 9.77
N VAL A 143 -18.11 55.89 8.57
CA VAL A 143 -18.05 54.57 7.96
C VAL A 143 -16.90 54.49 6.97
N SER A 144 -16.08 55.54 6.90
CA SER A 144 -14.92 55.59 6.03
C SER A 144 -13.61 55.50 6.81
N ALA A 145 -13.67 55.12 8.08
CA ALA A 145 -12.48 55.09 8.91
C ALA A 145 -11.62 53.88 8.56
N ARG A 146 -10.32 54.11 8.45
CA ARG A 146 -9.41 53.15 7.86
C ARG A 146 -8.54 52.52 8.93
N ALA A 147 -8.85 51.28 9.29
CA ALA A 147 -8.08 50.54 10.29
C ALA A 147 -6.75 50.13 9.68
N THR A 148 -5.74 50.97 9.90
CA THR A 148 -4.43 50.85 9.27
C THR A 148 -3.48 49.96 10.07
N GLY A 149 -3.83 49.60 11.30
CA GLY A 149 -2.89 48.97 12.19
C GLY A 149 -2.34 47.66 11.66
N THR A 150 -1.19 47.28 12.22
CA THR A 150 -0.46 46.10 11.79
C THR A 150 -1.25 44.82 12.01
N ALA A 151 -2.20 44.82 12.95
CA ALA A 151 -2.96 43.61 13.25
C ALA A 151 -3.97 43.29 12.17
N PHE A 152 -4.22 44.19 11.23
CA PHE A 152 -5.20 43.99 10.18
C PHE A 152 -4.60 43.76 8.81
N ARG A 153 -3.33 44.09 8.61
CA ARG A 153 -2.68 43.88 7.34
C ARG A 153 -2.59 42.40 7.01
N ARG A 154 -2.47 42.10 5.73
CA ARG A 154 -2.35 40.72 5.30
C ARG A 154 -0.96 40.21 5.64
N SER A 155 -0.90 39.15 6.42
CA SER A 155 0.36 38.61 6.88
C SER A 155 0.13 37.26 7.55
N PRO A 156 1.08 36.33 7.49
CA PRO A 156 0.93 35.09 8.25
C PRO A 156 0.98 35.29 9.75
N CYS A 157 1.50 36.42 10.21
CA CYS A 157 1.49 36.76 11.62
C CYS A 157 0.09 37.08 12.14
N ASN A 158 -0.86 37.37 11.25
CA ASN A 158 -2.23 37.68 11.61
C ASN A 158 -3.14 36.56 11.16
N LEU A 159 -4.10 36.21 12.02
CA LEU A 159 -5.02 35.13 11.73
C LEU A 159 -6.21 35.58 10.89
N ILE A 160 -6.35 36.87 10.62
CA ILE A 160 -7.49 37.43 9.90
C ILE A 160 -6.98 38.51 8.96
N TYR A 161 -7.59 38.58 7.78
CA TYR A 161 -7.46 39.72 6.88
C TYR A 161 -8.89 40.11 6.52
N PHE A 162 -9.46 40.99 7.32
CA PHE A 162 -10.81 41.50 7.09
C PHE A 162 -10.81 42.81 6.33
N GLY A 163 -9.65 43.36 6.00
CA GLY A 163 -9.57 44.58 5.24
C GLY A 163 -9.20 45.77 6.07
N GLU A 164 -9.79 46.92 5.73
CA GLU A 164 -9.44 48.17 6.36
C GLU A 164 -10.62 49.09 6.64
N HIS A 165 -11.83 48.74 6.23
CA HIS A 165 -13.01 49.58 6.37
C HIS A 165 -14.09 48.81 7.12
N PRO A 166 -15.12 49.50 7.62
CA PRO A 166 -16.18 48.79 8.35
C PRO A 166 -16.93 47.79 7.49
N LEU A 167 -17.18 48.13 6.24
CA LEU A 167 -17.90 47.22 5.34
C LEU A 167 -17.08 45.98 5.06
N SER A 168 -15.78 46.15 4.84
CA SER A 168 -14.91 45.00 4.62
C SER A 168 -14.87 44.09 5.84
N PHE A 169 -15.07 44.66 7.04
CA PHE A 169 -15.18 43.83 8.23
C PHE A 169 -16.52 43.14 8.32
N ALA A 170 -17.60 43.85 7.97
CA ALA A 170 -18.93 43.24 7.99
C ALA A 170 -19.03 42.10 7.00
N ALA A 171 -18.47 42.26 5.82
CA ALA A 171 -18.63 41.28 4.76
C ALA A 171 -17.91 39.99 5.05
N CYS A 172 -16.85 40.03 5.83
CA CYS A 172 -16.03 38.85 6.07
C CYS A 172 -16.47 38.06 7.29
N VAL A 173 -17.27 38.68 8.17
CA VAL A 173 -17.97 37.93 9.22
C VAL A 173 -19.33 37.41 8.77
N ASN A 174 -19.73 37.69 7.53
CA ASN A 174 -21.02 37.27 6.98
C ASN A 174 -22.18 37.81 7.82
N SER A 175 -22.34 39.13 7.79
CA SER A 175 -23.51 39.79 8.35
C SER A 175 -24.19 40.54 7.21
N GLU A 176 -25.14 39.87 6.56
CA GLU A 176 -25.90 40.51 5.49
C GLU A 176 -26.60 41.76 5.99
N GLU A 177 -27.03 41.76 7.25
CA GLU A 177 -27.80 42.88 7.77
C GLU A 177 -26.92 44.12 7.93
N ILE A 178 -25.74 43.96 8.53
CA ILE A 178 -24.88 45.11 8.76
C ILE A 178 -24.27 45.61 7.45
N VAL A 179 -24.03 44.72 6.49
CA VAL A 179 -23.46 45.15 5.22
C VAL A 179 -24.44 46.04 4.48
N ARG A 180 -25.71 45.67 4.49
CA ARG A 180 -26.73 46.56 3.99
C ARG A 180 -26.77 47.86 4.79
N LEU A 181 -26.84 47.75 6.12
CA LEU A 181 -27.06 48.91 6.98
C LEU A 181 -25.98 49.96 6.82
N LEU A 182 -24.76 49.54 6.51
CA LEU A 182 -23.69 50.52 6.27
C LEU A 182 -23.83 51.21 4.92
N ILE A 183 -24.59 50.62 3.99
CA ILE A 183 -24.68 51.20 2.65
C ILE A 183 -25.70 52.34 2.62
N GLU A 184 -26.77 52.26 3.43
CA GLU A 184 -27.68 53.40 3.54
C GLU A 184 -26.98 54.62 4.12
N HIS A 185 -25.93 54.42 4.92
CA HIS A 185 -25.23 55.51 5.59
C HIS A 185 -24.01 56.00 4.80
N GLY A 186 -23.82 55.53 3.58
CA GLY A 186 -22.80 56.08 2.70
C GLY A 186 -21.46 55.37 2.77
N ALA A 187 -21.48 54.05 2.67
CA ALA A 187 -20.26 53.24 2.67
C ALA A 187 -19.84 53.01 1.22
N ASP A 188 -18.73 53.62 0.83
CA ASP A 188 -18.21 53.46 -0.52
C ASP A 188 -17.72 52.03 -0.71
N ILE A 189 -18.37 51.30 -1.62
CA ILE A 189 -17.95 49.93 -1.89
C ILE A 189 -16.62 49.92 -2.63
N ARG A 190 -16.28 51.00 -3.32
CA ARG A 190 -15.06 51.08 -4.11
C ARG A 190 -13.85 51.47 -3.28
N ALA A 191 -13.97 51.46 -1.97
CA ALA A 191 -12.85 51.81 -1.11
C ALA A 191 -11.85 50.66 -1.06
N GLN A 192 -10.57 50.99 -1.20
CA GLN A 192 -9.51 50.01 -1.30
C GLN A 192 -8.60 50.07 -0.08
N ASP A 193 -7.87 48.98 0.13
CA ASP A 193 -6.92 48.88 1.22
C ASP A 193 -5.62 49.56 0.82
N SER A 194 -4.59 49.38 1.64
CA SER A 194 -3.24 49.76 1.24
C SER A 194 -2.74 48.91 0.09
N LEU A 195 -3.22 47.68 -0.02
CA LEU A 195 -2.86 46.77 -1.09
C LEU A 195 -3.74 46.94 -2.33
N GLY A 196 -4.70 47.86 -2.30
CA GLY A 196 -5.58 48.07 -3.41
C GLY A 196 -6.81 47.19 -3.43
N ASN A 197 -6.87 46.19 -2.57
CA ASN A 197 -7.98 45.25 -2.56
C ASN A 197 -9.25 45.92 -2.06
N THR A 198 -10.22 46.09 -2.95
CA THR A 198 -11.56 46.45 -2.53
C THR A 198 -12.21 45.23 -1.89
N VAL A 199 -13.46 45.42 -1.42
CA VAL A 199 -14.12 44.37 -0.66
C VAL A 199 -14.35 43.11 -1.50
N LEU A 200 -14.34 43.22 -2.82
CA LEU A 200 -14.57 42.07 -3.68
C LEU A 200 -13.35 41.15 -3.71
N HIS A 201 -12.15 41.71 -3.56
CA HIS A 201 -10.94 40.88 -3.50
C HIS A 201 -10.85 40.14 -2.18
N ILE A 202 -11.27 40.79 -1.10
CA ILE A 202 -11.06 40.24 0.24
C ILE A 202 -11.86 38.97 0.43
N LEU A 203 -13.12 38.97 0.02
CA LEU A 203 -13.99 37.80 0.17
C LEU A 203 -13.43 36.56 -0.50
N ILE A 204 -12.55 36.74 -1.48
CA ILE A 204 -11.87 35.62 -2.10
C ILE A 204 -10.75 35.10 -1.21
N LEU A 205 -10.20 35.96 -0.36
CA LEU A 205 -9.07 35.62 0.49
C LEU A 205 -9.47 35.01 1.83
N GLN A 206 -10.74 34.72 2.02
CA GLN A 206 -11.22 34.22 3.29
C GLN A 206 -11.21 32.70 3.30
N PRO A 207 -11.17 32.07 4.48
CA PRO A 207 -11.14 30.60 4.52
C PRO A 207 -12.49 29.95 4.27
N ASN A 208 -13.59 30.64 4.56
CA ASN A 208 -14.93 30.08 4.41
C ASN A 208 -15.48 30.53 3.06
N LYS A 209 -15.56 29.57 2.14
CA LYS A 209 -15.93 29.86 0.75
C LYS A 209 -17.43 30.01 0.58
N THR A 210 -18.21 29.12 1.20
CA THR A 210 -19.64 29.05 0.94
C THR A 210 -20.35 30.33 1.37
N PHE A 211 -19.96 30.91 2.50
CA PHE A 211 -20.53 32.19 2.92
C PHE A 211 -20.00 33.35 2.11
N ALA A 212 -18.94 33.15 1.33
CA ALA A 212 -18.31 34.25 0.60
C ALA A 212 -18.92 34.44 -0.78
N CYS A 213 -19.46 33.38 -1.38
CA CYS A 213 -20.10 33.52 -2.68
C CYS A 213 -21.41 34.28 -2.57
N GLN A 214 -22.13 34.11 -1.47
CA GLN A 214 -23.40 34.80 -1.29
C GLN A 214 -23.21 36.29 -1.04
N MET A 215 -22.09 36.66 -0.40
CA MET A 215 -21.80 38.06 -0.18
C MET A 215 -21.23 38.71 -1.43
N TYR A 216 -20.55 37.94 -2.27
CA TYR A 216 -20.11 38.43 -3.57
C TYR A 216 -21.29 38.92 -4.40
N ASN A 217 -22.37 38.14 -4.43
CA ASN A 217 -23.56 38.52 -5.18
C ASN A 217 -24.20 39.77 -4.58
N LEU A 218 -24.30 39.81 -3.24
CA LEU A 218 -25.01 40.91 -2.59
C LEU A 218 -24.34 42.25 -2.84
N LEU A 219 -23.00 42.28 -2.86
CA LEU A 219 -22.30 43.55 -2.90
C LEU A 219 -22.27 44.14 -4.30
N LEU A 220 -22.36 43.30 -5.33
CA LEU A 220 -22.48 43.82 -6.69
C LEU A 220 -23.86 44.37 -6.96
N SER A 221 -24.88 43.81 -6.31
CA SER A 221 -26.23 44.32 -6.43
C SER A 221 -26.31 45.81 -6.06
N TYR A 222 -25.46 46.25 -5.14
CA TYR A 222 -25.38 47.65 -4.76
C TYR A 222 -24.41 48.44 -5.64
N ASP A 223 -24.06 47.92 -6.81
CA ASP A 223 -23.32 48.63 -7.85
C ASP A 223 -24.27 49.09 -8.96
N ARG A 224 -25.43 49.64 -8.56
CA ARG A 224 -26.54 49.84 -9.49
C ARG A 224 -26.26 50.92 -10.53
N HIS A 225 -25.68 52.03 -10.13
CA HIS A 225 -25.71 53.24 -10.95
C HIS A 225 -24.77 53.08 -12.16
N GLY A 226 -25.29 53.38 -13.34
CA GLY A 226 -24.65 53.03 -14.58
C GLY A 226 -23.32 53.72 -14.84
N ASP A 227 -23.02 54.80 -14.11
CA ASP A 227 -21.84 55.61 -14.37
C ASP A 227 -20.80 55.29 -13.30
N HIS A 228 -19.97 54.27 -13.61
CA HIS A 228 -19.01 53.75 -12.63
C HIS A 228 -17.58 53.63 -13.10
N LEU A 229 -17.30 53.63 -14.41
CA LEU A 229 -15.90 53.75 -14.87
C LEU A 229 -15.03 52.60 -14.38
N GLN A 230 -15.14 51.42 -15.02
CA GLN A 230 -14.59 50.14 -14.57
C GLN A 230 -15.35 49.59 -13.37
N PRO A 231 -16.55 49.01 -13.58
CA PRO A 231 -17.30 48.38 -12.49
C PRO A 231 -16.48 47.47 -11.59
N LEU A 232 -17.03 47.20 -10.40
CA LEU A 232 -16.25 46.72 -9.26
C LEU A 232 -15.39 45.51 -9.59
N ASP A 233 -16.01 44.49 -10.18
CA ASP A 233 -15.29 43.25 -10.44
C ASP A 233 -14.30 43.34 -11.60
N LEU A 234 -14.07 44.54 -12.14
CA LEU A 234 -12.96 44.83 -13.03
C LEU A 234 -11.98 45.84 -12.43
N VAL A 235 -12.10 46.12 -11.13
CA VAL A 235 -11.17 47.03 -10.44
C VAL A 235 -9.99 46.19 -9.97
N PRO A 236 -8.76 46.46 -10.43
CA PRO A 236 -7.61 45.71 -9.93
C PRO A 236 -7.02 46.29 -8.66
N ASN A 237 -6.22 45.45 -8.01
CA ASN A 237 -5.45 45.85 -6.85
C ASN A 237 -4.10 46.40 -7.31
N HIS A 238 -3.18 46.59 -6.39
CA HIS A 238 -1.87 47.14 -6.71
C HIS A 238 -0.94 46.12 -7.33
N GLN A 239 -1.39 44.89 -7.56
CA GLN A 239 -0.71 43.94 -8.42
C GLN A 239 -1.36 43.82 -9.78
N GLY A 240 -2.39 44.61 -10.07
CA GLY A 240 -3.11 44.52 -11.32
C GLY A 240 -4.17 43.44 -11.38
N LEU A 241 -4.26 42.59 -10.36
CA LEU A 241 -5.17 41.45 -10.41
C LEU A 241 -6.59 41.90 -10.11
N THR A 242 -7.53 41.44 -10.91
CA THR A 242 -8.95 41.60 -10.65
C THR A 242 -9.39 40.49 -9.70
N PRO A 243 -10.64 40.54 -9.21
CA PRO A 243 -11.11 39.45 -8.37
C PRO A 243 -11.13 38.11 -9.08
N PHE A 244 -11.37 38.11 -10.38
CA PHE A 244 -11.36 36.87 -11.13
C PHE A 244 -9.97 36.26 -11.14
N LYS A 245 -8.96 37.04 -11.51
CA LYS A 245 -7.61 36.52 -11.55
C LYS A 245 -7.07 36.23 -10.16
N LEU A 246 -7.52 36.97 -9.14
CA LEU A 246 -7.10 36.69 -7.78
C LEU A 246 -7.63 35.35 -7.29
N ALA A 247 -8.81 34.97 -7.76
CA ALA A 247 -9.39 33.71 -7.35
C ALA A 247 -8.56 32.52 -7.83
N GLY A 248 -7.88 32.66 -8.96
CA GLY A 248 -7.08 31.59 -9.48
C GLY A 248 -5.73 31.48 -8.82
N VAL A 249 -5.13 32.64 -8.55
CA VAL A 249 -3.82 32.68 -7.90
C VAL A 249 -3.90 32.07 -6.51
N GLU A 250 -5.01 32.29 -5.83
CA GLU A 250 -5.19 31.81 -4.47
C GLU A 250 -5.79 30.42 -4.40
N GLY A 251 -6.21 29.85 -5.53
CA GLY A 251 -6.72 28.50 -5.52
C GLY A 251 -8.14 28.38 -5.04
N ASN A 252 -8.92 29.45 -5.13
CA ASN A 252 -10.30 29.43 -4.67
C ASN A 252 -11.16 28.88 -5.80
N THR A 253 -11.24 27.55 -5.87
CA THR A 253 -12.00 26.90 -6.94
C THR A 253 -13.47 27.25 -6.86
N VAL A 254 -13.98 27.46 -5.65
CA VAL A 254 -15.40 27.72 -5.47
C VAL A 254 -15.79 29.02 -6.15
N MET A 255 -15.02 30.07 -5.92
CA MET A 255 -15.30 31.38 -6.47
C MET A 255 -14.88 31.52 -7.91
N PHE A 256 -13.84 30.80 -8.33
CA PHE A 256 -13.50 30.81 -9.74
C PHE A 256 -14.67 30.33 -10.58
N GLN A 257 -15.29 29.23 -10.18
CA GLN A 257 -16.51 28.78 -10.84
C GLN A 257 -17.59 29.85 -10.75
N HIS A 258 -17.82 30.39 -9.56
CA HIS A 258 -18.95 31.30 -9.37
C HIS A 258 -18.78 32.57 -10.18
N LEU A 259 -17.54 33.04 -10.32
CA LEU A 259 -17.28 34.23 -11.12
C LEU A 259 -17.23 33.94 -12.61
N MET A 260 -17.40 32.68 -13.00
CA MET A 260 -17.25 32.28 -14.39
C MET A 260 -18.58 32.26 -15.14
N GLN A 261 -19.71 32.12 -14.42
CA GLN A 261 -21.02 32.19 -15.06
C GLN A 261 -21.30 33.57 -15.64
N LYS A 262 -20.58 34.60 -15.20
CA LYS A 262 -20.67 35.89 -15.83
C LYS A 262 -20.07 35.89 -17.23
N ARG A 263 -19.22 34.90 -17.53
CA ARG A 263 -18.52 34.82 -18.79
C ARG A 263 -19.11 33.79 -19.75
N LYS A 264 -19.82 32.80 -19.23
CA LYS A 264 -20.52 31.84 -20.06
C LYS A 264 -21.59 32.52 -20.91
N HIS A 265 -21.93 31.85 -22.02
CA HIS A 265 -23.10 32.21 -22.80
C HIS A 265 -23.62 30.94 -23.46
N THR A 266 -24.59 30.32 -22.82
CA THR A 266 -25.23 29.11 -23.35
C THR A 266 -25.89 29.42 -24.68
N GLN A 267 -25.39 28.81 -25.75
CA GLN A 267 -25.96 29.05 -27.08
C GLN A 267 -27.26 28.29 -27.26
N TRP A 268 -27.19 26.96 -27.22
CA TRP A 268 -28.33 26.11 -27.54
C TRP A 268 -28.27 24.87 -26.66
N THR A 269 -29.45 24.28 -26.47
CA THR A 269 -29.63 23.10 -25.63
C THR A 269 -30.55 22.14 -26.38
N TYR A 270 -30.02 20.98 -26.74
CA TYR A 270 -30.70 19.99 -27.56
C TYR A 270 -30.75 18.71 -26.73
N GLY A 271 -31.74 18.63 -25.85
CA GLY A 271 -31.86 17.51 -24.95
C GLY A 271 -30.72 17.48 -23.95
N PRO A 272 -29.89 16.43 -23.96
CA PRO A 272 -28.78 16.36 -23.01
C PRO A 272 -27.57 17.19 -23.39
N LEU A 273 -27.58 17.85 -24.54
CA LEU A 273 -26.43 18.61 -25.01
C LEU A 273 -26.55 20.07 -24.63
N THR A 274 -25.39 20.69 -24.45
CA THR A 274 -25.28 22.11 -24.16
C THR A 274 -24.03 22.63 -24.86
N SER A 275 -24.14 23.82 -25.44
CA SER A 275 -23.04 24.47 -26.15
C SER A 275 -22.80 25.83 -25.52
N THR A 276 -21.91 25.87 -24.53
CA THR A 276 -21.54 27.11 -23.87
C THR A 276 -20.40 27.77 -24.61
N LEU A 277 -20.30 29.09 -24.45
CA LEU A 277 -19.32 29.90 -25.16
C LEU A 277 -18.56 30.74 -24.14
N TYR A 278 -17.43 30.22 -23.68
CA TYR A 278 -16.61 30.89 -22.69
C TYR A 278 -15.84 32.05 -23.34
N ASP A 279 -15.30 32.94 -22.50
CA ASP A 279 -14.84 34.24 -22.97
C ASP A 279 -13.32 34.33 -23.14
N LEU A 280 -12.56 33.85 -22.16
CA LEU A 280 -11.11 33.66 -22.29
C LEU A 280 -10.33 34.98 -22.42
N THR A 281 -10.96 36.11 -22.19
CA THR A 281 -10.25 37.38 -22.28
C THR A 281 -9.20 37.57 -21.18
N GLU A 282 -9.42 37.03 -19.98
CA GLU A 282 -8.47 37.10 -18.89
C GLU A 282 -7.71 35.81 -18.67
N ILE A 283 -7.96 34.78 -19.46
CA ILE A 283 -7.38 33.46 -19.26
C ILE A 283 -6.29 33.24 -20.29
N ASP A 284 -6.51 33.72 -21.51
CA ASP A 284 -5.58 33.48 -22.60
C ASP A 284 -4.58 34.62 -22.70
N SER A 285 -3.40 34.29 -23.18
CA SER A 285 -2.29 35.24 -23.30
C SER A 285 -2.59 36.24 -24.40
N SER A 286 -3.06 37.43 -24.02
CA SER A 286 -3.23 38.50 -24.99
C SER A 286 -1.89 39.06 -25.42
N GLY A 287 -1.10 39.55 -24.46
CA GLY A 287 0.24 40.05 -24.72
C GLY A 287 0.57 41.36 -24.04
N ASP A 288 -0.37 41.92 -23.28
CA ASP A 288 -0.17 43.19 -22.56
C ASP A 288 0.13 42.99 -21.09
N GLU A 289 -0.65 42.15 -20.41
CA GLU A 289 -0.44 41.81 -19.01
C GLU A 289 -0.47 40.29 -18.89
N GLN A 290 0.20 39.79 -17.86
CA GLN A 290 0.30 38.34 -17.68
C GLN A 290 -1.07 37.73 -17.46
N SER A 291 -1.42 36.77 -18.32
CA SER A 291 -2.72 36.14 -18.26
C SER A 291 -2.76 35.13 -17.12
N LEU A 292 -3.98 34.69 -16.80
CA LEU A 292 -4.22 33.85 -15.64
C LEU A 292 -3.41 32.56 -15.69
N LEU A 293 -3.15 32.03 -16.88
CA LEU A 293 -2.34 30.82 -16.97
C LEU A 293 -0.90 31.11 -16.56
N GLU A 294 -0.44 32.33 -16.78
CA GLU A 294 0.90 32.70 -16.35
C GLU A 294 0.97 32.95 -14.85
N LEU A 295 -0.13 33.42 -14.26
CA LEU A 295 -0.13 33.70 -12.84
C LEU A 295 -0.29 32.45 -11.99
N ILE A 296 -0.84 31.37 -12.54
CA ILE A 296 -1.00 30.13 -11.78
C ILE A 296 0.30 29.34 -11.76
N ILE A 297 1.11 29.46 -12.81
CA ILE A 297 2.40 28.80 -12.84
C ILE A 297 3.42 29.57 -12.02
N THR A 298 3.31 30.90 -12.00
CA THR A 298 4.27 31.76 -11.32
C THR A 298 3.88 32.06 -9.89
N THR A 299 3.20 31.14 -9.21
CA THR A 299 2.87 31.28 -7.79
C THR A 299 3.24 30.00 -7.08
N LYS A 300 3.67 30.16 -5.83
CA LYS A 300 4.20 29.06 -5.05
C LYS A 300 3.12 28.10 -4.54
N LYS A 301 1.86 28.51 -4.58
CA LYS A 301 0.79 27.68 -4.05
C LYS A 301 0.52 26.48 -4.94
N ARG A 302 -0.01 25.43 -4.33
CA ARG A 302 -0.44 24.23 -5.02
C ARG A 302 -1.96 24.13 -5.11
N GLU A 303 -2.68 24.98 -4.37
CA GLU A 303 -4.13 25.06 -4.54
C GLU A 303 -4.48 25.78 -5.83
N ALA A 304 -3.61 26.68 -6.28
CA ALA A 304 -3.82 27.37 -7.54
C ALA A 304 -3.74 26.44 -8.73
N ARG A 305 -2.99 25.36 -8.63
CA ARG A 305 -2.88 24.41 -9.71
C ARG A 305 -4.13 23.56 -9.88
N GLN A 306 -5.06 23.60 -8.92
CA GLN A 306 -6.34 22.95 -9.11
C GLN A 306 -7.19 23.63 -10.17
N ILE A 307 -6.91 24.90 -10.47
CA ILE A 307 -7.69 25.66 -11.42
C ILE A 307 -7.53 25.11 -12.83
N LEU A 308 -6.45 24.39 -13.10
CA LEU A 308 -6.20 23.88 -14.43
C LEU A 308 -7.10 22.71 -14.79
N ASP A 309 -7.93 22.24 -13.87
CA ASP A 309 -8.90 21.19 -14.11
C ASP A 309 -10.31 21.73 -14.34
N GLN A 310 -10.49 23.05 -14.31
CA GLN A 310 -11.82 23.62 -14.45
C GLN A 310 -12.21 23.75 -15.92
N THR A 311 -13.51 23.83 -16.15
CA THR A 311 -14.13 23.57 -17.44
C THR A 311 -13.86 24.57 -18.57
N PRO A 312 -13.45 25.83 -18.32
CA PRO A 312 -12.94 26.65 -19.44
C PRO A 312 -11.44 26.52 -19.68
N VAL A 313 -10.69 26.15 -18.65
CA VAL A 313 -9.24 26.18 -18.69
C VAL A 313 -8.66 24.86 -19.16
N LYS A 314 -9.19 23.75 -18.63
CA LYS A 314 -8.73 22.42 -19.02
C LYS A 314 -8.88 22.21 -20.52
N GLU A 315 -9.92 22.78 -21.12
CA GLU A 315 -10.20 22.62 -22.53
C GLU A 315 -9.37 23.56 -23.41
N LEU A 316 -8.70 24.53 -22.81
CA LEU A 316 -7.83 25.46 -23.53
C LEU A 316 -6.39 25.00 -23.53
N VAL A 317 -5.92 24.53 -22.38
CA VAL A 317 -4.58 23.98 -22.26
C VAL A 317 -4.41 22.81 -23.21
N SER A 318 -5.40 21.92 -23.24
CA SER A 318 -5.37 20.75 -24.09
C SER A 318 -5.56 21.06 -25.56
N LEU A 319 -5.86 22.31 -25.91
CA LEU A 319 -5.97 22.72 -27.30
C LEU A 319 -4.73 23.42 -27.81
N LYS A 320 -4.13 24.28 -26.99
CA LYS A 320 -2.83 24.85 -27.32
C LYS A 320 -1.80 23.75 -27.55
N TRP A 321 -1.91 22.68 -26.77
CA TRP A 321 -0.93 21.62 -26.76
C TRP A 321 -1.14 20.62 -27.88
N LYS A 322 -2.31 19.99 -27.89
CA LYS A 322 -2.64 18.97 -28.88
C LYS A 322 -2.49 19.47 -30.29
N ARG A 323 -2.69 20.77 -30.51
CA ARG A 323 -2.62 21.36 -31.85
C ARG A 323 -1.27 22.01 -32.13
N TYR A 324 -0.80 22.88 -31.24
CA TYR A 324 0.33 23.77 -31.53
C TYR A 324 1.45 23.70 -30.50
N GLY A 325 1.41 22.73 -29.59
CA GLY A 325 2.41 22.61 -28.54
C GLY A 325 3.21 21.34 -28.57
N ARG A 326 2.63 20.25 -29.04
CA ARG A 326 3.39 19.04 -29.29
C ARG A 326 4.18 19.13 -30.59
N PRO A 327 3.64 19.70 -31.67
CA PRO A 327 4.46 19.86 -32.88
C PRO A 327 5.70 20.70 -32.66
N TYR A 328 5.56 21.90 -32.13
CA TYR A 328 6.69 22.79 -31.91
C TYR A 328 7.57 22.36 -30.74
N PHE A 329 7.27 21.23 -30.10
CA PHE A 329 8.07 20.68 -29.02
C PHE A 329 8.65 19.33 -29.35
N CYS A 330 8.05 18.59 -30.28
CA CYS A 330 8.63 17.41 -30.87
C CYS A 330 9.33 17.70 -32.19
N MET A 331 9.48 18.97 -32.57
CA MET A 331 10.39 19.40 -33.63
C MET A 331 11.66 19.97 -33.05
N LEU A 332 11.54 20.87 -32.08
CA LEU A 332 12.69 21.43 -31.40
C LEU A 332 13.31 20.46 -30.40
N GLY A 333 12.74 19.27 -30.25
CA GLY A 333 13.35 18.21 -29.48
C GLY A 333 14.09 17.21 -30.36
N ALA A 334 13.85 17.25 -31.66
CA ALA A 334 14.62 16.50 -32.64
C ALA A 334 15.69 17.32 -33.32
N ILE A 335 15.51 18.63 -33.39
CA ILE A 335 16.58 19.49 -33.86
C ILE A 335 17.70 19.55 -32.84
N TYR A 336 17.35 19.45 -31.55
CA TYR A 336 18.36 19.43 -30.51
C TYR A 336 19.12 18.11 -30.52
N LEU A 337 18.45 17.02 -30.82
CA LEU A 337 19.13 15.72 -30.84
C LEU A 337 20.16 15.66 -31.96
N LEU A 338 19.79 16.10 -33.16
CA LEU A 338 20.75 16.17 -34.25
C LEU A 338 21.84 17.20 -34.03
N TYR A 339 21.69 18.06 -33.03
CA TYR A 339 22.71 19.02 -32.65
C TYR A 339 23.71 18.44 -31.67
N ILE A 340 23.24 17.63 -30.74
CA ILE A 340 24.12 17.02 -29.76
C ILE A 340 24.86 15.84 -30.36
N ILE A 341 24.24 15.16 -31.33
CA ILE A 341 24.93 14.13 -32.09
C ILE A 341 26.05 14.73 -32.90
N CYS A 342 25.95 16.00 -33.27
CA CYS A 342 27.04 16.67 -33.96
C CYS A 342 28.07 17.17 -32.97
N PHE A 343 27.64 17.61 -31.78
CA PHE A 343 28.61 17.92 -30.74
C PHE A 343 29.41 16.71 -30.35
N THR A 344 28.74 15.56 -30.30
CA THR A 344 29.39 14.34 -29.86
C THR A 344 30.50 13.94 -30.80
N MET A 345 30.17 13.71 -32.07
CA MET A 345 31.15 13.40 -33.10
C MET A 345 32.29 14.40 -33.19
N CYS A 346 32.10 15.65 -32.79
CA CYS A 346 33.19 16.60 -32.74
C CYS A 346 34.08 16.42 -31.53
N CYS A 347 33.68 15.56 -30.59
CA CYS A 347 34.45 15.27 -29.41
C CYS A 347 35.11 13.89 -29.43
N ILE A 348 34.49 12.92 -30.09
CA ILE A 348 35.15 11.65 -30.36
C ILE A 348 36.34 11.86 -31.29
N TYR A 349 36.15 12.60 -32.37
CA TYR A 349 37.16 12.80 -33.39
C TYR A 349 38.03 14.00 -33.11
N ARG A 350 38.21 14.35 -31.85
CA ARG A 350 38.95 15.54 -31.48
C ARG A 350 40.42 15.39 -31.84
N PRO A 351 41.18 16.49 -31.79
CA PRO A 351 42.62 16.40 -32.08
C PRO A 351 43.39 15.71 -30.97
N LEU A 352 44.20 14.73 -31.35
CA LEU A 352 45.04 14.02 -30.40
C LEU A 352 46.25 13.45 -31.12
N LYS A 353 47.41 13.54 -30.49
CA LYS A 353 48.67 13.06 -31.03
C LYS A 353 49.43 12.29 -29.96
N PRO A 354 50.43 11.51 -30.36
CA PRO A 354 51.31 10.89 -29.37
C PRO A 354 52.05 11.93 -28.53
N ARG A 355 52.21 11.61 -27.26
CA ARG A 355 52.86 12.52 -26.34
C ARG A 355 54.32 12.71 -26.72
N THR A 356 54.84 13.90 -26.40
CA THR A 356 56.21 14.27 -26.69
C THR A 356 57.12 14.17 -25.49
N ASN A 357 56.56 14.27 -24.28
CA ASN A 357 57.32 14.08 -23.06
C ASN A 357 57.59 12.59 -22.89
N ASN A 358 58.19 12.23 -21.75
CA ASN A 358 58.40 10.85 -21.35
C ASN A 358 57.60 10.58 -20.09
N ARG A 359 57.29 9.31 -19.88
CA ARG A 359 56.54 8.89 -18.70
C ARG A 359 57.29 9.30 -17.43
N THR A 360 56.72 10.25 -16.69
CA THR A 360 57.38 10.77 -15.50
C THR A 360 57.55 9.68 -14.45
N SER A 361 56.44 9.18 -13.94
CA SER A 361 56.37 8.10 -12.97
C SER A 361 55.70 6.90 -13.61
N PRO A 362 55.90 5.70 -13.08
CA PRO A 362 55.21 4.52 -13.65
C PRO A 362 53.71 4.55 -13.46
N ARG A 363 53.19 5.49 -12.68
CA ARG A 363 51.76 5.68 -12.49
C ARG A 363 51.14 6.57 -13.56
N ASP A 364 51.87 6.91 -14.61
CA ASP A 364 51.39 7.79 -15.67
C ASP A 364 51.20 6.93 -16.91
N ASN A 365 49.95 6.57 -17.18
CA ASN A 365 49.59 5.81 -18.38
C ASN A 365 48.97 6.69 -19.44
N THR A 366 49.25 7.98 -19.39
CA THR A 366 48.90 8.88 -20.47
C THR A 366 49.80 8.60 -21.67
N LEU A 367 49.20 8.26 -22.79
CA LEU A 367 49.90 7.96 -24.03
C LEU A 367 49.81 9.06 -25.05
N LEU A 368 48.73 9.82 -25.03
CA LEU A 368 48.38 10.79 -26.05
C LEU A 368 48.18 12.14 -25.39
N GLN A 369 48.33 13.20 -26.17
CA GLN A 369 47.97 14.53 -25.75
C GLN A 369 47.36 15.23 -26.94
N GLN A 370 46.75 16.38 -26.69
CA GLN A 370 45.94 17.03 -27.71
C GLN A 370 46.78 17.97 -28.56
N LYS A 371 46.44 18.02 -29.83
CA LYS A 371 47.21 18.73 -30.83
C LYS A 371 47.01 20.23 -30.69
N LEU A 372 48.02 20.96 -31.12
CA LEU A 372 47.93 22.40 -31.24
C LEU A 372 47.16 22.75 -32.52
N LEU A 373 46.70 24.00 -32.58
CA LEU A 373 45.87 24.45 -33.69
C LEU A 373 46.57 24.27 -35.03
N GLN A 374 47.87 24.54 -35.07
CA GLN A 374 48.58 24.59 -36.34
C GLN A 374 48.60 23.24 -37.03
N GLU A 375 48.42 22.16 -36.27
CA GLU A 375 48.36 20.80 -36.79
C GLU A 375 47.01 20.13 -36.51
N ALA A 376 46.10 20.80 -35.82
CA ALA A 376 44.77 20.26 -35.61
C ALA A 376 43.90 20.35 -36.85
N TYR A 377 44.11 21.37 -37.68
CA TYR A 377 43.31 21.62 -38.88
C TYR A 377 44.28 21.67 -40.05
N MET A 378 44.61 20.48 -40.57
CA MET A 378 45.69 20.32 -41.54
C MET A 378 45.38 19.25 -42.59
N THR A 379 44.19 18.67 -42.58
CA THR A 379 43.87 17.49 -43.39
C THR A 379 42.37 17.51 -43.65
N PRO A 380 41.90 16.81 -44.69
CA PRO A 380 40.46 16.88 -45.00
C PRO A 380 39.54 16.38 -43.90
N LYS A 381 39.94 15.35 -43.16
CA LYS A 381 39.09 14.84 -42.10
C LYS A 381 38.95 15.83 -40.96
N ASP A 382 39.90 16.75 -40.81
CA ASP A 382 39.82 17.78 -39.78
C ASP A 382 39.03 19.00 -40.24
N ASP A 383 38.67 19.07 -41.52
CA ASP A 383 37.84 20.15 -42.03
C ASP A 383 36.36 19.81 -42.03
N ILE A 384 36.01 18.53 -42.21
CA ILE A 384 34.65 18.09 -41.94
C ILE A 384 34.32 18.34 -40.48
N ARG A 385 35.28 18.16 -39.58
CA ARG A 385 35.02 18.38 -38.16
C ARG A 385 34.83 19.85 -37.87
N LEU A 386 35.60 20.72 -38.51
CA LEU A 386 35.47 22.16 -38.30
C LEU A 386 34.05 22.63 -38.61
N VAL A 387 33.43 22.06 -39.64
CA VAL A 387 32.04 22.35 -39.93
C VAL A 387 31.17 22.07 -38.72
N GLY A 388 31.18 20.82 -38.25
CA GLY A 388 30.43 20.43 -37.07
C GLY A 388 30.78 21.21 -35.83
N GLU A 389 32.01 21.71 -35.74
CA GLU A 389 32.40 22.49 -34.57
C GLU A 389 31.91 23.93 -34.66
N LEU A 390 31.70 24.43 -35.87
CA LEU A 390 31.11 25.75 -36.04
C LEU A 390 29.59 25.69 -35.92
N VAL A 391 28.98 24.67 -36.51
CA VAL A 391 27.58 24.35 -36.26
C VAL A 391 27.30 24.31 -34.77
N THR A 392 28.21 23.73 -34.01
CA THR A 392 28.07 23.63 -32.57
C THR A 392 28.08 25.00 -31.91
N VAL A 393 29.22 25.69 -31.99
CA VAL A 393 29.39 26.91 -31.22
C VAL A 393 28.46 28.02 -31.66
N ILE A 394 28.02 28.02 -32.92
CA ILE A 394 26.94 28.92 -33.31
C ILE A 394 25.66 28.53 -32.57
N GLY A 395 25.44 27.23 -32.40
CA GLY A 395 24.27 26.74 -31.69
C GLY A 395 24.28 27.05 -30.21
N ALA A 396 25.44 27.30 -29.64
CA ALA A 396 25.52 27.66 -28.23
C ALA A 396 25.35 29.14 -28.01
N ILE A 397 25.78 29.96 -28.97
CA ILE A 397 25.50 31.38 -28.90
C ILE A 397 24.00 31.61 -28.98
N ILE A 398 23.32 30.93 -29.91
CA ILE A 398 21.88 31.04 -30.05
C ILE A 398 21.18 30.71 -28.74
N ILE A 399 21.62 29.66 -28.05
CA ILE A 399 21.05 29.33 -26.75
C ILE A 399 21.18 30.51 -25.79
N LEU A 400 22.31 31.19 -25.82
CA LEU A 400 22.53 32.33 -24.94
C LEU A 400 21.88 33.61 -25.44
N LEU A 401 21.18 33.57 -26.56
CA LEU A 401 20.42 34.70 -27.07
C LEU A 401 18.92 34.52 -26.99
N VAL A 402 18.45 33.36 -26.53
CA VAL A 402 17.03 33.12 -26.29
C VAL A 402 16.75 32.70 -24.86
N GLU A 403 17.78 32.63 -24.01
CA GLU A 403 17.64 32.23 -22.62
C GLU A 403 18.18 33.27 -21.64
N VAL A 404 19.33 33.85 -21.93
CA VAL A 404 19.92 34.90 -21.09
C VAL A 404 19.14 36.20 -21.24
N PRO A 405 18.71 36.61 -22.45
CA PRO A 405 17.90 37.84 -22.54
C PRO A 405 16.59 37.75 -21.80
N ASP A 406 16.03 36.56 -21.63
CA ASP A 406 14.90 36.41 -20.71
C ASP A 406 15.33 36.76 -19.30
N ILE A 407 16.36 36.09 -18.81
CA ILE A 407 16.83 36.27 -17.43
C ILE A 407 17.16 37.74 -17.17
N PHE A 408 18.10 38.29 -17.94
CA PHE A 408 18.58 39.65 -17.69
C PHE A 408 17.48 40.70 -17.81
N ARG A 409 16.41 40.41 -18.54
CA ARG A 409 15.28 41.33 -18.69
C ARG A 409 14.15 41.05 -17.71
N MET A 410 13.89 39.79 -17.44
CA MET A 410 12.80 39.35 -16.59
C MET A 410 13.27 39.44 -15.14
N GLY A 411 12.52 38.89 -14.19
CA GLY A 411 12.87 38.92 -12.78
C GLY A 411 14.02 37.98 -12.49
N VAL A 412 15.22 38.53 -12.67
CA VAL A 412 16.47 37.84 -12.98
C VAL A 412 16.66 36.50 -12.29
N THR A 413 16.31 36.40 -11.01
CA THR A 413 16.51 35.18 -10.25
C THR A 413 15.32 34.75 -9.40
N ARG A 414 14.42 35.66 -9.06
CA ARG A 414 13.26 35.31 -8.26
C ARG A 414 12.09 34.84 -9.12
N PHE A 415 11.75 35.63 -10.15
CA PHE A 415 10.65 35.28 -11.04
C PHE A 415 11.06 34.26 -12.10
N PHE A 416 12.36 34.13 -12.36
CA PHE A 416 12.82 33.13 -13.32
C PHE A 416 12.47 31.73 -12.84
N GLY A 417 13.06 31.32 -11.72
CA GLY A 417 12.73 30.05 -11.11
C GLY A 417 11.29 29.93 -10.63
N GLN A 418 10.55 31.05 -10.61
CA GLN A 418 9.14 31.03 -10.26
C GLN A 418 8.31 30.43 -11.38
N THR A 419 8.55 30.85 -12.62
CA THR A 419 7.93 30.20 -13.77
C THR A 419 8.40 28.75 -13.90
N ILE A 420 9.63 28.47 -13.46
CA ILE A 420 10.14 27.10 -13.49
C ILE A 420 9.33 26.24 -12.53
N LEU A 421 8.62 25.27 -13.09
CA LEU A 421 8.00 24.20 -12.30
C LEU A 421 8.84 22.93 -12.34
N GLY A 422 9.07 22.40 -13.55
CA GLY A 422 9.94 21.25 -13.77
C GLY A 422 11.04 21.53 -14.75
N GLY A 423 11.39 22.80 -14.92
CA GLY A 423 12.47 23.26 -15.76
C GLY A 423 13.78 23.65 -15.10
N PRO A 424 14.53 22.71 -14.51
CA PRO A 424 15.96 22.99 -14.30
C PRO A 424 16.75 22.96 -15.59
N PHE A 425 16.15 22.38 -16.64
CA PHE A 425 16.61 22.44 -18.01
C PHE A 425 17.25 23.77 -18.37
N HIS A 426 16.60 24.87 -18.02
CA HIS A 426 17.08 26.18 -18.43
C HIS A 426 18.40 26.54 -17.77
N VAL A 427 18.68 25.94 -16.61
CA VAL A 427 19.98 26.14 -15.97
C VAL A 427 21.04 25.29 -16.66
N LEU A 428 20.70 24.06 -17.01
CA LEU A 428 21.66 23.14 -17.58
C LEU A 428 22.08 23.57 -18.98
N ILE A 429 21.12 23.96 -19.80
CA ILE A 429 21.41 24.28 -21.17
C ILE A 429 22.17 25.58 -21.31
N ILE A 430 22.03 26.50 -20.35
CA ILE A 430 22.91 27.65 -20.32
C ILE A 430 24.30 27.21 -19.87
N THR A 431 24.37 26.24 -18.97
CA THR A 431 25.65 25.69 -18.55
C THR A 431 26.28 24.89 -19.68
N TYR A 432 25.48 24.20 -20.48
CA TYR A 432 25.98 23.56 -21.69
C TYR A 432 26.70 24.57 -22.57
N ALA A 433 25.98 25.60 -23.02
CA ALA A 433 26.52 26.58 -23.93
C ALA A 433 27.74 27.29 -23.37
N PHE A 434 27.78 27.50 -22.07
CA PHE A 434 28.97 28.07 -21.45
C PHE A 434 30.17 27.17 -21.65
N MET A 435 30.04 25.88 -21.33
CA MET A 435 31.15 24.95 -21.47
C MET A 435 31.61 24.82 -22.92
N VAL A 436 30.69 24.87 -23.87
CA VAL A 436 31.06 24.80 -25.27
C VAL A 436 31.92 26.00 -25.65
N LEU A 437 31.66 27.15 -25.04
CA LEU A 437 32.45 28.34 -25.35
C LEU A 437 33.77 28.34 -24.61
N VAL A 438 33.79 27.81 -23.39
CA VAL A 438 35.06 27.54 -22.72
C VAL A 438 35.90 26.59 -23.56
N THR A 439 35.27 25.55 -24.11
CA THR A 439 35.97 24.64 -25.01
C THR A 439 36.53 25.37 -26.22
N MET A 440 35.79 26.32 -26.77
CA MET A 440 36.29 27.08 -27.92
C MET A 440 37.53 27.85 -27.56
N VAL A 441 37.43 28.71 -26.54
CA VAL A 441 38.55 29.56 -26.13
C VAL A 441 39.80 28.72 -25.90
N MET A 442 39.66 27.64 -25.14
CA MET A 442 40.77 26.75 -24.85
C MET A 442 41.37 26.16 -26.13
N ARG A 443 40.54 25.96 -27.16
CA ARG A 443 41.06 25.50 -28.43
C ARG A 443 41.77 26.62 -29.18
N LEU A 444 41.32 27.85 -29.02
CA LEU A 444 41.96 28.96 -29.72
C LEU A 444 43.32 29.28 -29.11
N ILE A 445 43.41 29.30 -27.77
CA ILE A 445 44.67 29.59 -27.10
C ILE A 445 45.50 28.33 -26.85
N SER A 446 45.07 27.18 -27.35
CA SER A 446 45.78 25.92 -27.16
C SER A 446 46.03 25.61 -25.69
N ALA A 447 44.95 25.65 -24.92
CA ALA A 447 45.03 25.36 -23.50
C ALA A 447 44.82 23.88 -23.24
N SER A 448 45.52 23.35 -22.25
CA SER A 448 45.41 21.96 -21.90
C SER A 448 44.26 21.76 -20.93
N GLY A 449 43.41 20.77 -21.23
CA GLY A 449 42.32 20.40 -20.35
C GLY A 449 40.95 20.50 -20.97
N GLU A 450 40.88 20.34 -22.30
CA GLU A 450 39.60 20.41 -22.98
C GLU A 450 38.66 19.29 -22.58
N VAL A 451 39.17 18.21 -22.02
CA VAL A 451 38.31 17.13 -21.58
C VAL A 451 37.42 17.57 -20.43
N VAL A 452 37.83 18.55 -19.66
CA VAL A 452 37.06 18.95 -18.49
C VAL A 452 35.79 19.63 -19.02
N PRO A 453 35.85 20.68 -19.84
CA PRO A 453 34.59 21.27 -20.31
C PRO A 453 33.72 20.34 -21.14
N MET A 454 34.30 19.62 -22.10
CA MET A 454 33.52 18.70 -22.93
C MET A 454 32.70 17.74 -22.09
N SER A 455 33.34 17.08 -21.14
CA SER A 455 32.70 16.01 -20.39
C SER A 455 31.53 16.51 -19.57
N PHE A 456 31.54 17.78 -19.14
CA PHE A 456 30.32 18.37 -18.64
C PHE A 456 29.32 18.54 -19.78
N ALA A 457 29.75 19.13 -20.88
CA ALA A 457 28.88 19.46 -21.99
C ALA A 457 28.21 18.24 -22.59
N LEU A 458 28.94 17.14 -22.71
CA LEU A 458 28.31 15.89 -23.13
C LEU A 458 27.15 15.52 -22.22
N VAL A 459 27.42 15.41 -20.92
CA VAL A 459 26.42 14.95 -19.98
C VAL A 459 25.26 15.94 -19.88
N LEU A 460 25.58 17.21 -19.71
CA LEU A 460 24.54 18.22 -19.68
C LEU A 460 23.80 18.31 -21.00
N GLY A 461 24.49 18.01 -22.11
CA GLY A 461 23.86 18.09 -23.41
C GLY A 461 22.86 16.98 -23.66
N TRP A 462 23.23 15.75 -23.35
CA TRP A 462 22.33 14.64 -23.61
C TRP A 462 21.21 14.60 -22.59
N CYS A 463 21.54 14.67 -21.31
CA CYS A 463 20.55 14.55 -20.26
C CYS A 463 19.48 15.63 -20.30
N ASN A 464 19.73 16.72 -21.02
CA ASN A 464 18.68 17.66 -21.39
C ASN A 464 17.67 17.08 -22.37
N VAL A 465 18.04 16.03 -23.12
CA VAL A 465 17.08 15.37 -24.00
C VAL A 465 16.01 14.63 -23.20
N MET A 466 16.24 14.42 -21.90
CA MET A 466 15.21 13.90 -21.02
C MET A 466 14.06 14.89 -20.90
N TYR A 467 14.31 16.17 -21.19
CA TYR A 467 13.27 17.18 -21.10
C TYR A 467 12.36 17.13 -22.32
N PHE A 468 12.92 16.93 -23.51
CA PHE A 468 12.13 16.86 -24.72
C PHE A 468 11.48 15.49 -24.86
N ALA A 469 10.73 15.08 -23.86
CA ALA A 469 10.05 13.80 -23.79
C ALA A 469 8.59 13.94 -23.41
N ARG A 470 8.26 14.92 -22.57
CA ARG A 470 6.88 15.16 -22.14
C ARG A 470 5.90 15.33 -23.29
N GLY A 471 6.39 15.64 -24.50
CA GLY A 471 5.52 15.83 -25.65
C GLY A 471 4.57 14.67 -25.89
N PHE A 472 5.03 13.46 -25.68
CA PHE A 472 4.29 12.24 -25.99
C PHE A 472 3.75 11.55 -24.73
N GLN A 473 3.92 12.18 -23.56
CA GLN A 473 3.73 11.51 -22.27
C GLN A 473 4.70 10.33 -22.17
N MET A 474 5.99 10.67 -22.24
CA MET A 474 7.12 9.78 -22.09
C MET A 474 7.32 9.50 -20.60
N LEU A 475 8.53 9.17 -20.15
CA LEU A 475 8.89 9.21 -18.73
C LEU A 475 9.17 10.68 -18.29
N GLY A 476 8.92 11.66 -19.16
CA GLY A 476 8.88 13.07 -18.79
C GLY A 476 7.81 13.46 -17.76
N PRO A 477 6.62 12.86 -17.88
CA PRO A 477 5.70 12.89 -16.74
C PRO A 477 6.24 12.18 -15.51
N PHE A 478 7.27 11.35 -15.65
CA PHE A 478 7.90 10.63 -14.56
C PHE A 478 9.28 11.15 -14.21
N THR A 479 9.87 12.03 -15.03
CA THR A 479 10.94 12.87 -14.51
C THR A 479 10.37 14.02 -13.68
N ILE A 480 9.04 14.17 -13.65
CA ILE A 480 8.40 14.89 -12.56
C ILE A 480 8.81 14.28 -11.24
N MET A 481 8.91 12.95 -11.16
CA MET A 481 9.33 12.32 -9.92
C MET A 481 10.75 12.72 -9.58
N ILE A 482 11.71 12.42 -10.47
CA ILE A 482 13.11 12.67 -10.14
C ILE A 482 13.39 14.14 -9.89
N GLN A 483 12.54 15.04 -10.41
CA GLN A 483 12.58 16.44 -10.03
C GLN A 483 11.72 16.74 -8.82
N LYS A 484 10.61 16.03 -8.64
CA LYS A 484 9.99 15.98 -7.32
C LYS A 484 10.90 15.30 -6.32
N MET A 485 11.84 14.46 -6.78
CA MET A 485 12.77 13.78 -5.89
C MET A 485 13.89 14.70 -5.40
N ILE A 486 13.76 16.01 -5.58
CA ILE A 486 14.59 16.98 -4.87
C ILE A 486 13.77 17.42 -3.65
N PHE A 487 12.87 16.55 -3.17
CA PHE A 487 12.20 16.79 -1.90
C PHE A 487 13.20 16.52 -0.80
N GLY A 488 12.71 16.45 0.43
CA GLY A 488 13.50 16.18 1.60
C GLY A 488 14.51 15.07 1.49
N ASP A 489 14.13 13.80 1.48
CA ASP A 489 15.13 12.74 1.53
C ASP A 489 15.84 12.49 0.20
N LEU A 490 16.37 13.55 -0.42
CA LEU A 490 17.40 13.35 -1.43
C LEU A 490 18.38 14.52 -1.53
N MET A 491 18.21 15.60 -0.75
CA MET A 491 19.28 16.55 -0.48
C MET A 491 19.65 16.48 1.00
N ARG A 492 19.18 15.43 1.66
CA ARG A 492 19.05 15.37 3.10
C ARG A 492 19.51 14.02 3.65
N PHE A 493 19.37 12.95 2.88
CA PHE A 493 20.06 11.69 3.07
C PHE A 493 21.54 11.79 2.77
N CYS A 494 21.95 12.84 2.05
CA CYS A 494 23.37 13.15 1.92
C CYS A 494 24.04 13.26 3.29
N TRP A 495 23.42 13.99 4.22
CA TRP A 495 24.07 14.29 5.48
C TRP A 495 24.32 13.03 6.29
N LEU A 496 23.50 11.99 6.10
CA LEU A 496 23.59 10.76 6.88
C LEU A 496 24.17 9.62 6.08
N MET A 497 24.59 9.89 4.86
CA MET A 497 25.41 9.00 4.06
C MET A 497 26.86 9.46 3.99
N ALA A 498 27.07 10.74 3.70
CA ALA A 498 28.38 11.35 3.68
C ALA A 498 29.13 11.23 4.99
N VAL A 499 28.42 11.07 6.09
CA VAL A 499 29.04 10.94 7.39
C VAL A 499 29.52 9.51 7.61
N VAL A 500 28.80 8.56 7.05
CA VAL A 500 29.25 7.17 7.04
C VAL A 500 30.48 7.03 6.18
N ILE A 501 30.48 7.64 5.00
CA ILE A 501 31.60 7.56 4.09
C ILE A 501 32.85 8.17 4.70
N LEU A 502 32.74 9.37 5.27
CA LEU A 502 33.91 10.02 5.83
C LEU A 502 34.42 9.32 7.07
N GLY A 503 33.56 8.57 7.74
CA GLY A 503 33.95 7.88 8.95
C GLY A 503 34.68 6.59 8.72
N PHE A 504 34.14 5.74 7.86
CA PHE A 504 34.76 4.47 7.55
C PHE A 504 35.91 4.61 6.57
N ALA A 505 35.88 5.62 5.71
CA ALA A 505 37.01 5.87 4.82
C ALA A 505 38.23 6.35 5.56
N SER A 506 38.03 7.16 6.59
CA SER A 506 39.13 7.59 7.42
C SER A 506 39.61 6.47 8.31
N ALA A 507 38.75 5.49 8.58
CA ALA A 507 39.17 4.29 9.28
C ALA A 507 39.92 3.34 8.36
N PHE A 508 39.30 2.95 7.25
CA PHE A 508 39.95 2.13 6.23
C PHE A 508 41.31 2.68 5.85
N TYR A 509 41.42 4.00 5.75
CA TYR A 509 42.67 4.60 5.37
C TYR A 509 43.77 4.32 6.39
N ILE A 510 43.50 4.55 7.67
CA ILE A 510 44.54 4.36 8.67
C ILE A 510 44.83 2.90 8.93
N ILE A 511 43.91 2.01 8.58
CA ILE A 511 44.17 0.58 8.71
C ILE A 511 45.19 0.12 7.68
N PHE A 512 45.05 0.60 6.44
CA PHE A 512 45.96 0.29 5.36
C PHE A 512 47.01 1.37 5.15
N GLN A 513 47.16 2.28 6.10
CA GLN A 513 48.20 3.28 6.03
C GLN A 513 49.58 2.69 6.28
N THR A 514 49.64 1.52 6.90
CA THR A 514 50.87 0.82 7.16
C THR A 514 51.18 -0.27 6.16
N GLU A 515 50.24 -0.65 5.31
CA GLU A 515 50.34 -1.85 4.52
C GLU A 515 50.85 -1.54 3.11
N ASP A 516 51.14 -2.60 2.37
CA ASP A 516 51.71 -2.47 1.04
C ASP A 516 50.58 -2.22 0.06
N PRO A 517 50.58 -1.12 -0.70
CA PRO A 517 49.42 -0.85 -1.57
C PRO A 517 49.41 -1.57 -2.90
N GLU A 518 50.51 -2.21 -3.31
CA GLU A 518 50.50 -2.95 -4.55
C GLU A 518 49.68 -4.22 -4.48
N GLU A 519 49.24 -4.62 -3.29
CA GLU A 519 48.39 -5.77 -3.09
C GLU A 519 46.93 -5.39 -2.93
N LEU A 520 46.63 -4.54 -1.96
CA LEU A 520 45.30 -3.95 -1.76
C LEU A 520 45.47 -2.44 -1.72
N GLY A 521 45.12 -1.78 -2.83
CA GLY A 521 45.37 -0.36 -2.99
C GLY A 521 44.14 0.48 -3.19
N HIS A 522 43.03 0.02 -2.61
CA HIS A 522 41.80 0.80 -2.63
C HIS A 522 41.93 2.08 -1.81
N PHE A 523 42.94 2.18 -0.95
CA PHE A 523 43.03 3.16 0.11
C PHE A 523 44.45 3.71 0.22
N TYR A 524 45.10 4.01 -0.91
CA TYR A 524 46.49 4.42 -0.90
C TYR A 524 46.66 5.89 -0.56
N ASP A 525 45.63 6.70 -0.78
CA ASP A 525 45.60 8.09 -0.36
C ASP A 525 44.18 8.40 0.10
N TYR A 526 44.04 9.50 0.82
CA TYR A 526 42.76 9.81 1.42
C TYR A 526 41.70 10.13 0.38
N PRO A 527 42.01 10.84 -0.71
CA PRO A 527 40.97 11.06 -1.72
C PRO A 527 40.45 9.81 -2.39
N MET A 528 41.27 8.78 -2.59
CA MET A 528 40.78 7.53 -3.13
C MET A 528 40.09 6.68 -2.09
N ALA A 529 40.33 6.96 -0.81
CA ALA A 529 39.63 6.24 0.24
C ALA A 529 38.18 6.63 0.33
N LEU A 530 37.85 7.85 -0.09
CA LEU A 530 36.47 8.29 -0.08
C LEU A 530 35.75 7.85 -1.35
N PHE A 531 36.46 7.83 -2.46
CA PHE A 531 35.89 7.34 -3.69
C PHE A 531 35.63 5.85 -3.62
N SER A 532 36.61 5.08 -3.18
CA SER A 532 36.41 3.66 -2.97
C SER A 532 35.27 3.39 -2.01
N THR A 533 35.26 4.08 -0.90
CA THR A 533 34.21 3.93 0.09
C THR A 533 32.87 4.40 -0.41
N PHE A 534 32.85 5.42 -1.26
CA PHE A 534 31.61 5.78 -1.93
C PHE A 534 31.12 4.65 -2.80
N GLU A 535 32.02 4.03 -3.56
CA GLU A 535 31.66 2.93 -4.44
C GLU A 535 31.25 1.70 -3.65
N LEU A 536 31.86 1.47 -2.50
CA LEU A 536 31.51 0.32 -1.69
C LEU A 536 30.16 0.46 -1.01
N PHE A 537 29.80 1.68 -0.63
CA PHE A 537 28.48 1.96 -0.09
C PHE A 537 27.41 1.48 -1.05
N LEU A 538 27.57 1.82 -2.33
CA LEU A 538 26.60 1.51 -3.35
C LEU A 538 26.76 0.13 -3.97
N THR A 539 27.81 -0.59 -3.61
CA THR A 539 28.06 -1.93 -4.14
C THR A 539 28.28 -1.87 -5.64
N ILE A 540 29.11 -0.92 -6.06
CA ILE A 540 29.53 -0.77 -7.44
C ILE A 540 31.01 -1.06 -7.63
N ILE A 541 31.70 -1.49 -6.59
CA ILE A 541 32.93 -2.26 -6.73
C ILE A 541 32.87 -3.36 -5.69
N ASP A 542 33.70 -4.36 -5.88
CA ASP A 542 33.70 -5.48 -4.97
C ASP A 542 34.48 -5.15 -3.72
N GLY A 543 34.11 -5.80 -2.63
CA GLY A 543 34.82 -5.71 -1.39
C GLY A 543 36.28 -6.02 -1.58
N PRO A 544 37.17 -5.24 -0.97
CA PRO A 544 38.59 -5.54 -1.05
C PRO A 544 38.94 -6.90 -0.49
N ALA A 545 39.91 -7.54 -1.15
CA ALA A 545 40.37 -8.85 -0.76
C ALA A 545 41.56 -9.23 -1.60
N ASN A 546 42.52 -9.91 -1.00
CA ASN A 546 43.60 -10.54 -1.73
C ASN A 546 43.71 -12.03 -1.49
N TYR A 547 43.72 -12.45 -0.23
CA TYR A 547 43.71 -13.85 0.18
C TYR A 547 45.02 -14.57 -0.08
N ASN A 548 46.01 -13.86 -0.64
CA ASN A 548 47.39 -14.33 -0.69
C ASN A 548 48.26 -13.58 0.30
N VAL A 549 47.65 -12.87 1.24
CA VAL A 549 48.36 -12.02 2.18
C VAL A 549 47.45 -11.72 3.34
N ASP A 550 48.03 -11.61 4.53
CA ASP A 550 47.26 -11.43 5.74
C ASP A 550 46.85 -9.98 5.87
N LEU A 551 45.58 -9.69 5.66
CA LEU A 551 45.08 -8.35 5.86
C LEU A 551 44.93 -8.07 7.34
N PRO A 552 44.74 -6.81 7.71
CA PRO A 552 44.54 -6.51 9.12
C PRO A 552 43.24 -7.09 9.65
N PHE A 553 43.27 -7.51 10.91
CA PHE A 553 42.06 -8.00 11.57
C PHE A 553 41.07 -6.88 11.80
N MET A 554 41.55 -5.65 11.82
CA MET A 554 40.75 -4.48 12.06
C MET A 554 40.01 -4.03 10.82
N TYR A 555 40.30 -4.63 9.66
CA TYR A 555 39.56 -4.37 8.45
C TYR A 555 38.25 -5.12 8.40
N SER A 556 38.28 -6.39 8.75
CA SER A 556 37.13 -7.23 8.58
C SER A 556 36.03 -6.90 9.57
N ILE A 557 36.41 -6.45 10.76
CA ILE A 557 35.45 -5.91 11.72
C ILE A 557 34.79 -4.67 11.14
N THR A 558 35.60 -3.73 10.66
CA THR A 558 35.09 -2.45 10.18
C THR A 558 34.22 -2.62 8.95
N TYR A 559 34.71 -3.35 7.95
CA TYR A 559 33.97 -3.51 6.72
C TYR A 559 32.69 -4.30 6.89
N ALA A 560 32.61 -5.17 7.89
CA ALA A 560 31.38 -5.87 8.15
C ALA A 560 30.30 -4.91 8.64
N ALA A 561 30.68 -3.91 9.42
CA ALA A 561 29.74 -2.90 9.87
C ALA A 561 29.35 -1.94 8.76
N PHE A 562 30.31 -1.55 7.92
CA PHE A 562 30.00 -0.67 6.79
C PHE A 562 28.97 -1.30 5.87
N ALA A 563 29.14 -2.58 5.54
CA ALA A 563 28.21 -3.27 4.68
C ALA A 563 26.83 -3.40 5.28
N ILE A 564 26.69 -3.17 6.57
CA ILE A 564 25.42 -3.25 7.25
C ILE A 564 24.75 -1.89 7.30
N ILE A 565 25.48 -0.89 7.77
CA ILE A 565 25.01 0.48 7.75
C ILE A 565 24.69 0.90 6.34
N ALA A 566 25.48 0.46 5.37
CA ALA A 566 25.21 0.80 3.97
C ALA A 566 24.00 0.07 3.42
N THR A 567 23.78 -1.17 3.84
CA THR A 567 22.67 -1.96 3.36
C THR A 567 21.35 -1.52 3.97
N LEU A 568 21.38 -1.05 5.21
CA LEU A 568 20.18 -0.60 5.87
C LEU A 568 19.80 0.81 5.45
N LEU A 569 20.79 1.68 5.27
CA LEU A 569 20.52 3.01 4.77
C LEU A 569 20.05 3.03 3.32
N MET A 570 20.34 1.98 2.56
CA MET A 570 19.76 1.80 1.24
C MET A 570 18.44 1.03 1.27
N LEU A 571 17.89 0.78 2.46
CA LEU A 571 16.55 0.23 2.59
C LEU A 571 15.72 0.95 3.62
N ASN A 572 16.19 2.08 4.15
CA ASN A 572 15.29 3.04 4.78
C ASN A 572 14.84 4.08 3.77
N LEU A 573 15.63 4.29 2.72
CA LEU A 573 15.33 5.31 1.71
C LEU A 573 14.43 4.77 0.61
N LEU A 574 14.61 3.51 0.21
CA LEU A 574 13.63 2.86 -0.63
C LEU A 574 12.26 2.97 0.01
N ILE A 575 12.20 2.80 1.32
CA ILE A 575 10.98 2.97 2.08
C ILE A 575 10.58 4.44 2.12
N ALA A 576 11.53 5.33 2.41
CA ALA A 576 11.23 6.75 2.48
C ALA A 576 10.76 7.30 1.14
N MET A 577 11.34 6.84 0.04
CA MET A 577 10.86 7.23 -1.28
C MET A 577 9.52 6.60 -1.62
N MET A 578 9.08 5.60 -0.85
CA MET A 578 7.81 4.92 -1.08
C MET A 578 6.67 5.60 -0.34
N GLY A 579 6.77 5.71 0.98
CA GLY A 579 5.77 6.40 1.77
C GLY A 579 5.56 7.84 1.37
N ASP A 580 6.56 8.46 0.75
CA ASP A 580 6.40 9.76 0.11
C ASP A 580 5.85 9.64 -1.31
N THR A 581 5.35 8.46 -1.70
CA THR A 581 4.78 8.26 -3.04
C THR A 581 3.44 7.54 -3.06
N HIS A 582 3.15 6.65 -2.10
CA HIS A 582 2.00 5.77 -2.20
C HIS A 582 0.94 6.05 -1.15
N TRP A 583 1.29 6.05 0.13
CA TRP A 583 0.44 6.66 1.13
C TRP A 583 0.46 8.18 1.03
N ARG A 584 1.43 8.74 0.33
CA ARG A 584 1.55 10.14 -0.05
C ARG A 584 1.33 10.19 -1.57
N VAL A 585 1.54 11.37 -2.17
CA VAL A 585 1.21 11.69 -3.54
C VAL A 585 1.58 10.62 -4.58
N ALA A 586 0.56 10.14 -5.29
CA ALA A 586 0.73 9.39 -6.52
C ALA A 586 -0.12 9.91 -7.66
N HIS A 587 -1.13 10.75 -7.39
CA HIS A 587 -2.03 11.28 -8.40
C HIS A 587 -1.80 12.74 -8.73
N GLU A 588 -1.34 13.56 -7.78
CA GLU A 588 -1.02 14.95 -8.09
C GLU A 588 0.20 15.05 -9.00
N ARG A 589 0.97 13.97 -9.15
CA ARG A 589 1.95 13.92 -10.23
C ARG A 589 1.26 13.98 -11.59
N ASP A 590 0.12 13.29 -11.72
CA ASP A 590 -0.67 13.42 -12.94
C ASP A 590 -1.26 14.82 -13.04
N GLU A 591 -1.51 15.45 -11.90
CA GLU A 591 -1.87 16.87 -11.89
C GLU A 591 -0.66 17.75 -12.20
N LEU A 592 0.54 17.33 -11.79
CA LEU A 592 1.73 18.12 -12.06
C LEU A 592 2.10 18.11 -13.53
N TRP A 593 1.76 17.03 -14.24
CA TRP A 593 1.98 17.00 -15.69
C TRP A 593 1.25 18.13 -16.37
N ARG A 594 -0.05 18.26 -16.09
CA ARG A 594 -0.86 19.32 -16.70
C ARG A 594 -0.33 20.70 -16.35
N ALA A 595 0.42 20.84 -15.26
CA ALA A 595 1.04 22.12 -14.93
C ALA A 595 2.31 22.37 -15.72
N GLN A 596 2.96 21.33 -16.22
CA GLN A 596 4.14 21.48 -17.05
C GLN A 596 3.78 21.65 -18.51
N ILE A 597 2.67 21.06 -18.92
CA ILE A 597 2.09 21.32 -20.22
C ILE A 597 1.81 22.80 -20.40
N VAL A 598 1.37 23.45 -19.33
CA VAL A 598 1.13 24.89 -19.38
C VAL A 598 2.44 25.64 -19.39
N ALA A 599 3.33 25.33 -18.44
CA ALA A 599 4.58 26.05 -18.32
C ALA A 599 5.41 25.95 -19.58
N THR A 600 5.39 24.77 -20.22
CA THR A 600 5.99 24.64 -21.54
C THR A 600 5.28 25.52 -22.56
N THR A 601 3.96 25.38 -22.65
CA THR A 601 3.17 26.10 -23.64
C THR A 601 3.36 27.61 -23.52
N VAL A 602 3.44 28.13 -22.30
CA VAL A 602 3.61 29.56 -22.10
C VAL A 602 4.97 30.00 -22.62
N MET A 603 6.02 29.23 -22.33
CA MET A 603 7.37 29.64 -22.73
C MET A 603 7.52 29.63 -24.24
N LEU A 604 6.96 28.63 -24.91
CA LEU A 604 7.03 28.58 -26.36
C LEU A 604 6.28 29.75 -26.99
N GLU A 605 5.07 30.01 -26.51
CA GLU A 605 4.29 31.13 -27.02
C GLU A 605 4.98 32.46 -26.74
N ARG A 606 5.80 32.53 -25.71
CA ARG A 606 6.54 33.76 -25.42
C ARG A 606 7.74 33.90 -26.34
N LYS A 607 8.38 32.79 -26.71
CA LYS A 607 9.59 32.83 -27.51
C LYS A 607 9.30 32.78 -29.00
N LEU A 608 8.43 31.86 -29.42
CA LEU A 608 8.11 31.72 -30.82
C LEU A 608 7.31 32.93 -31.29
N PRO A 609 7.37 33.27 -32.59
CA PRO A 609 6.66 34.45 -33.06
C PRO A 609 5.18 34.20 -33.26
N ARG A 610 4.46 35.29 -33.48
CA ARG A 610 3.00 35.24 -33.62
C ARG A 610 2.58 34.47 -34.87
N CYS A 611 3.39 34.51 -35.93
CA CYS A 611 3.00 33.88 -37.18
C CYS A 611 2.87 32.37 -37.01
N LEU A 612 3.79 31.75 -36.27
CA LEU A 612 3.71 30.32 -36.02
C LEU A 612 2.67 29.97 -34.98
N TRP A 613 2.23 30.95 -34.18
CA TRP A 613 1.29 30.73 -33.08
C TRP A 613 -0.02 31.44 -33.39
N PRO A 614 -0.94 30.80 -34.12
CA PRO A 614 -2.29 31.34 -34.19
C PRO A 614 -2.92 31.40 -32.81
N ARG A 615 -3.58 32.51 -32.52
CA ARG A 615 -4.19 32.68 -31.22
C ARG A 615 -5.32 31.67 -31.06
N SER A 616 -5.38 31.04 -29.88
CA SER A 616 -6.39 30.04 -29.63
C SER A 616 -7.75 30.70 -29.42
N GLY A 617 -8.79 29.94 -29.71
CA GLY A 617 -10.13 30.44 -29.64
C GLY A 617 -10.52 31.25 -30.87
N ILE A 618 -11.82 31.29 -31.10
CA ILE A 618 -12.38 31.95 -32.27
C ILE A 618 -12.59 33.42 -31.96
N CYS A 619 -12.50 34.25 -32.99
CA CYS A 619 -12.69 35.67 -32.86
C CYS A 619 -14.16 35.99 -32.60
N GLY A 620 -14.46 37.28 -32.52
CA GLY A 620 -15.82 37.75 -32.33
C GLY A 620 -16.19 38.92 -33.23
N ARG A 621 -15.20 39.52 -33.90
CA ARG A 621 -15.47 40.69 -34.71
C ARG A 621 -16.37 40.35 -35.88
N GLU A 622 -16.12 39.23 -36.55
CA GLU A 622 -16.94 38.77 -37.66
C GLU A 622 -18.11 37.92 -37.21
N TYR A 623 -18.54 38.06 -35.96
CA TYR A 623 -19.72 37.37 -35.45
C TYR A 623 -20.60 38.23 -34.56
N GLY A 624 -20.30 39.51 -34.40
CA GLY A 624 -21.14 40.40 -33.63
C GLY A 624 -20.98 40.31 -32.13
N LEU A 625 -20.10 39.45 -31.63
CA LEU A 625 -19.93 39.27 -30.19
C LEU A 625 -18.99 40.30 -29.58
N GLY A 626 -18.28 41.09 -30.38
CA GLY A 626 -17.35 42.09 -29.89
C GLY A 626 -15.98 41.91 -30.50
N ASP A 627 -14.95 42.16 -29.69
CA ASP A 627 -13.56 41.98 -30.09
C ASP A 627 -12.86 41.06 -29.10
N ARG A 628 -13.61 40.15 -28.49
CA ARG A 628 -13.09 39.18 -27.55
C ARG A 628 -12.84 37.87 -28.27
N TRP A 629 -12.24 36.91 -27.55
CA TRP A 629 -11.72 35.68 -28.13
C TRP A 629 -12.30 34.50 -27.37
N PHE A 630 -13.42 34.01 -27.85
CA PHE A 630 -14.24 33.02 -27.17
C PHE A 630 -13.72 31.61 -27.41
N LEU A 631 -14.21 30.69 -26.59
CA LEU A 631 -14.01 29.26 -26.77
C LEU A 631 -15.34 28.56 -26.60
N ARG A 632 -15.67 27.68 -27.53
CA ARG A 632 -16.90 26.90 -27.49
C ARG A 632 -16.60 25.54 -26.89
N VAL A 633 -17.47 25.10 -25.98
CA VAL A 633 -17.36 23.79 -25.35
C VAL A 633 -18.73 23.14 -25.43
N GLU A 634 -18.78 21.97 -26.05
CA GLU A 634 -20.00 21.20 -26.18
C GLU A 634 -19.90 20.01 -25.24
N ASP A 635 -20.88 19.87 -24.35
CA ASP A 635 -20.81 18.95 -23.24
C ASP A 635 -22.18 18.32 -23.02
N ARG A 636 -22.17 17.12 -22.46
CA ARG A 636 -23.37 16.35 -22.21
C ARG A 636 -23.61 16.27 -20.70
N GLN A 637 -24.79 16.70 -20.26
CA GLN A 637 -25.10 16.84 -18.85
C GLN A 637 -25.05 15.50 -18.12
N ASP A 638 -25.95 14.59 -18.48
CA ASP A 638 -26.07 13.30 -17.82
C ASP A 638 -26.63 12.25 -18.78
N GLU B 27 -9.06 18.58 -35.95
CA GLU B 27 -8.25 19.81 -35.87
C GLU B 27 -8.99 20.99 -36.49
N SER B 28 -9.01 21.03 -37.82
CA SER B 28 -9.73 22.11 -38.51
C SER B 28 -11.22 21.81 -38.62
N TRP B 29 -11.59 20.52 -38.68
CA TRP B 29 -13.01 20.19 -38.77
C TRP B 29 -13.72 20.51 -37.46
N ALA B 30 -13.07 20.23 -36.33
CA ALA B 30 -13.61 20.71 -35.06
C ALA B 30 -13.64 22.23 -35.01
N GLN B 31 -12.63 22.88 -35.58
CA GLN B 31 -12.64 24.33 -35.68
C GLN B 31 -13.73 24.82 -36.63
N SER B 32 -14.13 24.01 -37.61
CA SER B 32 -15.17 24.41 -38.56
C SER B 32 -16.57 24.17 -38.03
N ARG B 33 -16.74 23.26 -37.06
CA ARG B 33 -18.02 23.21 -36.34
C ARG B 33 -18.27 24.52 -35.63
N ASP B 34 -17.29 25.00 -34.87
CA ASP B 34 -17.43 26.19 -34.05
C ASP B 34 -17.77 27.41 -34.88
N GLU B 35 -17.07 27.60 -36.00
CA GLU B 35 -17.34 28.72 -36.88
C GLU B 35 -18.76 28.72 -37.41
N GLN B 36 -19.41 27.57 -37.48
CA GLN B 36 -20.80 27.49 -37.91
C GLN B 36 -21.77 27.71 -36.76
N ASN B 37 -21.46 27.18 -35.58
CA ASN B 37 -22.33 27.37 -34.43
C ASN B 37 -22.40 28.83 -34.03
N LEU B 38 -21.33 29.58 -34.25
CA LEU B 38 -21.34 31.02 -34.02
C LEU B 38 -21.98 31.76 -35.19
N LEU B 39 -21.73 31.30 -36.41
CA LEU B 39 -22.42 31.84 -37.56
C LEU B 39 -23.92 31.56 -37.49
N GLN B 40 -24.29 30.43 -36.89
CA GLN B 40 -25.70 30.13 -36.67
C GLN B 40 -26.34 31.18 -35.78
N GLN B 41 -25.70 31.53 -34.67
CA GLN B 41 -26.23 32.55 -33.78
C GLN B 41 -26.15 33.93 -34.39
N LYS B 42 -25.24 34.13 -35.35
CA LYS B 42 -25.12 35.41 -36.01
C LYS B 42 -26.31 35.69 -36.90
N ARG B 43 -26.64 34.75 -37.78
CA ARG B 43 -27.71 34.95 -38.74
C ARG B 43 -29.09 34.91 -38.11
N ILE B 44 -29.20 34.39 -36.89
CA ILE B 44 -30.42 34.61 -36.11
C ILE B 44 -30.54 36.08 -35.75
N TRP B 45 -29.46 36.68 -35.24
CA TRP B 45 -29.47 38.09 -34.93
C TRP B 45 -29.60 38.95 -36.18
N GLU B 46 -29.05 38.50 -37.30
CA GLU B 46 -29.24 39.18 -38.58
C GLU B 46 -30.50 38.68 -39.29
N SER B 47 -31.61 38.67 -38.57
CA SER B 47 -32.90 38.35 -39.15
C SER B 47 -34.00 38.73 -38.16
N PRO B 48 -35.08 39.42 -38.58
CA PRO B 48 -36.18 39.63 -37.65
C PRO B 48 -37.02 38.39 -37.41
N LEU B 49 -37.06 37.45 -38.36
CA LEU B 49 -37.89 36.27 -38.22
C LEU B 49 -37.23 35.23 -37.31
N LEU B 50 -36.00 34.83 -37.62
CA LEU B 50 -35.31 33.82 -36.84
C LEU B 50 -35.08 34.26 -35.41
N LEU B 51 -35.03 35.57 -35.14
CA LEU B 51 -34.89 36.06 -33.79
C LEU B 51 -36.19 35.90 -33.01
N ALA B 52 -37.30 36.32 -33.61
CA ALA B 52 -38.59 36.25 -32.93
C ALA B 52 -38.93 34.82 -32.53
N ALA B 53 -38.51 33.84 -33.34
CA ALA B 53 -38.69 32.44 -32.97
C ALA B 53 -37.85 32.07 -31.75
N LYS B 54 -36.61 32.56 -31.69
CA LYS B 54 -35.71 32.16 -30.62
C LYS B 54 -36.22 32.59 -29.26
N ASP B 55 -36.87 33.76 -29.19
CA ASP B 55 -37.29 34.36 -27.93
C ASP B 55 -38.80 34.41 -27.76
N ASN B 56 -39.56 33.88 -28.72
CA ASN B 56 -40.99 33.64 -28.53
C ASN B 56 -41.78 34.94 -28.44
N ASP B 57 -41.45 35.89 -29.31
CA ASP B 57 -42.19 37.14 -29.41
C ASP B 57 -43.29 36.96 -30.45
N VAL B 58 -44.41 36.38 -30.02
CA VAL B 58 -45.50 36.11 -30.96
C VAL B 58 -46.12 37.41 -31.47
N GLN B 59 -46.24 38.43 -30.63
CA GLN B 59 -46.88 39.67 -31.04
C GLN B 59 -46.08 40.38 -32.13
N ALA B 60 -44.75 40.30 -32.07
CA ALA B 60 -43.90 40.82 -33.12
C ALA B 60 -43.66 39.84 -34.25
N LEU B 61 -44.17 38.61 -34.13
CA LEU B 61 -44.04 37.60 -35.17
C LEU B 61 -45.23 37.63 -36.12
N ASN B 62 -46.45 37.71 -35.57
CA ASN B 62 -47.63 37.92 -36.40
C ASN B 62 -47.49 39.17 -37.25
N LYS B 63 -46.85 40.21 -36.72
CA LYS B 63 -46.59 41.41 -37.50
C LYS B 63 -45.75 41.11 -38.74
N LEU B 64 -44.78 40.20 -38.62
CA LEU B 64 -43.88 39.89 -39.72
C LEU B 64 -44.51 38.97 -40.75
N LEU B 65 -45.26 37.96 -40.31
CA LEU B 65 -45.85 37.02 -41.25
C LEU B 65 -47.03 37.63 -41.97
N LYS B 66 -47.71 38.59 -41.35
CA LYS B 66 -48.87 39.24 -41.96
C LYS B 66 -48.47 40.35 -42.94
N TYR B 67 -47.28 40.94 -42.74
CA TYR B 67 -46.91 42.13 -43.50
C TYR B 67 -46.80 41.85 -44.98
N GLU B 68 -46.24 40.69 -45.34
CA GLU B 68 -45.88 40.38 -46.70
C GLU B 68 -45.69 38.88 -46.77
N ASP B 69 -45.91 38.31 -47.96
CA ASP B 69 -45.72 36.87 -48.11
C ASP B 69 -44.22 36.59 -48.08
N CYS B 70 -43.65 36.66 -46.88
CA CYS B 70 -42.22 36.87 -46.71
C CYS B 70 -41.44 35.64 -47.16
N LYS B 71 -40.11 35.77 -47.11
CA LYS B 71 -39.22 34.61 -47.17
C LYS B 71 -39.37 33.88 -45.84
N VAL B 72 -40.25 32.88 -45.83
CA VAL B 72 -40.33 31.94 -44.72
C VAL B 72 -39.31 30.83 -44.85
N HIS B 73 -38.69 30.68 -46.02
CA HIS B 73 -37.62 29.72 -46.25
C HIS B 73 -36.25 30.31 -45.94
N GLN B 74 -36.17 31.29 -45.05
CA GLN B 74 -34.88 31.77 -44.58
C GLN B 74 -34.14 30.64 -43.89
N ARG B 75 -32.95 30.33 -44.39
CA ARG B 75 -32.12 29.24 -43.87
C ARG B 75 -30.83 29.83 -43.32
N GLY B 76 -30.61 29.62 -42.02
CA GLY B 76 -29.41 30.10 -41.38
C GLY B 76 -28.18 29.33 -41.78
N ALA B 77 -27.20 29.26 -40.88
CA ALA B 77 -25.93 28.64 -41.21
C ALA B 77 -26.08 27.13 -41.41
N MET B 78 -26.78 26.47 -40.50
CA MET B 78 -26.99 25.03 -40.59
C MET B 78 -28.10 24.64 -41.54
N GLY B 79 -28.68 25.59 -42.27
CA GLY B 79 -29.71 25.27 -43.23
C GLY B 79 -31.10 25.20 -42.64
N GLU B 80 -31.32 25.81 -41.49
CA GLU B 80 -32.53 25.60 -40.71
C GLU B 80 -33.50 26.77 -40.88
N THR B 81 -34.77 26.42 -40.92
CA THR B 81 -35.85 27.38 -41.02
C THR B 81 -36.27 27.83 -39.64
N ALA B 82 -37.24 28.73 -39.58
CA ALA B 82 -37.71 29.27 -38.30
C ALA B 82 -38.31 28.21 -37.40
N LEU B 83 -38.81 27.11 -37.98
CA LEU B 83 -39.47 26.09 -37.19
C LEU B 83 -38.49 25.27 -36.38
N HIS B 84 -37.33 24.97 -36.95
CA HIS B 84 -36.27 24.31 -36.21
C HIS B 84 -35.89 25.10 -34.96
N ILE B 85 -35.81 26.42 -35.10
CA ILE B 85 -35.32 27.26 -34.02
C ILE B 85 -36.36 27.43 -32.94
N ALA B 86 -37.63 27.54 -33.32
CA ALA B 86 -38.70 27.53 -32.32
C ALA B 86 -38.71 26.23 -31.54
N ALA B 87 -38.38 25.12 -32.20
CA ALA B 87 -38.34 23.82 -31.57
C ALA B 87 -37.03 23.56 -30.84
N LEU B 88 -35.94 24.19 -31.28
CA LEU B 88 -34.65 23.98 -30.64
C LEU B 88 -34.57 24.65 -29.28
N TYR B 89 -35.32 25.74 -29.09
CA TYR B 89 -35.32 26.48 -27.83
C TYR B 89 -36.61 26.31 -27.04
N ASP B 90 -37.40 25.27 -27.36
CA ASP B 90 -38.61 24.94 -26.63
C ASP B 90 -39.61 26.09 -26.67
N ASN B 91 -39.72 26.73 -27.82
CA ASN B 91 -40.67 27.82 -28.03
C ASN B 91 -41.90 27.24 -28.71
N LEU B 92 -42.82 26.74 -27.89
CA LEU B 92 -44.06 26.15 -28.39
C LEU B 92 -44.91 27.19 -29.11
N GLU B 93 -45.01 28.39 -28.54
CA GLU B 93 -45.96 29.38 -29.05
C GLU B 93 -45.50 29.94 -30.39
N ALA B 94 -44.19 30.09 -30.58
CA ALA B 94 -43.69 30.54 -31.87
C ALA B 94 -43.91 29.49 -32.94
N ALA B 95 -43.68 28.22 -32.61
CA ALA B 95 -43.71 27.16 -33.62
C ALA B 95 -45.09 27.00 -34.24
N MET B 96 -46.15 27.22 -33.46
CA MET B 96 -47.49 27.12 -34.03
C MET B 96 -47.72 28.17 -35.10
N VAL B 97 -47.24 29.39 -34.87
CA VAL B 97 -47.48 30.49 -35.80
C VAL B 97 -46.84 30.19 -37.15
N LEU B 98 -45.63 29.61 -37.13
CA LEU B 98 -44.99 29.22 -38.38
C LEU B 98 -45.80 28.14 -39.09
N MET B 99 -46.39 27.21 -38.34
CA MET B 99 -47.16 26.14 -38.95
C MET B 99 -48.52 26.64 -39.42
N GLU B 100 -49.07 27.66 -38.76
CA GLU B 100 -50.33 28.25 -39.22
C GLU B 100 -50.12 29.09 -40.46
N ALA B 101 -49.08 29.92 -40.46
CA ALA B 101 -48.81 30.79 -41.61
C ALA B 101 -48.53 29.98 -42.86
N ALA B 102 -47.44 29.21 -42.85
CA ALA B 102 -47.04 28.37 -43.96
C ALA B 102 -46.95 26.94 -43.46
N PRO B 103 -47.88 26.04 -43.82
CA PRO B 103 -47.73 24.64 -43.40
C PRO B 103 -46.57 23.90 -44.07
N GLU B 104 -45.89 24.51 -45.04
CA GLU B 104 -44.81 23.83 -45.74
C GLU B 104 -43.55 23.67 -44.90
N LEU B 105 -43.50 24.23 -43.69
CA LEU B 105 -42.25 24.23 -42.93
C LEU B 105 -41.97 22.88 -42.27
N VAL B 106 -43.02 22.17 -41.86
CA VAL B 106 -42.85 20.88 -41.19
C VAL B 106 -42.10 19.87 -42.05
N PHE B 107 -42.25 19.96 -43.37
CA PHE B 107 -41.60 19.04 -44.30
C PHE B 107 -40.17 19.44 -44.64
N GLU B 108 -39.63 20.49 -44.01
CA GLU B 108 -38.36 21.04 -44.42
C GLU B 108 -37.24 20.49 -43.54
N PRO B 109 -36.31 19.71 -44.06
CA PRO B 109 -35.15 19.33 -43.27
C PRO B 109 -34.05 20.38 -43.33
N MET B 110 -33.12 20.26 -42.40
CA MET B 110 -31.88 21.03 -42.50
C MET B 110 -31.06 20.53 -43.67
N THR B 111 -30.35 21.45 -44.31
CA THR B 111 -29.66 21.19 -45.56
C THR B 111 -28.14 21.15 -45.41
N SER B 112 -27.61 21.56 -44.27
CA SER B 112 -26.17 21.57 -44.08
C SER B 112 -25.63 20.15 -43.97
N GLU B 113 -24.36 20.02 -44.32
CA GLU B 113 -23.68 18.74 -44.21
C GLU B 113 -23.63 18.22 -42.77
N LEU B 114 -23.78 19.10 -41.79
CA LEU B 114 -23.58 18.71 -40.40
C LEU B 114 -24.83 18.12 -39.79
N TYR B 115 -25.95 18.80 -39.95
CA TYR B 115 -27.24 18.40 -39.40
C TYR B 115 -28.21 17.99 -40.51
N GLU B 116 -27.67 17.35 -41.55
CA GLU B 116 -28.45 17.03 -42.74
C GLU B 116 -29.65 16.16 -42.41
N GLY B 117 -30.77 16.45 -43.10
CA GLY B 117 -31.97 15.66 -42.99
C GLY B 117 -32.83 15.97 -41.79
N GLN B 118 -32.26 16.55 -40.75
CA GLN B 118 -33.00 16.78 -39.51
C GLN B 118 -34.15 17.74 -39.73
N THR B 119 -35.30 17.41 -39.19
CA THR B 119 -36.52 18.17 -39.30
C THR B 119 -36.85 18.80 -37.96
N ALA B 120 -38.00 19.46 -37.90
CA ALA B 120 -38.49 19.97 -36.62
C ALA B 120 -38.99 18.84 -35.73
N LEU B 121 -39.36 17.71 -36.30
CA LEU B 121 -39.89 16.62 -35.51
C LEU B 121 -38.80 15.96 -34.69
N HIS B 122 -37.66 15.68 -35.31
CA HIS B 122 -36.51 15.16 -34.59
C HIS B 122 -36.15 16.03 -33.40
N ILE B 123 -36.28 17.35 -33.54
CA ILE B 123 -35.84 18.25 -32.48
C ILE B 123 -36.80 18.21 -31.30
N ALA B 124 -38.10 18.28 -31.57
CA ALA B 124 -39.08 18.29 -30.49
C ALA B 124 -39.03 17.00 -29.68
N VAL B 125 -38.72 15.89 -30.33
CA VAL B 125 -38.59 14.62 -29.63
C VAL B 125 -37.45 14.68 -28.63
N VAL B 126 -36.29 15.19 -29.05
CA VAL B 126 -35.11 15.19 -28.20
C VAL B 126 -35.31 16.12 -27.01
N ASN B 127 -35.94 17.27 -27.24
CA ASN B 127 -36.27 18.18 -26.17
C ASN B 127 -37.51 17.78 -25.38
N GLN B 128 -38.17 16.68 -25.77
CA GLN B 128 -39.29 16.13 -25.02
C GLN B 128 -40.47 17.11 -24.94
N ASN B 129 -40.61 17.99 -25.92
CA ASN B 129 -41.71 18.94 -25.92
C ASN B 129 -42.96 18.18 -26.35
N MET B 130 -43.71 17.70 -25.37
CA MET B 130 -44.82 16.78 -25.66
C MET B 130 -45.93 17.47 -26.42
N ASN B 131 -46.21 18.73 -26.11
CA ASN B 131 -47.32 19.44 -26.76
C ASN B 131 -46.96 19.93 -28.15
N LEU B 132 -45.67 20.12 -28.44
CA LEU B 132 -45.26 20.54 -29.76
C LEU B 132 -45.21 19.35 -30.72
N VAL B 133 -44.73 18.20 -30.25
CA VAL B 133 -44.59 17.05 -31.12
C VAL B 133 -45.96 16.56 -31.58
N ARG B 134 -46.97 16.60 -30.71
CA ARG B 134 -48.32 16.24 -31.13
C ARG B 134 -48.80 17.09 -32.29
N ALA B 135 -48.38 18.35 -32.34
CA ALA B 135 -48.84 19.23 -33.41
C ALA B 135 -48.23 18.86 -34.74
N LEU B 136 -46.92 18.60 -34.77
CA LEU B 136 -46.26 18.29 -36.04
C LEU B 136 -46.76 16.98 -36.62
N LEU B 137 -47.17 16.03 -35.77
CA LEU B 137 -47.84 14.84 -36.28
C LEU B 137 -49.22 15.19 -36.79
N ALA B 138 -49.95 16.06 -36.09
CA ALA B 138 -51.21 16.57 -36.61
C ALA B 138 -51.02 17.32 -37.92
N ARG B 139 -49.83 17.88 -38.14
CA ARG B 139 -49.45 18.44 -39.44
C ARG B 139 -48.73 17.39 -40.30
N ARG B 140 -49.10 16.12 -40.14
CA ARG B 140 -48.74 15.01 -41.03
C ARG B 140 -47.24 14.98 -41.35
N ALA B 141 -46.43 15.31 -40.34
CA ALA B 141 -44.98 15.26 -40.49
C ALA B 141 -44.48 13.83 -40.63
N SER B 142 -43.47 13.65 -41.46
CA SER B 142 -42.92 12.31 -41.71
C SER B 142 -42.18 11.81 -40.49
N VAL B 143 -42.49 10.57 -40.09
CA VAL B 143 -41.81 9.90 -39.00
C VAL B 143 -40.73 8.96 -39.54
N SER B 144 -40.50 8.98 -40.85
CA SER B 144 -39.48 8.17 -41.50
C SER B 144 -38.31 9.01 -41.98
N ALA B 145 -38.20 10.25 -41.53
CA ALA B 145 -37.15 11.13 -42.01
C ALA B 145 -35.82 10.77 -41.37
N ARG B 146 -34.78 10.72 -42.19
CA ARG B 146 -33.51 10.13 -41.82
C ARG B 146 -32.46 11.21 -41.60
N ALA B 147 -32.16 11.49 -40.34
CA ALA B 147 -31.15 12.49 -39.98
C ALA B 147 -29.78 11.92 -40.29
N THR B 148 -29.29 12.22 -41.49
CA THR B 148 -28.07 11.66 -42.03
C THR B 148 -26.82 12.45 -41.66
N GLY B 149 -26.98 13.65 -41.09
CA GLY B 149 -25.86 14.55 -40.92
C GLY B 149 -24.76 13.98 -40.05
N THR B 150 -23.57 14.58 -40.22
CA THR B 150 -22.37 14.12 -39.55
C THR B 150 -22.46 14.24 -38.04
N ALA B 151 -23.30 15.13 -37.53
CA ALA B 151 -23.41 15.33 -36.09
C ALA B 151 -24.13 14.19 -35.40
N PHE B 152 -24.77 13.29 -36.15
CA PHE B 152 -25.52 12.18 -35.58
C PHE B 152 -24.84 10.83 -35.74
N ARG B 153 -23.89 10.72 -36.65
CA ARG B 153 -23.20 9.46 -36.85
C ARG B 153 -22.41 9.07 -35.61
N ARG B 154 -22.14 7.78 -35.49
CA ARG B 154 -21.38 7.29 -34.37
C ARG B 154 -19.92 7.67 -34.55
N SER B 155 -19.38 8.39 -33.58
CA SER B 155 -18.02 8.87 -33.67
C SER B 155 -17.61 9.47 -32.34
N PRO B 156 -16.33 9.41 -31.96
CA PRO B 156 -15.89 10.10 -30.75
C PRO B 156 -15.96 11.61 -30.85
N CYS B 157 -16.04 12.15 -32.06
CA CYS B 157 -16.24 13.58 -32.26
C CYS B 157 -17.63 14.04 -31.85
N ASN B 158 -18.59 13.12 -31.72
CA ASN B 158 -19.95 13.44 -31.32
C ASN B 158 -20.22 12.88 -29.93
N LEU B 159 -20.90 13.67 -29.12
CA LEU B 159 -21.21 13.29 -27.75
C LEU B 159 -22.45 12.41 -27.64
N ILE B 160 -23.18 12.21 -28.74
CA ILE B 160 -24.43 11.47 -28.75
C ILE B 160 -24.48 10.61 -29.99
N TYR B 161 -25.03 9.40 -29.85
CA TYR B 161 -25.44 8.56 -30.97
C TYR B 161 -26.88 8.16 -30.68
N PHE B 162 -27.81 8.98 -31.12
CA PHE B 162 -29.24 8.72 -30.95
C PHE B 162 -29.85 8.02 -32.16
N GLY B 163 -29.07 7.78 -33.20
CA GLY B 163 -29.56 7.08 -34.36
C GLY B 163 -29.82 7.98 -35.54
N GLU B 164 -30.87 7.68 -36.29
CA GLU B 164 -31.16 8.38 -37.52
C GLU B 164 -32.64 8.65 -37.75
N HIS B 165 -33.53 8.18 -36.90
CA HIS B 165 -34.97 8.30 -37.07
C HIS B 165 -35.58 8.95 -35.85
N PRO B 166 -36.82 9.44 -35.94
CA PRO B 166 -37.43 10.08 -34.76
C PRO B 166 -37.61 9.14 -33.60
N LEU B 167 -37.97 7.89 -33.85
CA LEU B 167 -38.15 6.92 -32.78
C LEU B 167 -36.84 6.61 -32.09
N SER B 168 -35.77 6.47 -32.86
CA SER B 168 -34.46 6.23 -32.27
C SER B 168 -34.01 7.40 -31.41
N PHE B 169 -34.48 8.62 -31.73
CA PHE B 169 -34.20 9.77 -30.88
C PHE B 169 -35.06 9.75 -29.63
N ALA B 170 -36.34 9.39 -29.77
CA ALA B 170 -37.24 9.31 -28.62
C ALA B 170 -36.76 8.27 -27.62
N ALA B 171 -36.32 7.12 -28.11
CA ALA B 171 -35.99 6.01 -27.24
C ALA B 171 -34.74 6.25 -26.43
N CYS B 172 -33.83 7.10 -26.91
CA CYS B 172 -32.56 7.32 -26.25
C CYS B 172 -32.61 8.47 -25.25
N VAL B 173 -33.61 9.34 -25.36
CA VAL B 173 -33.90 10.32 -24.31
C VAL B 173 -34.84 9.78 -23.25
N ASN B 174 -35.32 8.54 -23.39
CA ASN B 174 -36.24 7.92 -22.44
C ASN B 174 -37.53 8.71 -22.31
N SER B 175 -38.28 8.74 -23.40
CA SER B 175 -39.65 9.28 -23.41
C SER B 175 -40.58 8.15 -23.81
N GLU B 176 -41.09 7.42 -22.82
CA GLU B 176 -42.04 6.36 -23.09
C GLU B 176 -43.26 6.88 -23.83
N GLU B 177 -43.66 8.11 -23.55
CA GLU B 177 -44.87 8.66 -24.14
C GLU B 177 -44.68 8.92 -25.63
N ILE B 178 -43.59 9.57 -26.01
CA ILE B 178 -43.38 9.90 -27.42
C ILE B 178 -43.05 8.64 -28.22
N VAL B 179 -42.39 7.65 -27.62
CA VAL B 179 -42.07 6.43 -28.35
C VAL B 179 -43.34 5.70 -28.72
N ARG B 180 -44.29 5.63 -27.79
CA ARG B 180 -45.61 5.12 -28.14
C ARG B 180 -46.26 5.98 -29.21
N LEU B 181 -46.30 7.30 -28.98
CA LEU B 181 -47.05 8.21 -29.85
C LEU B 181 -46.59 8.15 -31.29
N LEU B 182 -45.32 7.88 -31.52
CA LEU B 182 -44.83 7.74 -32.89
C LEU B 182 -45.25 6.43 -33.53
N ILE B 183 -45.63 5.43 -32.72
CA ILE B 183 -45.96 4.12 -33.28
C ILE B 183 -47.40 4.10 -33.79
N GLU B 184 -48.31 4.85 -33.17
CA GLU B 184 -49.65 4.97 -33.75
C GLU B 184 -49.63 5.66 -35.10
N HIS B 185 -48.62 6.48 -35.38
CA HIS B 185 -48.53 7.23 -36.61
C HIS B 185 -47.68 6.55 -37.67
N GLY B 186 -47.26 5.30 -37.42
CA GLY B 186 -46.60 4.51 -38.44
C GLY B 186 -45.09 4.60 -38.45
N ALA B 187 -44.48 4.44 -37.28
CA ALA B 187 -43.03 4.44 -37.14
C ALA B 187 -42.52 3.02 -37.23
N ASP B 188 -41.83 2.70 -38.33
CA ASP B 188 -41.26 1.37 -38.51
C ASP B 188 -40.16 1.13 -37.50
N ILE B 189 -40.37 0.17 -36.61
CA ILE B 189 -39.35 -0.16 -35.61
C ILE B 189 -38.15 -0.83 -36.28
N ARG B 190 -38.36 -1.46 -37.44
CA ARG B 190 -37.31 -2.17 -38.14
C ARG B 190 -36.43 -1.28 -38.99
N ALA B 191 -36.55 0.04 -38.84
CA ALA B 191 -35.75 0.95 -39.62
C ALA B 191 -34.33 0.99 -39.07
N GLN B 192 -33.36 0.93 -39.96
CA GLN B 192 -31.95 0.83 -39.62
C GLN B 192 -31.21 2.09 -40.02
N ASP B 193 -30.05 2.28 -39.39
CA ASP B 193 -29.18 3.41 -39.67
C ASP B 193 -28.35 3.11 -40.90
N SER B 194 -27.37 3.96 -41.18
CA SER B 194 -26.36 3.64 -42.17
C SER B 194 -25.49 2.48 -41.73
N LEU B 195 -25.33 2.30 -40.43
CA LEU B 195 -24.56 1.18 -39.88
C LEU B 195 -25.40 -0.08 -39.69
N GLY B 196 -26.68 -0.05 -40.05
CA GLY B 196 -27.54 -1.19 -39.90
C GLY B 196 -28.21 -1.31 -38.55
N ASN B 197 -27.80 -0.51 -37.58
CA ASN B 197 -28.34 -0.60 -36.23
C ASN B 197 -29.79 -0.12 -36.19
N THR B 198 -30.70 -1.04 -35.94
CA THR B 198 -32.06 -0.68 -35.60
C THR B 198 -32.08 -0.13 -34.18
N VAL B 199 -33.27 0.30 -33.73
CA VAL B 199 -33.37 0.97 -32.44
C VAL B 199 -32.97 0.06 -31.28
N LEU B 200 -32.98 -1.25 -31.48
CA LEU B 200 -32.62 -2.18 -30.41
C LEU B 200 -31.12 -2.20 -30.18
N HIS B 201 -30.32 -1.97 -31.22
CA HIS B 201 -28.87 -1.89 -31.06
C HIS B 201 -28.46 -0.61 -30.36
N ILE B 202 -29.16 0.48 -30.66
CA ILE B 202 -28.74 1.80 -30.19
C ILE B 202 -28.84 1.88 -28.68
N LEU B 203 -29.95 1.42 -28.11
CA LEU B 203 -30.17 1.47 -26.67
C LEU B 203 -29.08 0.77 -25.88
N ILE B 204 -28.37 -0.16 -26.52
CA ILE B 204 -27.23 -0.81 -25.90
C ILE B 204 -26.02 0.11 -25.91
N LEU B 205 -25.95 1.03 -26.87
CA LEU B 205 -24.81 1.91 -27.03
C LEU B 205 -24.90 3.19 -26.22
N GLN B 206 -25.88 3.32 -25.36
CA GLN B 206 -26.08 4.53 -24.61
C GLN B 206 -25.37 4.46 -23.27
N PRO B 207 -25.05 5.61 -22.66
CA PRO B 207 -24.34 5.58 -21.38
C PRO B 207 -25.22 5.23 -20.19
N ASN B 208 -26.51 5.51 -20.26
CA ASN B 208 -27.44 5.26 -19.15
C ASN B 208 -28.10 3.92 -19.37
N LYS B 209 -27.71 2.94 -18.55
CA LYS B 209 -28.13 1.56 -18.73
C LYS B 209 -29.52 1.32 -18.16
N THR B 210 -29.80 1.86 -16.97
CA THR B 210 -31.04 1.54 -16.26
C THR B 210 -32.27 1.99 -17.01
N PHE B 211 -32.23 3.17 -17.63
CA PHE B 211 -33.33 3.62 -18.47
C PHE B 211 -33.40 2.91 -19.80
N ALA B 212 -32.35 2.15 -20.17
CA ALA B 212 -32.31 1.52 -21.48
C ALA B 212 -32.91 0.12 -21.46
N CYS B 213 -32.87 -0.56 -20.31
CA CYS B 213 -33.48 -1.87 -20.21
C CYS B 213 -35.00 -1.80 -20.26
N GLN B 214 -35.58 -0.73 -19.70
CA GLN B 214 -37.02 -0.57 -19.70
C GLN B 214 -37.55 -0.24 -21.09
N MET B 215 -36.76 0.46 -21.89
CA MET B 215 -37.16 0.76 -23.25
C MET B 215 -36.95 -0.43 -24.17
N TYR B 216 -35.97 -1.27 -23.87
CA TYR B 216 -35.79 -2.51 -24.59
C TYR B 216 -37.04 -3.37 -24.52
N ASN B 217 -37.62 -3.49 -23.33
CA ASN B 217 -38.84 -4.27 -23.17
C ASN B 217 -40.00 -3.65 -23.91
N LEU B 218 -40.14 -2.32 -23.83
CA LEU B 218 -41.30 -1.65 -24.41
C LEU B 218 -41.33 -1.79 -25.92
N LEU B 219 -40.17 -1.75 -26.57
CA LEU B 219 -40.15 -1.69 -28.02
C LEU B 219 -40.38 -3.06 -28.65
N LEU B 220 -40.05 -4.13 -27.94
CA LEU B 220 -40.36 -5.47 -28.44
C LEU B 220 -41.84 -5.78 -28.29
N SER B 221 -42.49 -5.21 -27.27
CA SER B 221 -43.92 -5.36 -27.10
C SER B 221 -44.69 -4.92 -28.34
N TYR B 222 -44.17 -3.93 -29.07
CA TYR B 222 -44.77 -3.48 -30.32
C TYR B 222 -44.27 -4.28 -31.52
N ASP B 223 -43.69 -5.46 -31.30
CA ASP B 223 -43.36 -6.42 -32.35
C ASP B 223 -44.40 -7.55 -32.38
N ARG B 224 -45.68 -7.18 -32.30
CA ARG B 224 -46.75 -8.15 -32.01
C ARG B 224 -46.98 -9.12 -33.15
N HIS B 225 -47.01 -8.64 -34.39
CA HIS B 225 -47.59 -9.40 -35.49
C HIS B 225 -46.67 -10.56 -35.87
N GLY B 226 -47.25 -11.75 -35.97
CA GLY B 226 -46.49 -12.97 -36.05
C GLY B 226 -45.64 -13.14 -37.30
N ASP B 227 -45.90 -12.34 -38.34
CA ASP B 227 -45.23 -12.51 -39.63
C ASP B 227 -44.18 -11.41 -39.75
N HIS B 228 -42.97 -11.72 -39.27
CA HIS B 228 -41.90 -10.73 -39.19
C HIS B 228 -40.56 -11.14 -39.80
N LEU B 229 -40.30 -12.44 -40.03
CA LEU B 229 -39.12 -12.82 -40.81
C LEU B 229 -37.81 -12.34 -40.17
N GLN B 230 -37.34 -13.04 -39.13
CA GLN B 230 -36.26 -12.64 -38.22
C GLN B 230 -36.69 -11.51 -37.31
N PRO B 231 -37.47 -11.80 -36.25
CA PRO B 231 -37.86 -10.77 -35.28
C PRO B 231 -36.72 -9.89 -34.80
N LEU B 232 -37.10 -8.74 -34.21
CA LEU B 232 -36.21 -7.59 -34.09
C LEU B 232 -34.88 -7.94 -33.43
N ASP B 233 -34.92 -8.61 -32.30
CA ASP B 233 -33.70 -8.91 -31.55
C ASP B 233 -32.85 -10.00 -32.19
N LEU B 234 -33.21 -10.47 -33.39
CA LEU B 234 -32.34 -11.29 -34.22
C LEU B 234 -31.96 -10.60 -35.53
N VAL B 235 -32.23 -9.29 -35.64
CA VAL B 235 -31.85 -8.52 -36.82
C VAL B 235 -30.42 -8.03 -36.61
N PRO B 236 -29.47 -8.42 -37.46
CA PRO B 236 -28.10 -7.91 -37.30
C PRO B 236 -27.87 -6.59 -38.01
N ASN B 237 -26.79 -5.94 -37.59
CA ASN B 237 -26.32 -4.73 -38.24
C ASN B 237 -25.38 -5.10 -39.38
N HIS B 238 -24.67 -4.11 -39.92
CA HIS B 238 -23.77 -4.35 -41.05
C HIS B 238 -22.46 -4.98 -40.63
N GLN B 239 -22.28 -5.29 -39.35
CA GLN B 239 -21.21 -6.16 -38.89
C GLN B 239 -21.71 -7.56 -38.55
N GLY B 240 -22.97 -7.85 -38.80
CA GLY B 240 -23.54 -9.14 -38.45
C GLY B 240 -23.97 -9.30 -37.02
N LEU B 241 -23.66 -8.35 -36.15
CA LEU B 241 -23.93 -8.48 -34.73
C LEU B 241 -25.40 -8.22 -34.44
N THR B 242 -25.99 -9.10 -33.64
CA THR B 242 -27.32 -8.89 -33.10
C THR B 242 -27.21 -8.03 -31.85
N PRO B 243 -28.34 -7.59 -31.28
CA PRO B 243 -28.25 -6.83 -30.04
C PRO B 243 -27.63 -7.60 -28.90
N PHE B 244 -27.81 -8.92 -28.88
CA PHE B 244 -27.21 -9.73 -27.83
C PHE B 244 -25.69 -9.71 -27.95
N LYS B 245 -25.17 -9.98 -29.14
CA LYS B 245 -23.73 -9.98 -29.32
C LYS B 245 -23.15 -8.59 -29.23
N LEU B 246 -23.91 -7.55 -29.59
CA LEU B 246 -23.42 -6.19 -29.46
C LEU B 246 -23.28 -5.80 -28.00
N ALA B 247 -24.13 -6.34 -27.14
CA ALA B 247 -24.05 -6.02 -25.72
C ALA B 247 -22.75 -6.51 -25.10
N GLY B 248 -22.20 -7.60 -25.62
CA GLY B 248 -20.97 -8.14 -25.09
C GLY B 248 -19.74 -7.43 -25.59
N VAL B 249 -19.77 -7.07 -26.87
CA VAL B 249 -18.65 -6.36 -27.48
C VAL B 249 -18.46 -5.01 -26.81
N GLU B 250 -19.55 -4.37 -26.43
CA GLU B 250 -19.50 -3.05 -25.84
C GLU B 250 -19.38 -3.08 -24.32
N GLY B 251 -19.46 -4.25 -23.70
CA GLY B 251 -19.28 -4.34 -22.28
C GLY B 251 -20.48 -3.92 -21.47
N ASN B 252 -21.67 -4.00 -22.05
CA ASN B 252 -22.88 -3.60 -21.35
C ASN B 252 -23.36 -4.81 -20.55
N THR B 253 -22.81 -4.95 -19.34
CA THR B 253 -23.14 -6.07 -18.49
C THR B 253 -24.61 -6.05 -18.09
N VAL B 254 -25.18 -4.87 -17.96
CA VAL B 254 -26.56 -4.72 -17.51
C VAL B 254 -27.51 -5.37 -18.51
N MET B 255 -27.32 -5.05 -19.79
CA MET B 255 -28.18 -5.54 -20.85
C MET B 255 -27.84 -6.95 -21.26
N PHE B 256 -26.58 -7.36 -21.14
CA PHE B 256 -26.26 -8.75 -21.42
C PHE B 256 -27.05 -9.67 -20.49
N GLN B 257 -27.09 -9.35 -19.20
CA GLN B 257 -27.94 -10.08 -18.28
C GLN B 257 -29.39 -10.00 -18.69
N HIS B 258 -29.88 -8.80 -18.99
CA HIS B 258 -31.30 -8.62 -19.26
C HIS B 258 -31.74 -9.35 -20.51
N LEU B 259 -30.87 -9.40 -21.51
CA LEU B 259 -31.17 -10.13 -22.73
C LEU B 259 -30.97 -11.63 -22.60
N MET B 260 -30.53 -12.10 -21.43
CA MET B 260 -30.18 -13.49 -21.24
C MET B 260 -31.33 -14.29 -20.65
N GLN B 261 -32.27 -13.65 -19.95
CA GLN B 261 -33.45 -14.34 -19.44
C GLN B 261 -34.34 -14.86 -20.56
N LYS B 262 -34.20 -14.33 -21.77
CA LYS B 262 -34.88 -14.91 -22.93
C LYS B 262 -34.31 -16.27 -23.29
N ARG B 263 -33.09 -16.58 -22.85
CA ARG B 263 -32.41 -17.81 -23.18
C ARG B 263 -32.43 -18.84 -22.06
N LYS B 264 -32.60 -18.42 -20.82
CA LYS B 264 -32.76 -19.32 -19.70
C LYS B 264 -34.00 -20.19 -19.85
N HIS B 265 -33.97 -21.34 -19.18
CA HIS B 265 -35.15 -22.16 -19.00
C HIS B 265 -35.00 -22.90 -17.68
N THR B 266 -35.57 -22.34 -16.63
CA THR B 266 -35.56 -22.95 -15.30
C THR B 266 -36.26 -24.31 -15.36
N GLN B 267 -35.51 -25.38 -15.12
CA GLN B 267 -36.10 -26.72 -15.15
C GLN B 267 -36.88 -27.01 -13.88
N TRP B 268 -36.20 -27.02 -12.75
CA TRP B 268 -36.79 -27.43 -11.49
C TRP B 268 -36.18 -26.62 -10.36
N THR B 269 -36.95 -26.52 -9.28
CA THR B 269 -36.55 -25.75 -8.10
C THR B 269 -36.90 -26.58 -6.88
N TYR B 270 -35.88 -26.98 -6.13
CA TYR B 270 -35.99 -27.88 -4.99
C TYR B 270 -35.45 -27.12 -3.78
N GLY B 271 -36.29 -26.29 -3.19
CA GLY B 271 -35.90 -25.45 -2.09
C GLY B 271 -34.89 -24.42 -2.53
N PRO B 272 -33.67 -24.43 -2.00
CA PRO B 272 -32.68 -23.43 -2.40
C PRO B 272 -31.99 -23.72 -3.72
N LEU B 273 -32.29 -24.83 -4.37
CA LEU B 273 -31.63 -25.21 -5.61
C LEU B 273 -32.43 -24.75 -6.82
N THR B 274 -31.70 -24.49 -7.90
CA THR B 274 -32.28 -24.12 -9.17
C THR B 274 -31.42 -24.74 -10.26
N SER B 275 -32.06 -25.26 -11.29
CA SER B 275 -31.39 -25.88 -12.44
C SER B 275 -31.83 -25.18 -13.71
N THR B 276 -31.08 -24.15 -14.10
CA THR B 276 -31.35 -23.41 -15.31
C THR B 276 -30.64 -24.06 -16.48
N LEU B 277 -31.18 -23.83 -17.68
CA LEU B 277 -30.69 -24.46 -18.90
C LEU B 277 -30.43 -23.36 -19.92
N TYR B 278 -29.20 -22.87 -19.97
CA TYR B 278 -28.81 -21.81 -20.88
C TYR B 278 -28.67 -22.37 -22.30
N ASP B 279 -28.63 -21.46 -23.28
CA ASP B 279 -28.83 -21.83 -24.68
C ASP B 279 -27.52 -21.93 -25.48
N LEU B 280 -26.64 -20.93 -25.35
CA LEU B 280 -25.28 -21.02 -25.88
C LEU B 280 -25.20 -21.04 -27.41
N THR B 281 -26.30 -20.78 -28.10
CA THR B 281 -26.27 -20.76 -29.55
C THR B 281 -25.46 -19.62 -30.14
N GLU B 282 -25.43 -18.46 -29.48
CA GLU B 282 -24.63 -17.32 -29.93
C GLU B 282 -23.36 -17.12 -29.12
N ILE B 283 -23.08 -17.99 -28.15
CA ILE B 283 -21.95 -17.82 -27.25
C ILE B 283 -20.86 -18.81 -27.63
N ASP B 284 -21.26 -20.00 -28.03
CA ASP B 284 -20.32 -21.07 -28.34
C ASP B 284 -19.97 -21.06 -29.82
N SER B 285 -18.76 -21.51 -30.11
CA SER B 285 -18.23 -21.52 -31.48
C SER B 285 -18.95 -22.58 -32.29
N SER B 286 -19.94 -22.16 -33.09
CA SER B 286 -20.58 -23.08 -34.02
C SER B 286 -19.64 -23.43 -35.17
N GLY B 287 -19.19 -22.41 -35.91
CA GLY B 287 -18.24 -22.58 -37.00
C GLY B 287 -18.58 -21.82 -38.26
N ASP B 288 -19.69 -21.07 -38.26
CA ASP B 288 -20.12 -20.29 -39.43
C ASP B 288 -19.79 -18.81 -39.29
N GLU B 289 -20.10 -18.22 -38.14
CA GLU B 289 -19.78 -16.83 -37.84
C GLU B 289 -19.08 -16.79 -36.49
N GLN B 290 -18.28 -15.74 -36.28
CA GLN B 290 -17.51 -15.63 -35.06
C GLN B 290 -18.43 -15.51 -33.85
N SER B 291 -18.28 -16.44 -32.91
CA SER B 291 -19.12 -16.47 -31.73
C SER B 291 -18.70 -15.39 -30.74
N LEU B 292 -19.58 -15.15 -29.76
CA LEU B 292 -19.41 -14.04 -28.83
C LEU B 292 -18.09 -14.12 -28.08
N LEU B 293 -17.59 -15.32 -27.81
CA LEU B 293 -16.31 -15.43 -27.15
C LEU B 293 -15.18 -14.95 -28.04
N GLU B 294 -15.34 -15.08 -29.35
CA GLU B 294 -14.34 -14.56 -30.28
C GLU B 294 -14.43 -13.06 -30.43
N LEU B 295 -15.62 -12.49 -30.29
CA LEU B 295 -15.79 -11.06 -30.44
C LEU B 295 -15.34 -10.29 -29.21
N ILE B 296 -15.32 -10.92 -28.03
CA ILE B 296 -14.89 -10.22 -26.82
C ILE B 296 -13.36 -10.19 -26.74
N ILE B 297 -12.69 -11.19 -27.29
CA ILE B 297 -11.24 -11.19 -27.32
C ILE B 297 -10.72 -10.28 -28.43
N THR B 298 -11.45 -10.20 -29.53
CA THR B 298 -11.02 -9.44 -30.70
C THR B 298 -11.54 -8.02 -30.69
N THR B 299 -11.71 -7.41 -29.51
CA THR B 299 -12.08 -6.02 -29.38
C THR B 299 -11.17 -5.34 -28.38
N LYS B 300 -10.89 -4.06 -28.63
CA LYS B 300 -9.91 -3.32 -27.86
C LYS B 300 -10.43 -2.93 -26.48
N LYS B 301 -11.73 -2.99 -26.25
CA LYS B 301 -12.29 -2.56 -24.99
C LYS B 301 -11.94 -3.52 -23.87
N ARG B 302 -11.92 -2.98 -22.65
CA ARG B 302 -11.74 -3.76 -21.43
C ARG B 302 -13.02 -3.92 -20.64
N GLU B 303 -14.07 -3.18 -20.99
CA GLU B 303 -15.37 -3.42 -20.40
C GLU B 303 -16.01 -4.68 -20.95
N ALA B 304 -15.66 -5.04 -22.18
CA ALA B 304 -16.15 -6.27 -22.78
C ALA B 304 -15.62 -7.50 -22.08
N ARG B 305 -14.44 -7.41 -21.47
CA ARG B 305 -13.88 -8.55 -20.77
C ARG B 305 -14.57 -8.81 -19.43
N GLN B 306 -15.44 -7.90 -18.97
CA GLN B 306 -16.26 -8.17 -17.81
C GLN B 306 -17.31 -9.25 -18.08
N ILE B 307 -17.65 -9.45 -19.35
CA ILE B 307 -18.68 -10.42 -19.72
C ILE B 307 -18.25 -11.83 -19.40
N LEU B 308 -16.95 -12.08 -19.30
CA LEU B 308 -16.47 -13.43 -19.05
C LEU B 308 -16.71 -13.90 -17.62
N ASP B 309 -17.23 -13.03 -16.75
CA ASP B 309 -17.59 -13.38 -15.39
C ASP B 309 -19.08 -13.64 -15.23
N GLN B 310 -19.87 -13.55 -16.30
CA GLN B 310 -21.31 -13.73 -16.18
C GLN B 310 -21.69 -15.21 -16.21
N THR B 311 -22.86 -15.49 -15.69
CA THR B 311 -23.27 -16.83 -15.24
C THR B 311 -23.48 -17.89 -16.32
N PRO B 312 -23.70 -17.55 -17.62
CA PRO B 312 -23.63 -18.60 -18.65
C PRO B 312 -22.25 -18.78 -19.25
N VAL B 313 -21.43 -17.74 -19.21
CA VAL B 313 -20.16 -17.71 -19.94
C VAL B 313 -19.02 -18.22 -19.06
N LYS B 314 -18.96 -17.77 -17.81
CA LYS B 314 -17.94 -18.21 -16.88
C LYS B 314 -17.93 -19.72 -16.73
N GLU B 315 -19.12 -20.34 -16.79
CA GLU B 315 -19.26 -21.77 -16.60
C GLU B 315 -18.96 -22.55 -17.88
N LEU B 316 -18.83 -21.88 -19.01
CA LEU B 316 -18.50 -22.50 -20.29
C LEU B 316 -17.01 -22.46 -20.56
N VAL B 317 -16.39 -21.31 -20.29
CA VAL B 317 -14.94 -21.17 -20.42
C VAL B 317 -14.23 -22.16 -19.53
N SER B 318 -14.68 -22.28 -18.29
CA SER B 318 -14.08 -23.19 -17.33
C SER B 318 -14.39 -24.65 -17.62
N LEU B 319 -15.22 -24.95 -18.60
CA LEU B 319 -15.50 -26.32 -18.99
C LEU B 319 -14.72 -26.73 -20.23
N LYS B 320 -14.61 -25.84 -21.21
CA LYS B 320 -13.73 -26.09 -22.35
C LYS B 320 -12.30 -26.31 -21.88
N TRP B 321 -11.91 -25.60 -20.84
CA TRP B 321 -10.53 -25.60 -20.37
C TRP B 321 -10.24 -26.77 -19.46
N LYS B 322 -10.97 -26.87 -18.35
CA LYS B 322 -10.76 -27.92 -17.37
C LYS B 322 -10.84 -29.30 -17.98
N ARG B 323 -11.63 -29.48 -19.04
CA ARG B 323 -11.82 -30.76 -19.68
C ARG B 323 -10.93 -30.95 -20.90
N TYR B 324 -10.94 -30.00 -21.82
CA TYR B 324 -10.36 -30.19 -23.16
C TYR B 324 -9.36 -29.12 -23.55
N GLY B 325 -8.95 -28.26 -22.62
CA GLY B 325 -8.04 -27.17 -22.93
C GLY B 325 -6.72 -27.22 -22.18
N ARG B 326 -6.72 -27.77 -20.98
CA ARG B 326 -5.46 -28.05 -20.28
C ARG B 326 -4.80 -29.30 -20.83
N PRO B 327 -5.53 -30.38 -21.16
CA PRO B 327 -4.86 -31.54 -21.76
C PRO B 327 -4.16 -31.22 -23.06
N TYR B 328 -4.86 -30.64 -24.01
CA TYR B 328 -4.29 -30.32 -25.31
C TYR B 328 -3.33 -29.13 -25.27
N PHE B 329 -3.07 -28.56 -24.10
CA PHE B 329 -2.13 -27.48 -23.92
C PHE B 329 -0.97 -27.85 -23.01
N CYS B 330 -1.14 -28.84 -22.15
CA CYS B 330 -0.06 -29.46 -21.42
C CYS B 330 0.45 -30.73 -22.09
N MET B 331 -0.01 -31.04 -23.30
CA MET B 331 0.61 -32.03 -24.18
C MET B 331 1.44 -31.37 -25.25
N LEU B 332 0.90 -30.35 -25.91
CA LEU B 332 1.63 -29.60 -26.90
C LEU B 332 2.62 -28.61 -26.28
N GLY B 333 2.68 -28.56 -24.95
CA GLY B 333 3.71 -27.82 -24.25
C GLY B 333 4.84 -28.70 -23.78
N ALA B 334 4.63 -30.02 -23.79
CA ALA B 334 5.69 -30.99 -23.55
C ALA B 334 6.25 -31.58 -24.82
N ILE B 335 5.48 -31.59 -25.90
CA ILE B 335 6.02 -31.97 -27.20
C ILE B 335 6.96 -30.88 -27.70
N TYR B 336 6.68 -29.63 -27.37
CA TYR B 336 7.57 -28.55 -27.74
C TYR B 336 8.85 -28.58 -26.95
N LEU B 337 8.79 -28.97 -25.68
CA LEU B 337 9.99 -29.02 -24.87
C LEU B 337 10.95 -30.09 -25.37
N LEU B 338 10.44 -31.28 -25.67
CA LEU B 338 11.27 -32.33 -26.25
C LEU B 338 11.75 -31.99 -27.65
N TYR B 339 11.18 -30.96 -28.27
CA TYR B 339 11.63 -30.49 -29.57
C TYR B 339 12.76 -29.50 -29.47
N ILE B 340 12.71 -28.63 -28.47
CA ILE B 340 13.76 -27.64 -28.28
C ILE B 340 14.98 -28.27 -27.63
N ILE B 341 14.77 -29.30 -26.81
CA ILE B 341 15.88 -30.08 -26.28
C ILE B 341 16.61 -30.80 -27.39
N CYS B 342 15.91 -31.11 -28.48
CA CYS B 342 16.57 -31.71 -29.63
C CYS B 342 17.23 -30.65 -30.48
N PHE B 343 16.62 -29.46 -30.59
CA PHE B 343 17.31 -28.37 -31.26
C PHE B 343 18.58 -28.00 -30.53
N THR B 344 18.54 -28.04 -29.21
CA THR B 344 19.67 -27.63 -28.41
C THR B 344 20.87 -28.53 -28.64
N MET B 345 20.69 -29.83 -28.37
CA MET B 345 21.73 -30.82 -28.63
C MET B 345 22.26 -30.82 -30.06
N CYS B 346 21.50 -30.35 -31.03
CA CYS B 346 22.01 -30.21 -32.38
C CYS B 346 22.85 -28.97 -32.55
N CYS B 347 22.89 -28.10 -31.55
CA CYS B 347 23.69 -26.89 -31.57
C CYS B 347 24.91 -26.95 -30.67
N ILE B 348 24.84 -27.69 -29.56
CA ILE B 348 26.04 -27.99 -28.79
C ILE B 348 26.99 -28.85 -29.58
N TYR B 349 26.49 -29.89 -30.23
CA TYR B 349 27.31 -30.87 -30.94
C TYR B 349 27.51 -30.48 -32.39
N ARG B 350 27.48 -29.19 -32.70
CA ARG B 350 27.56 -28.73 -34.06
C ARG B 350 28.94 -29.04 -34.65
N PRO B 351 29.10 -28.89 -35.97
CA PRO B 351 30.40 -29.12 -36.59
C PRO B 351 31.39 -28.01 -36.27
N LEU B 352 32.57 -28.39 -35.81
CA LEU B 352 33.64 -27.44 -35.51
C LEU B 352 34.97 -28.14 -35.64
N LYS B 353 35.95 -27.44 -36.22
CA LYS B 353 37.29 -27.95 -36.42
C LYS B 353 38.30 -26.89 -36.03
N PRO B 354 39.56 -27.28 -35.84
CA PRO B 354 40.62 -26.28 -35.64
C PRO B 354 40.76 -25.36 -36.84
N ARG B 355 41.03 -24.10 -36.56
CA ARG B 355 41.16 -23.11 -37.60
C ARG B 355 42.37 -23.40 -38.48
N THR B 356 42.25 -23.00 -39.74
CA THR B 356 43.29 -23.21 -40.73
C THR B 356 44.11 -21.97 -41.00
N ASN B 357 43.55 -20.79 -40.74
CA ASN B 357 44.29 -19.54 -40.85
C ASN B 357 45.24 -19.43 -39.66
N ASN B 358 45.90 -18.28 -39.54
CA ASN B 358 46.73 -17.95 -38.41
C ASN B 358 46.13 -16.74 -37.71
N ARG B 359 46.45 -16.61 -36.42
CA ARG B 359 45.98 -15.48 -35.63
C ARG B 359 46.43 -14.17 -36.25
N THR B 360 45.47 -13.41 -36.77
CA THR B 360 45.78 -12.17 -37.46
C THR B 360 46.43 -11.17 -36.52
N SER B 361 45.67 -10.73 -35.52
CA SER B 361 46.10 -9.82 -34.46
C SER B 361 46.08 -10.55 -33.13
N PRO B 362 46.82 -10.08 -32.14
CA PRO B 362 46.77 -10.75 -30.83
C PRO B 362 45.44 -10.61 -30.12
N ARG B 363 44.52 -9.81 -30.65
CA ARG B 363 43.18 -9.69 -30.14
C ARG B 363 42.22 -10.73 -30.70
N ASP B 364 42.73 -11.73 -31.41
CA ASP B 364 41.91 -12.77 -32.03
C ASP B 364 42.16 -14.06 -31.27
N ASN B 365 41.24 -14.41 -30.39
CA ASN B 365 41.31 -15.65 -29.62
C ASN B 365 40.36 -16.70 -30.18
N THR B 366 39.99 -16.57 -31.44
CA THR B 366 39.28 -17.62 -32.14
C THR B 366 40.23 -18.78 -32.39
N LEU B 367 39.87 -19.95 -31.89
CA LEU B 367 40.66 -21.16 -32.04
C LEU B 367 40.08 -22.14 -33.04
N LEU B 368 38.77 -22.12 -33.20
CA LEU B 368 38.02 -23.11 -33.96
C LEU B 368 37.19 -22.39 -35.00
N GLN B 369 36.84 -23.12 -36.05
CA GLN B 369 35.89 -22.65 -37.03
C GLN B 369 35.04 -23.83 -37.45
N GLN B 370 33.96 -23.54 -38.15
CA GLN B 370 32.96 -24.56 -38.41
C GLN B 370 33.26 -25.32 -39.69
N LYS B 371 32.96 -26.61 -39.66
CA LYS B 371 33.32 -27.53 -40.72
C LYS B 371 32.44 -27.33 -41.93
N LEU B 372 33.00 -27.68 -43.08
CA LEU B 372 32.23 -27.74 -44.31
C LEU B 372 31.41 -29.02 -44.34
N LEU B 373 30.42 -29.04 -45.23
CA LEU B 373 29.50 -30.17 -45.31
C LEU B 373 30.22 -31.47 -45.57
N GLN B 374 31.24 -31.45 -46.42
CA GLN B 374 31.87 -32.67 -46.88
C GLN B 374 32.54 -33.43 -45.74
N GLU B 375 32.87 -32.73 -44.66
CA GLU B 375 33.47 -33.32 -43.47
C GLU B 375 32.59 -33.14 -42.23
N ALA B 376 31.46 -32.47 -42.35
CA ALA B 376 30.54 -32.34 -41.23
C ALA B 376 29.75 -33.61 -40.99
N TYR B 377 29.46 -34.38 -42.04
CA TYR B 377 28.67 -35.61 -41.95
C TYR B 377 29.52 -36.73 -42.53
N MET B 378 30.38 -37.29 -41.69
CA MET B 378 31.43 -38.22 -42.12
C MET B 378 31.67 -39.33 -41.10
N THR B 379 30.90 -39.40 -40.01
CA THR B 379 31.18 -40.28 -38.90
C THR B 379 29.87 -40.61 -38.21
N PRO B 380 29.80 -41.71 -37.44
CA PRO B 380 28.50 -42.09 -36.86
C PRO B 380 27.91 -41.06 -35.91
N LYS B 381 28.73 -40.35 -35.13
CA LYS B 381 28.20 -39.36 -34.22
C LYS B 381 27.59 -38.17 -34.95
N ASP B 382 28.00 -37.93 -36.20
CA ASP B 382 27.42 -36.87 -36.99
C ASP B 382 26.16 -37.30 -37.74
N ASP B 383 25.82 -38.59 -37.71
CA ASP B 383 24.58 -39.08 -38.31
C ASP B 383 23.46 -39.16 -37.30
N ILE B 384 23.75 -39.42 -36.04
CA ILE B 384 22.76 -39.24 -34.99
C ILE B 384 22.32 -37.78 -34.96
N ARG B 385 23.23 -36.86 -35.18
CA ARG B 385 22.88 -35.45 -35.17
C ARG B 385 22.00 -35.09 -36.36
N LEU B 386 22.29 -35.64 -37.53
CA LEU B 386 21.49 -35.37 -38.71
C LEU B 386 20.03 -35.71 -38.49
N VAL B 387 19.76 -36.80 -37.75
CA VAL B 387 18.39 -37.14 -37.38
C VAL B 387 17.75 -35.99 -36.63
N GLY B 388 18.35 -35.58 -35.51
CA GLY B 388 17.85 -34.47 -34.74
C GLY B 388 17.77 -33.18 -35.50
N GLU B 389 18.60 -33.00 -36.52
CA GLU B 389 18.56 -31.77 -37.31
C GLU B 389 17.46 -31.82 -38.35
N LEU B 390 17.05 -33.01 -38.78
CA LEU B 390 15.91 -33.14 -39.67
C LEU B 390 14.60 -33.10 -38.90
N VAL B 391 14.56 -33.76 -37.74
CA VAL B 391 13.47 -33.59 -36.79
C VAL B 391 13.21 -32.13 -36.54
N THR B 392 14.27 -31.35 -36.40
CA THR B 392 14.17 -29.93 -36.15
C THR B 392 13.53 -29.21 -37.31
N VAL B 393 14.20 -29.19 -38.46
CA VAL B 393 13.77 -28.35 -39.57
C VAL B 393 12.42 -28.78 -40.14
N ILE B 394 12.06 -30.05 -40.02
CA ILE B 394 10.69 -30.45 -40.31
C ILE B 394 9.74 -29.78 -39.33
N GLY B 395 10.14 -29.70 -38.07
CA GLY B 395 9.33 -29.07 -37.05
C GLY B 395 9.17 -27.58 -37.22
N ALA B 396 10.07 -26.94 -37.95
CA ALA B 396 9.95 -25.51 -38.20
C ALA B 396 9.09 -25.23 -39.42
N ILE B 397 9.10 -26.11 -40.40
CA ILE B 397 8.18 -26.00 -41.52
C ILE B 397 6.74 -26.13 -41.02
N ILE B 398 6.50 -27.12 -40.16
CA ILE B 398 5.17 -27.33 -39.58
C ILE B 398 4.69 -26.08 -38.88
N ILE B 399 5.57 -25.41 -38.13
CA ILE B 399 5.20 -24.16 -37.48
C ILE B 399 4.73 -23.14 -38.50
N LEU B 400 5.41 -23.08 -39.65
CA LEU B 400 5.05 -22.14 -40.69
C LEU B 400 3.88 -22.60 -41.54
N LEU B 401 3.30 -23.76 -41.25
CA LEU B 401 2.11 -24.25 -41.93
C LEU B 401 0.87 -24.24 -41.05
N VAL B 402 1.00 -23.87 -39.78
CA VAL B 402 -0.15 -23.71 -38.90
C VAL B 402 -0.22 -22.31 -38.30
N GLU B 403 0.70 -21.42 -38.66
CA GLU B 403 0.75 -20.05 -38.15
C GLU B 403 0.71 -19.00 -39.25
N VAL B 404 1.46 -19.21 -40.33
CA VAL B 404 1.47 -18.29 -41.47
C VAL B 404 0.17 -18.41 -42.25
N PRO B 405 -0.38 -19.61 -42.50
CA PRO B 405 -1.67 -19.68 -43.21
C PRO B 405 -2.80 -19.01 -42.46
N ASP B 406 -2.73 -18.92 -41.13
CA ASP B 406 -3.69 -18.07 -40.42
C ASP B 406 -3.49 -16.62 -40.82
N ILE B 407 -2.27 -16.12 -40.70
CA ILE B 407 -1.97 -14.72 -40.98
C ILE B 407 -2.37 -14.36 -42.41
N PHE B 408 -1.80 -15.05 -43.39
CA PHE B 408 -2.01 -14.72 -44.79
C PHE B 408 -3.47 -14.83 -45.21
N ARG B 409 -4.28 -15.63 -44.50
CA ARG B 409 -5.70 -15.80 -44.79
C ARG B 409 -6.58 -14.88 -43.94
N MET B 410 -6.21 -14.68 -42.69
CA MET B 410 -6.99 -13.91 -41.74
C MET B 410 -6.64 -12.43 -41.94
N GLY B 411 -7.06 -11.56 -41.04
CA GLY B 411 -6.79 -10.13 -41.14
C GLY B 411 -5.34 -9.83 -40.83
N VAL B 412 -4.54 -9.93 -41.89
CA VAL B 412 -3.10 -10.22 -41.89
C VAL B 412 -2.32 -9.58 -40.75
N THR B 413 -2.61 -8.32 -40.43
CA THR B 413 -1.86 -7.61 -39.39
C THR B 413 -2.73 -6.85 -38.39
N ARG B 414 -3.95 -6.51 -38.74
CA ARG B 414 -4.83 -5.78 -37.84
C ARG B 414 -5.62 -6.73 -36.94
N PHE B 415 -6.28 -7.72 -37.54
CA PHE B 415 -7.06 -8.68 -36.77
C PHE B 415 -6.20 -9.76 -36.15
N PHE B 416 -4.99 -9.98 -36.66
CA PHE B 416 -4.09 -10.97 -36.06
C PHE B 416 -3.75 -10.57 -34.63
N GLY B 417 -3.05 -9.45 -34.46
CA GLY B 417 -2.76 -8.91 -33.14
C GLY B 417 -3.98 -8.51 -32.35
N GLN B 418 -5.15 -8.46 -32.97
CA GLN B 418 -6.40 -8.18 -32.27
C GLN B 418 -6.83 -9.37 -31.42
N THR B 419 -6.80 -10.58 -32.00
CA THR B 419 -7.01 -11.79 -31.21
C THR B 419 -5.91 -11.97 -30.16
N ILE B 420 -4.70 -11.49 -30.46
CA ILE B 420 -3.60 -11.55 -29.50
C ILE B 420 -3.93 -10.68 -28.30
N LEU B 421 -4.09 -11.32 -27.14
CA LEU B 421 -4.14 -10.62 -25.86
C LEU B 421 -2.80 -10.69 -25.15
N GLY B 422 -2.33 -11.91 -24.86
CA GLY B 422 -1.02 -12.14 -24.27
C GLY B 422 -0.15 -13.06 -25.11
N GLY B 423 -0.46 -13.14 -26.41
CA GLY B 423 0.30 -13.90 -27.37
C GLY B 423 1.26 -13.17 -28.29
N PRO B 424 2.35 -12.59 -27.77
CA PRO B 424 3.49 -12.30 -28.66
C PRO B 424 4.20 -13.55 -29.10
N PHE B 425 3.97 -14.65 -28.38
CA PHE B 425 4.39 -16.00 -28.74
C PHE B 425 4.31 -16.27 -30.24
N HIS B 426 3.21 -15.89 -30.88
CA HIS B 426 3.02 -16.21 -32.29
C HIS B 426 4.02 -15.46 -33.17
N VAL B 427 4.52 -14.33 -32.71
CA VAL B 427 5.57 -13.62 -33.44
C VAL B 427 6.91 -14.30 -33.23
N LEU B 428 7.19 -14.73 -32.02
CA LEU B 428 8.49 -15.30 -31.70
C LEU B 428 8.68 -16.65 -32.36
N ILE B 429 7.66 -17.49 -32.31
CA ILE B 429 7.79 -18.84 -32.82
C ILE B 429 7.86 -18.86 -34.34
N ILE B 430 7.28 -17.88 -35.02
CA ILE B 430 7.51 -17.75 -36.44
C ILE B 430 8.93 -17.25 -36.67
N THR B 431 9.44 -16.40 -35.79
CA THR B 431 10.82 -15.96 -35.88
C THR B 431 11.78 -17.08 -35.55
N TYR B 432 11.41 -17.95 -34.63
CA TYR B 432 12.17 -19.17 -34.38
C TYR B 432 12.34 -19.97 -35.66
N ALA B 433 11.23 -20.39 -36.26
CA ALA B 433 11.26 -21.23 -37.44
C ALA B 433 11.99 -20.58 -38.60
N PHE B 434 11.91 -19.26 -38.71
CA PHE B 434 12.67 -18.57 -39.74
C PHE B 434 14.16 -18.75 -39.53
N MET B 435 14.65 -18.51 -38.30
CA MET B 435 16.06 -18.65 -38.01
C MET B 435 16.56 -20.06 -38.21
N VAL B 436 15.74 -21.06 -37.88
CA VAL B 436 16.13 -22.45 -38.10
C VAL B 436 16.32 -22.72 -39.58
N LEU B 437 15.54 -22.07 -40.43
CA LEU B 437 15.68 -22.28 -41.86
C LEU B 437 16.83 -21.48 -42.44
N VAL B 438 17.08 -20.29 -41.89
CA VAL B 438 18.31 -19.58 -42.21
C VAL B 438 19.52 -20.42 -41.83
N THR B 439 19.46 -21.04 -40.66
CA THR B 439 20.53 -21.95 -40.25
C THR B 439 20.70 -23.10 -41.23
N MET B 440 19.60 -23.63 -41.76
CA MET B 440 19.71 -24.72 -42.73
C MET B 440 20.44 -24.26 -43.97
N VAL B 441 19.92 -23.21 -44.62
CA VAL B 441 20.50 -22.71 -45.86
C VAL B 441 21.99 -22.47 -45.70
N MET B 442 22.37 -21.76 -44.63
CA MET B 442 23.76 -21.48 -44.34
C MET B 442 24.59 -22.74 -44.18
N ARG B 443 23.97 -23.82 -43.69
CA ARG B 443 24.67 -25.09 -43.62
C ARG B 443 24.78 -25.74 -44.99
N LEU B 444 23.79 -25.54 -45.86
CA LEU B 444 23.86 -26.16 -47.18
C LEU B 444 24.88 -25.47 -48.06
N ILE B 445 24.93 -24.13 -48.03
CA ILE B 445 25.90 -23.39 -48.83
C ILE B 445 27.21 -23.16 -48.10
N SER B 446 27.39 -23.73 -46.90
CA SER B 446 28.61 -23.59 -46.13
C SER B 446 28.95 -22.12 -45.87
N ALA B 447 27.97 -21.40 -45.35
CA ALA B 447 28.15 -19.99 -45.04
C ALA B 447 28.65 -19.83 -43.61
N SER B 448 29.50 -18.83 -43.42
CA SER B 448 30.06 -18.55 -42.11
C SER B 448 29.12 -17.66 -41.32
N GLY B 449 28.85 -18.03 -40.08
CA GLY B 449 28.04 -17.22 -39.19
C GLY B 449 26.81 -17.91 -38.66
N GLU B 450 26.83 -19.24 -38.59
CA GLU B 450 25.68 -19.98 -38.09
C GLU B 450 25.38 -19.68 -36.64
N VAL B 451 26.34 -19.15 -35.89
CA VAL B 451 26.08 -18.81 -34.51
C VAL B 451 25.06 -17.68 -34.40
N VAL B 452 24.94 -16.84 -35.40
CA VAL B 452 24.05 -15.70 -35.30
C VAL B 452 22.62 -16.24 -35.34
N PRO B 453 22.20 -17.01 -36.36
CA PRO B 453 20.82 -17.51 -36.32
C PRO B 453 20.50 -18.42 -35.15
N MET B 454 21.38 -19.38 -34.84
CA MET B 454 21.15 -20.29 -33.73
C MET B 454 20.85 -19.55 -32.44
N SER B 455 21.71 -18.61 -32.09
CA SER B 455 21.63 -17.95 -30.81
C SER B 455 20.35 -17.14 -30.64
N PHE B 456 19.76 -16.66 -31.73
CA PHE B 456 18.39 -16.19 -31.64
C PHE B 456 17.45 -17.35 -31.40
N ALA B 457 17.58 -18.41 -32.20
CA ALA B 457 16.66 -19.53 -32.15
C ALA B 457 16.66 -20.24 -30.80
N LEU B 458 17.83 -20.38 -30.17
CA LEU B 458 17.88 -20.89 -28.81
C LEU B 458 17.00 -20.05 -27.89
N VAL B 459 17.28 -18.76 -27.83
CA VAL B 459 16.60 -17.88 -26.89
C VAL B 459 15.12 -17.79 -27.20
N LEU B 460 14.78 -17.54 -28.46
CA LEU B 460 13.38 -17.50 -28.87
C LEU B 460 12.72 -18.85 -28.70
N GLY B 461 13.48 -19.94 -28.82
CA GLY B 461 12.91 -21.26 -28.68
C GLY B 461 12.56 -21.61 -27.26
N TRP B 462 13.46 -21.36 -26.32
CA TRP B 462 13.19 -21.71 -24.94
C TRP B 462 12.21 -20.74 -24.31
N CYS B 463 12.46 -19.44 -24.44
CA CYS B 463 11.62 -18.45 -23.80
C CYS B 463 10.17 -18.49 -24.26
N ASN B 464 9.87 -19.14 -25.38
CA ASN B 464 8.52 -19.52 -25.73
C ASN B 464 7.92 -20.58 -24.81
N VAL B 465 8.75 -21.35 -24.11
CA VAL B 465 8.24 -22.31 -23.13
C VAL B 465 7.62 -21.60 -21.94
N MET B 466 7.91 -20.31 -21.76
CA MET B 466 7.23 -19.50 -20.78
C MET B 466 5.74 -19.38 -21.09
N TYR B 467 5.37 -19.59 -22.34
CA TYR B 467 3.96 -19.51 -22.75
C TYR B 467 3.20 -20.77 -22.36
N PHE B 468 3.82 -21.94 -22.53
CA PHE B 468 3.17 -23.19 -22.17
C PHE B 468 3.26 -23.44 -20.67
N ALA B 469 2.77 -22.48 -19.89
CA ALA B 469 2.77 -22.52 -18.44
C ALA B 469 1.41 -22.20 -17.85
N ARG B 470 0.64 -21.32 -18.50
CA ARG B 470 -0.68 -20.95 -18.04
C ARG B 470 -1.62 -22.14 -17.81
N GLY B 471 -1.31 -23.30 -18.38
CA GLY B 471 -2.15 -24.48 -18.22
C GLY B 471 -2.44 -24.83 -16.77
N PHE B 472 -1.45 -24.65 -15.91
CA PHE B 472 -1.52 -25.06 -14.52
C PHE B 472 -1.69 -23.86 -13.57
N GLN B 473 -1.87 -22.65 -14.12
CA GLN B 473 -1.75 -21.41 -13.35
C GLN B 473 -0.34 -21.32 -12.76
N MET B 474 0.64 -21.31 -13.68
CA MET B 474 2.07 -21.16 -13.41
C MET B 474 2.34 -19.67 -13.15
N LEU B 475 3.57 -19.19 -13.40
CA LEU B 475 3.82 -17.76 -13.53
C LEU B 475 3.37 -17.22 -14.90
N GLY B 476 2.70 -18.05 -15.72
CA GLY B 476 1.99 -17.62 -16.92
C GLY B 476 0.86 -16.63 -16.68
N PRO B 477 0.09 -16.82 -15.61
CA PRO B 477 -0.76 -15.73 -15.11
C PRO B 477 0.03 -14.51 -14.67
N PHE B 478 1.33 -14.65 -14.42
CA PHE B 478 2.20 -13.57 -14.02
C PHE B 478 3.17 -13.13 -15.11
N THR B 479 3.29 -13.87 -16.21
CA THR B 479 3.83 -13.25 -17.42
C THR B 479 2.77 -12.40 -18.11
N ILE B 480 1.53 -12.43 -17.61
CA ILE B 480 0.61 -11.33 -17.87
C ILE B 480 1.24 -10.02 -17.44
N MET B 481 1.93 -10.01 -16.31
CA MET B 481 2.59 -8.79 -15.86
C MET B 481 3.65 -8.36 -16.87
N ILE B 482 4.65 -9.21 -17.12
CA ILE B 482 5.76 -8.81 -17.96
C ILE B 482 5.31 -8.48 -19.38
N GLN B 483 4.14 -8.99 -19.81
CA GLN B 483 3.51 -8.53 -21.04
C GLN B 483 2.59 -7.35 -20.81
N LYS B 484 1.94 -7.25 -19.65
CA LYS B 484 1.41 -5.98 -19.23
C LYS B 484 2.52 -4.96 -18.99
N MET B 485 3.75 -5.42 -18.72
CA MET B 485 4.86 -4.53 -18.51
C MET B 485 5.41 -3.95 -19.80
N ILE B 486 4.68 -4.06 -20.92
CA ILE B 486 4.94 -3.26 -22.10
C ILE B 486 3.99 -2.07 -22.03
N PHE B 487 3.59 -1.67 -20.81
CA PHE B 487 2.87 -0.43 -20.61
C PHE B 487 3.86 0.71 -20.78
N GLY B 488 3.43 1.91 -20.40
CA GLY B 488 4.23 3.10 -20.46
C GLY B 488 5.66 2.98 -19.97
N ASP B 489 5.92 2.88 -18.66
CA ASP B 489 7.31 2.94 -18.19
C ASP B 489 8.08 1.63 -18.41
N LEU B 490 8.06 1.09 -19.63
CA LEU B 490 9.07 0.12 -20.01
C LEU B 490 9.38 0.13 -21.51
N MET B 491 8.72 0.95 -22.32
CA MET B 491 9.20 1.32 -23.65
C MET B 491 9.53 2.80 -23.65
N ARG B 492 9.60 3.39 -22.47
CA ARG B 492 9.50 4.82 -22.25
C ARG B 492 10.52 5.32 -21.25
N PHE B 493 10.92 4.49 -20.29
CA PHE B 493 12.11 4.65 -19.49
C PHE B 493 13.38 4.42 -20.30
N CYS B 494 13.26 3.78 -21.46
CA CYS B 494 14.36 3.74 -22.41
C CYS B 494 14.87 5.13 -22.72
N TRP B 495 13.97 6.06 -23.02
CA TRP B 495 14.39 7.37 -23.50
C TRP B 495 15.19 8.13 -22.46
N LEU B 496 14.95 7.86 -21.17
CA LEU B 496 15.60 8.56 -20.08
C LEU B 496 16.66 7.75 -19.40
N MET B 497 16.93 6.56 -19.92
CA MET B 497 18.09 5.76 -19.57
C MET B 497 19.15 5.78 -20.66
N ALA B 498 18.73 5.56 -21.90
CA ALA B 498 19.61 5.64 -23.06
C ALA B 498 20.30 6.97 -23.22
N VAL B 499 19.73 8.03 -22.67
CA VAL B 499 20.32 9.35 -22.77
C VAL B 499 21.40 9.52 -21.73
N VAL B 500 21.23 8.87 -20.58
CA VAL B 500 22.27 8.82 -19.57
C VAL B 500 23.45 8.01 -20.08
N ILE B 501 23.18 6.87 -20.71
CA ILE B 501 24.22 6.00 -21.21
C ILE B 501 25.03 6.70 -22.30
N LEU B 502 24.35 7.32 -23.26
CA LEU B 502 25.06 7.97 -24.35
C LEU B 502 25.82 9.19 -23.89
N GLY B 503 25.40 9.80 -22.78
CA GLY B 503 26.05 10.97 -22.27
C GLY B 503 27.31 10.71 -21.49
N PHE B 504 27.24 9.78 -20.55
CA PHE B 504 28.40 9.44 -19.75
C PHE B 504 29.37 8.53 -20.48
N ALA B 505 28.88 7.71 -21.41
CA ALA B 505 29.76 6.90 -22.22
C ALA B 505 30.60 7.72 -23.16
N SER B 506 30.03 8.77 -23.72
CA SER B 506 30.79 9.68 -24.55
C SER B 506 31.72 10.53 -23.73
N ALA B 507 31.43 10.71 -22.44
CA ALA B 507 32.35 11.38 -21.53
C ALA B 507 33.48 10.44 -21.11
N PHE B 508 33.12 9.28 -20.57
CA PHE B 508 34.10 8.25 -20.21
C PHE B 508 35.05 7.96 -21.36
N TYR B 509 34.52 7.93 -22.58
CA TYR B 509 35.35 7.65 -23.73
C TYR B 509 36.43 8.70 -23.93
N ILE B 510 36.06 9.98 -23.91
CA ILE B 510 37.05 11.02 -24.17
C ILE B 510 38.00 11.22 -23.00
N ILE B 511 37.62 10.79 -21.81
CA ILE B 511 38.51 10.85 -20.66
C ILE B 511 39.65 9.85 -20.82
N PHE B 512 39.32 8.62 -21.24
CA PHE B 512 40.29 7.57 -21.48
C PHE B 512 40.70 7.47 -22.94
N GLN B 513 40.39 8.48 -23.74
CA GLN B 513 40.84 8.50 -25.12
C GLN B 513 42.32 8.78 -25.23
N THR B 514 42.92 9.34 -24.18
CA THR B 514 44.33 9.63 -24.13
C THR B 514 45.14 8.59 -23.38
N GLU B 515 44.50 7.68 -22.67
CA GLU B 515 45.17 6.84 -21.71
C GLU B 515 45.50 5.48 -22.31
N ASP B 516 46.28 4.70 -21.57
CA ASP B 516 46.73 3.40 -22.04
C ASP B 516 45.63 2.38 -21.78
N PRO B 517 45.13 1.67 -22.81
CA PRO B 517 44.00 0.78 -22.56
C PRO B 517 44.36 -0.59 -22.01
N GLU B 518 45.63 -0.98 -21.99
CA GLU B 518 45.99 -2.26 -21.42
C GLU B 518 45.87 -2.29 -19.90
N GLU B 519 45.65 -1.14 -19.29
CA GLU B 519 45.44 -1.04 -17.85
C GLU B 519 43.97 -0.93 -17.49
N LEU B 520 43.28 0.07 -18.03
CA LEU B 520 41.83 0.23 -17.91
C LEU B 520 41.27 0.35 -19.32
N GLY B 521 40.67 -0.73 -19.80
CA GLY B 521 40.23 -0.81 -21.18
C GLY B 521 38.74 -1.03 -21.35
N HIS B 522 37.97 -0.53 -20.40
CA HIS B 522 36.52 -0.56 -20.51
C HIS B 522 36.02 0.32 -21.64
N PHE B 523 36.85 1.23 -22.14
CA PHE B 523 36.44 2.34 -22.98
C PHE B 523 37.43 2.55 -24.12
N TYR B 524 37.88 1.46 -24.77
CA TYR B 524 38.91 1.58 -25.78
C TYR B 524 38.36 1.99 -27.14
N ASP B 525 37.08 1.76 -27.37
CA ASP B 525 36.39 2.25 -28.55
C ASP B 525 34.99 2.66 -28.13
N TYR B 526 34.33 3.42 -28.98
CA TYR B 526 33.03 3.98 -28.61
C TYR B 526 31.97 2.90 -28.47
N PRO B 527 31.94 1.87 -29.31
CA PRO B 527 30.93 0.82 -29.09
C PRO B 527 31.08 0.06 -27.77
N MET B 528 32.29 -0.14 -27.28
CA MET B 528 32.46 -0.77 -25.98
C MET B 528 32.23 0.21 -24.85
N ALA B 529 32.28 1.49 -25.11
CA ALA B 529 31.99 2.47 -24.08
C ALA B 529 30.52 2.51 -23.74
N LEU B 530 29.66 2.15 -24.68
CA LEU B 530 28.24 2.10 -24.42
C LEU B 530 27.84 0.79 -23.77
N PHE B 531 28.49 -0.29 -24.17
CA PHE B 531 28.24 -1.57 -23.56
C PHE B 531 28.72 -1.60 -22.12
N SER B 532 29.94 -1.13 -21.87
CA SER B 532 30.43 -1.01 -20.51
C SER B 532 29.53 -0.13 -19.68
N THR B 533 29.17 1.03 -20.21
CA THR B 533 28.31 1.95 -19.51
C THR B 533 26.91 1.42 -19.33
N PHE B 534 26.42 0.62 -20.27
CA PHE B 534 25.18 -0.09 -20.05
C PHE B 534 25.29 -1.05 -18.87
N GLU B 535 26.39 -1.79 -18.81
CA GLU B 535 26.61 -2.73 -17.74
C GLU B 535 26.81 -2.03 -16.40
N LEU B 536 27.44 -0.87 -16.41
CA LEU B 536 27.66 -0.14 -15.18
C LEU B 536 26.39 0.48 -14.63
N PHE B 537 25.49 0.91 -15.50
CA PHE B 537 24.19 1.41 -15.09
C PHE B 537 23.48 0.36 -14.24
N LEU B 538 23.50 -0.88 -14.69
CA LEU B 538 22.80 -1.97 -14.04
C LEU B 538 23.60 -2.64 -12.94
N THR B 539 24.86 -2.28 -12.77
CA THR B 539 25.72 -2.85 -11.75
C THR B 539 25.92 -4.33 -12.00
N ILE B 540 26.21 -4.67 -13.26
CA ILE B 540 26.53 -6.02 -13.67
C ILE B 540 27.96 -6.16 -14.13
N ILE B 541 28.77 -5.11 -14.00
CA ILE B 541 30.22 -5.22 -13.92
C ILE B 541 30.66 -4.25 -12.86
N ASP B 542 31.87 -4.45 -12.37
CA ASP B 542 32.39 -3.60 -11.32
C ASP B 542 32.89 -2.30 -11.90
N GLY B 543 32.86 -1.27 -11.08
CA GLY B 543 33.41 0.01 -11.41
C GLY B 543 34.85 -0.11 -11.84
N PRO B 544 35.25 0.57 -12.91
CA PRO B 544 36.66 0.54 -13.31
C PRO B 544 37.61 1.04 -12.25
N ALA B 545 38.76 0.40 -12.17
CA ALA B 545 39.78 0.75 -11.21
C ALA B 545 41.02 -0.06 -11.49
N ASN B 546 42.18 0.56 -11.30
CA ASN B 546 43.44 -0.15 -11.32
C ASN B 546 44.23 0.01 -10.03
N TYR B 547 44.42 1.26 -9.59
CA TYR B 547 45.06 1.59 -8.32
C TYR B 547 46.57 1.36 -8.33
N ASN B 548 47.12 0.89 -9.44
CA ASN B 548 48.55 0.87 -9.69
C ASN B 548 48.95 1.94 -10.69
N VAL B 549 48.05 2.88 -10.96
CA VAL B 549 48.28 3.89 -11.99
C VAL B 549 47.30 5.03 -11.74
N ASP B 550 47.75 6.25 -12.03
CA ASP B 550 46.95 7.43 -11.74
C ASP B 550 45.91 7.62 -12.83
N LEU B 551 44.66 7.36 -12.49
CA LEU B 551 43.58 7.59 -13.42
C LEU B 551 43.28 9.08 -13.50
N PRO B 552 42.53 9.51 -14.50
CA PRO B 552 42.17 10.92 -14.57
C PRO B 552 41.29 11.36 -13.42
N PHE B 553 41.49 12.60 -12.97
CA PHE B 553 40.65 13.16 -11.93
C PHE B 553 39.24 13.41 -12.43
N MET B 554 39.10 13.52 -13.74
CA MET B 554 37.82 13.77 -14.38
C MET B 554 36.98 12.53 -14.51
N TYR B 555 37.55 11.36 -14.20
CA TYR B 555 36.79 10.13 -14.16
C TYR B 555 35.99 9.98 -12.89
N SER B 556 36.61 10.26 -11.76
CA SER B 556 35.99 9.99 -10.49
C SER B 556 34.85 10.94 -10.20
N ILE B 557 34.95 12.18 -10.69
CA ILE B 557 33.84 13.11 -10.65
C ILE B 557 32.68 12.57 -11.48
N THR B 558 32.96 12.17 -12.72
CA THR B 558 31.92 11.73 -13.64
C THR B 558 31.25 10.46 -13.16
N TYR B 559 32.04 9.45 -12.82
CA TYR B 559 31.48 8.18 -12.41
C TYR B 559 30.72 8.25 -11.10
N ALA B 560 31.06 9.19 -10.24
CA ALA B 560 30.29 9.37 -9.02
C ALA B 560 28.88 9.84 -9.32
N ALA B 561 28.73 10.69 -10.33
CA ALA B 561 27.42 11.15 -10.74
C ALA B 561 26.64 10.08 -11.49
N PHE B 562 27.31 9.30 -12.33
CA PHE B 562 26.66 8.21 -13.03
C PHE B 562 26.06 7.20 -12.06
N ALA B 563 26.81 6.82 -11.04
CA ALA B 563 26.33 5.89 -10.04
C ALA B 563 25.17 6.41 -9.24
N ILE B 564 24.91 7.71 -9.29
CA ILE B 564 23.82 8.32 -8.59
C ILE B 564 22.59 8.41 -9.46
N ILE B 565 22.75 8.95 -10.65
CA ILE B 565 21.69 8.99 -11.63
C ILE B 565 21.23 7.58 -11.95
N ALA B 566 22.15 6.62 -12.00
CA ALA B 566 21.78 5.24 -12.26
C ALA B 566 21.07 4.60 -11.09
N THR B 567 21.45 4.95 -9.88
CA THR B 567 20.85 4.37 -8.68
C THR B 567 19.47 4.94 -8.41
N LEU B 568 19.26 6.20 -8.76
CA LEU B 568 17.98 6.83 -8.54
C LEU B 568 16.98 6.47 -9.63
N LEU B 569 17.44 6.36 -10.88
CA LEU B 569 16.59 5.92 -11.96
C LEU B 569 16.21 4.46 -11.85
N MET B 570 16.95 3.66 -11.11
CA MET B 570 16.55 2.31 -10.77
C MET B 570 15.75 2.24 -9.47
N LEU B 571 15.36 3.38 -8.91
CA LEU B 571 14.44 3.42 -7.78
C LEU B 571 13.35 4.45 -7.96
N ASN B 572 13.22 5.06 -9.14
CA ASN B 572 11.97 5.68 -9.52
C ASN B 572 11.09 4.72 -10.30
N LEU B 573 11.71 3.71 -10.92
CA LEU B 573 10.99 2.75 -11.73
C LEU B 573 10.46 1.58 -10.93
N LEU B 574 11.23 1.13 -9.93
CA LEU B 574 10.68 0.21 -8.94
C LEU B 574 9.40 0.79 -8.36
N ILE B 575 9.42 2.08 -8.10
CA ILE B 575 8.25 2.80 -7.62
C ILE B 575 7.20 2.90 -8.72
N ALA B 576 7.62 3.27 -9.93
CA ALA B 576 6.68 3.40 -11.03
C ALA B 576 6.03 2.06 -11.38
N MET B 577 6.78 0.96 -11.32
CA MET B 577 6.19 -0.35 -11.54
C MET B 577 5.30 -0.78 -10.37
N MET B 578 5.38 -0.09 -9.23
CA MET B 578 4.59 -0.41 -8.06
C MET B 578 3.25 0.30 -8.06
N GLY B 579 3.26 1.64 -8.13
CA GLY B 579 2.04 2.41 -8.21
C GLY B 579 1.18 2.07 -9.40
N ASP B 580 1.78 1.53 -10.47
CA ASP B 580 1.04 0.96 -11.56
C ASP B 580 0.64 -0.49 -11.30
N THR B 581 0.76 -0.98 -10.05
CA THR B 581 0.38 -2.34 -9.70
C THR B 581 -0.46 -2.46 -8.43
N HIS B 582 -0.32 -1.56 -7.46
CA HIS B 582 -0.91 -1.76 -6.14
C HIS B 582 -2.00 -0.75 -5.82
N TRP B 583 -1.71 0.55 -5.91
CA TRP B 583 -2.77 1.54 -5.98
C TRP B 583 -3.48 1.51 -7.34
N ARG B 584 -2.86 0.89 -8.32
CA ARG B 584 -3.41 0.59 -9.63
C ARG B 584 -3.61 -0.93 -9.67
N VAL B 585 -3.96 -1.46 -10.86
CA VAL B 585 -4.38 -2.85 -11.08
C VAL B 585 -3.54 -3.90 -10.38
N ALA B 586 -4.19 -4.69 -9.52
CA ALA B 586 -3.67 -5.95 -9.02
C ALA B 586 -4.64 -7.10 -9.16
N HIS B 587 -5.94 -6.83 -9.41
CA HIS B 587 -6.96 -7.85 -9.51
C HIS B 587 -7.43 -8.10 -10.93
N GLU B 588 -7.44 -7.09 -11.80
CA GLU B 588 -7.80 -7.32 -13.19
C GLU B 588 -6.76 -8.16 -13.92
N ARG B 589 -5.56 -8.33 -13.34
CA ARG B 589 -4.66 -9.36 -13.83
C ARG B 589 -5.27 -10.74 -13.65
N ASP B 590 -5.95 -10.97 -12.52
CA ASP B 590 -6.69 -12.21 -12.35
C ASP B 590 -7.86 -12.27 -13.30
N GLU B 591 -8.41 -11.11 -13.67
CA GLU B 591 -9.39 -11.05 -14.74
C GLU B 591 -8.74 -11.25 -16.10
N LEU B 592 -7.49 -10.81 -16.27
CA LEU B 592 -6.81 -10.99 -17.55
C LEU B 592 -6.45 -12.44 -17.81
N TRP B 593 -6.23 -13.22 -16.75
CA TRP B 593 -5.99 -14.64 -16.93
C TRP B 593 -7.17 -15.30 -17.63
N ARG B 594 -8.38 -15.09 -17.11
CA ARG B 594 -9.57 -15.67 -17.70
C ARG B 594 -9.77 -15.23 -19.14
N ALA B 595 -9.20 -14.10 -19.54
CA ALA B 595 -9.26 -13.68 -20.93
C ALA B 595 -8.24 -14.39 -21.80
N GLN B 596 -7.16 -14.91 -21.23
CA GLN B 596 -6.18 -15.67 -21.97
C GLN B 596 -6.54 -17.15 -22.05
N ILE B 597 -7.24 -17.63 -21.03
CA ILE B 597 -7.85 -18.96 -21.08
C ILE B 597 -8.80 -19.06 -22.26
N VAL B 598 -9.52 -17.99 -22.56
CA VAL B 598 -10.40 -17.97 -23.71
C VAL B 598 -9.59 -17.88 -24.99
N ALA B 599 -8.69 -16.91 -25.07
CA ALA B 599 -7.92 -16.69 -26.29
C ALA B 599 -7.12 -17.92 -26.66
N THR B 600 -6.58 -18.62 -25.67
CA THR B 600 -5.95 -19.91 -25.92
C THR B 600 -6.98 -20.91 -26.42
N THR B 601 -8.07 -21.09 -25.69
CA THR B 601 -9.10 -22.06 -26.03
C THR B 601 -9.65 -21.87 -27.43
N VAL B 602 -9.84 -20.61 -27.84
CA VAL B 602 -10.37 -20.34 -29.17
C VAL B 602 -9.37 -20.76 -30.23
N MET B 603 -8.08 -20.47 -30.03
CA MET B 603 -7.08 -20.77 -31.05
C MET B 603 -6.92 -22.28 -31.21
N LEU B 604 -6.94 -23.02 -30.12
CA LEU B 604 -6.82 -24.48 -30.20
C LEU B 604 -8.01 -25.07 -30.92
N GLU B 605 -9.22 -24.64 -30.55
CA GLU B 605 -10.42 -25.13 -31.21
C GLU B 605 -10.46 -24.75 -32.68
N ARG B 606 -9.77 -23.67 -33.06
CA ARG B 606 -9.71 -23.30 -34.46
C ARG B 606 -8.71 -24.15 -35.22
N LYS B 607 -7.61 -24.54 -34.57
CA LYS B 607 -6.54 -25.28 -35.22
C LYS B 607 -6.75 -26.79 -35.13
N LEU B 608 -7.08 -27.29 -33.95
CA LEU B 608 -7.26 -28.71 -33.77
C LEU B 608 -8.54 -29.17 -34.49
N PRO B 609 -8.62 -30.43 -34.90
CA PRO B 609 -9.79 -30.88 -35.65
C PRO B 609 -10.98 -31.15 -34.74
N ARG B 610 -12.13 -31.36 -35.38
CA ARG B 610 -13.38 -31.57 -34.65
C ARG B 610 -13.37 -32.88 -33.87
N CYS B 611 -12.65 -33.89 -34.35
CA CYS B 611 -12.67 -35.18 -33.68
C CYS B 611 -12.08 -35.10 -32.28
N LEU B 612 -10.99 -34.35 -32.12
CA LEU B 612 -10.39 -34.19 -30.81
C LEU B 612 -11.16 -33.20 -29.95
N TRP B 613 -12.03 -32.39 -30.55
CA TRP B 613 -12.78 -31.35 -29.85
C TRP B 613 -14.26 -31.68 -29.88
N PRO B 614 -14.75 -32.47 -28.92
CA PRO B 614 -16.21 -32.58 -28.77
C PRO B 614 -16.80 -31.23 -28.44
N ARG B 615 -17.92 -30.92 -29.08
CA ARG B 615 -18.57 -29.64 -28.85
C ARG B 615 -19.08 -29.58 -27.43
N SER B 616 -18.86 -28.45 -26.78
CA SER B 616 -19.28 -28.29 -25.40
C SER B 616 -20.79 -28.11 -25.32
N GLY B 617 -21.35 -28.49 -24.19
CA GLY B 617 -22.76 -28.46 -23.99
C GLY B 617 -23.47 -29.67 -24.59
N ILE B 618 -24.63 -29.95 -24.04
CA ILE B 618 -25.42 -31.11 -24.44
C ILE B 618 -26.31 -30.74 -25.62
N CYS B 619 -26.58 -31.72 -26.46
CA CYS B 619 -27.43 -31.53 -27.62
C CYS B 619 -28.89 -31.33 -27.19
N GLY B 620 -29.75 -31.19 -28.17
CA GLY B 620 -31.18 -31.05 -27.94
C GLY B 620 -32.04 -31.89 -28.85
N ARG B 621 -31.44 -32.49 -29.88
CA ARG B 621 -32.21 -33.26 -30.85
C ARG B 621 -32.84 -34.48 -30.20
N GLU B 622 -32.07 -35.19 -29.38
CA GLU B 622 -32.55 -36.36 -28.66
C GLU B 622 -33.19 -36.01 -27.33
N TYR B 623 -33.66 -34.77 -27.16
CA TYR B 623 -34.38 -34.35 -25.97
C TYR B 623 -35.57 -33.47 -26.25
N GLY B 624 -35.92 -33.23 -27.52
CA GLY B 624 -37.09 -32.45 -27.86
C GLY B 624 -36.95 -30.95 -27.74
N LEU B 625 -35.77 -30.46 -27.37
CA LEU B 625 -35.57 -29.03 -27.20
C LEU B 625 -35.22 -28.31 -28.50
N GLY B 626 -34.96 -29.05 -29.58
CA GLY B 626 -34.62 -28.47 -30.87
C GLY B 626 -33.32 -29.02 -31.40
N ASP B 627 -32.54 -28.15 -32.05
CA ASP B 627 -31.22 -28.48 -32.57
C ASP B 627 -30.19 -27.51 -32.02
N ARG B 628 -30.44 -26.98 -30.83
CA ARG B 628 -29.54 -26.06 -30.16
C ARG B 628 -28.68 -26.84 -29.16
N TRP B 629 -27.72 -26.15 -28.56
CA TRP B 629 -26.67 -26.76 -27.76
C TRP B 629 -26.63 -26.09 -26.40
N PHE B 630 -27.38 -26.66 -25.47
CA PHE B 630 -27.65 -26.06 -24.17
C PHE B 630 -26.51 -26.34 -23.18
N LEU B 631 -26.53 -25.59 -22.09
CA LEU B 631 -25.68 -25.84 -20.94
C LEU B 631 -26.53 -25.77 -19.69
N ARG B 632 -26.38 -26.76 -18.82
CA ARG B 632 -27.09 -26.81 -17.55
C ARG B 632 -26.20 -26.27 -16.45
N VAL B 633 -26.77 -25.42 -15.60
CA VAL B 633 -26.08 -24.85 -14.46
C VAL B 633 -26.98 -25.02 -13.24
N GLU B 634 -26.46 -25.72 -12.24
CA GLU B 634 -27.17 -25.94 -10.99
C GLU B 634 -26.54 -25.06 -9.92
N ASP B 635 -27.35 -24.22 -9.29
CA ASP B 635 -26.87 -23.16 -8.43
C ASP B 635 -27.79 -23.03 -7.23
N ARG B 636 -27.21 -22.53 -6.13
CA ARG B 636 -27.92 -22.38 -4.87
C ARG B 636 -28.11 -20.89 -4.60
N GLN B 637 -29.36 -20.49 -4.38
CA GLN B 637 -29.72 -19.09 -4.27
C GLN B 637 -29.07 -18.43 -3.06
N ASP B 638 -29.43 -18.87 -1.86
CA ASP B 638 -28.94 -18.29 -0.62
C ASP B 638 -28.92 -19.31 0.50
N GLU C 27 -16.11 -35.35 -14.50
CA GLU C 27 -15.97 -35.17 -15.97
C GLU C 27 -17.17 -35.77 -16.69
N SER C 28 -17.19 -37.09 -16.82
CA SER C 28 -18.32 -37.76 -17.47
C SER C 28 -19.48 -37.95 -16.51
N TRP C 29 -19.21 -38.09 -15.22
CA TRP C 29 -20.29 -38.26 -14.26
C TRP C 29 -21.10 -36.98 -14.11
N ALA C 30 -20.42 -35.83 -14.11
CA ALA C 30 -21.14 -34.56 -14.18
C ALA C 30 -21.89 -34.43 -15.50
N GLN C 31 -21.29 -34.93 -16.59
CA GLN C 31 -21.99 -34.97 -17.87
C GLN C 31 -23.15 -35.93 -17.85
N SER C 32 -23.11 -36.97 -17.02
CA SER C 32 -24.19 -37.93 -16.95
C SER C 32 -25.32 -37.49 -16.03
N ARG C 33 -25.07 -36.58 -15.10
CA ARG C 33 -26.18 -35.93 -14.41
C ARG C 33 -27.04 -35.17 -15.40
N ASP C 34 -26.40 -34.33 -16.21
CA ASP C 34 -27.11 -33.46 -17.14
C ASP C 34 -27.97 -34.25 -18.11
N GLU C 35 -27.42 -35.32 -18.69
CA GLU C 35 -28.17 -36.14 -19.61
C GLU C 35 -29.41 -36.75 -18.98
N GLN C 36 -29.45 -36.90 -17.66
CA GLN C 36 -30.62 -37.40 -16.98
C GLN C 36 -31.60 -36.30 -16.63
N ASN C 37 -31.10 -35.13 -16.22
CA ASN C 37 -31.98 -34.01 -15.91
C ASN C 37 -32.74 -33.55 -17.13
N LEU C 38 -32.14 -33.68 -18.32
CA LEU C 38 -32.84 -33.37 -19.56
C LEU C 38 -33.73 -34.53 -19.99
N LEU C 39 -33.27 -35.76 -19.79
CA LEU C 39 -34.12 -36.91 -20.02
C LEU C 39 -35.29 -36.93 -19.06
N GLN C 40 -35.10 -36.41 -17.86
CA GLN C 40 -36.20 -36.26 -16.92
C GLN C 40 -37.29 -35.36 -17.47
N GLN C 41 -36.91 -34.19 -17.99
CA GLN C 41 -37.88 -33.29 -18.59
C GLN C 41 -38.44 -33.83 -19.89
N LYS C 42 -37.72 -34.73 -20.55
CA LYS C 42 -38.20 -35.31 -21.79
C LYS C 42 -39.37 -36.25 -21.54
N ARG C 43 -39.20 -37.19 -20.61
CA ARG C 43 -40.22 -38.19 -20.34
C ARG C 43 -41.43 -37.62 -19.61
N ILE C 44 -41.31 -36.43 -19.04
CA ILE C 44 -42.50 -35.70 -18.60
C ILE C 44 -43.30 -35.27 -19.81
N TRP C 45 -42.63 -34.70 -20.81
CA TRP C 45 -43.32 -34.29 -22.04
C TRP C 45 -43.83 -35.51 -22.81
N GLU C 46 -43.11 -36.62 -22.75
CA GLU C 46 -43.58 -37.88 -23.35
C GLU C 46 -44.43 -38.67 -22.36
N SER C 47 -45.42 -38.00 -21.78
CA SER C 47 -46.40 -38.67 -20.94
C SER C 47 -47.56 -37.72 -20.68
N PRO C 48 -48.82 -38.15 -20.81
CA PRO C 48 -49.92 -37.25 -20.42
C PRO C 48 -50.08 -37.13 -18.91
N LEU C 49 -49.65 -38.12 -18.14
CA LEU C 49 -49.82 -38.08 -16.69
C LEU C 49 -48.78 -37.20 -16.03
N LEU C 50 -47.50 -37.47 -16.27
CA LEU C 50 -46.42 -36.71 -15.66
C LEU C 50 -46.45 -35.24 -16.07
N LEU C 51 -47.03 -34.91 -17.22
CA LEU C 51 -47.16 -33.52 -17.62
C LEU C 51 -48.24 -32.82 -16.82
N ALA C 52 -49.42 -33.45 -16.70
CA ALA C 52 -50.53 -32.84 -15.98
C ALA C 52 -50.15 -32.53 -14.54
N ALA C 53 -49.31 -33.36 -13.94
CA ALA C 53 -48.82 -33.07 -12.60
C ALA C 53 -47.93 -31.84 -12.58
N LYS C 54 -47.07 -31.70 -13.58
CA LYS C 54 -46.11 -30.60 -13.59
C LYS C 54 -46.78 -29.25 -13.64
N ASP C 55 -47.90 -29.15 -14.35
CA ASP C 55 -48.58 -27.88 -14.60
C ASP C 55 -49.94 -27.78 -13.92
N ASN C 56 -50.35 -28.80 -13.16
CA ASN C 56 -51.50 -28.70 -12.27
C ASN C 56 -52.80 -28.58 -13.05
N ASP C 57 -52.94 -29.38 -14.08
CA ASP C 57 -54.19 -29.45 -14.86
C ASP C 57 -55.05 -30.56 -14.24
N VAL C 58 -55.78 -30.21 -13.18
CA VAL C 58 -56.59 -31.21 -12.49
C VAL C 58 -57.74 -31.68 -13.37
N GLN C 59 -58.34 -30.79 -14.16
CA GLN C 59 -59.48 -31.18 -14.98
C GLN C 59 -59.09 -32.18 -16.05
N ALA C 60 -57.89 -32.07 -16.60
CA ALA C 60 -57.37 -33.04 -17.54
C ALA C 60 -56.67 -34.21 -16.85
N LEU C 61 -56.54 -34.18 -15.53
CA LEU C 61 -55.93 -35.26 -14.78
C LEU C 61 -56.97 -36.26 -14.30
N ASN C 62 -58.10 -35.77 -13.77
CA ASN C 62 -59.22 -36.64 -13.46
C ASN C 62 -59.67 -37.44 -14.68
N LYS C 63 -59.62 -36.82 -15.86
CA LYS C 63 -59.93 -37.52 -17.10
C LYS C 63 -59.02 -38.72 -17.30
N LEU C 64 -57.74 -38.60 -16.95
CA LEU C 64 -56.79 -39.68 -17.18
C LEU C 64 -56.89 -40.78 -16.14
N LEU C 65 -57.07 -40.42 -14.87
CA LEU C 65 -57.15 -41.44 -13.82
C LEU C 65 -58.47 -42.19 -13.86
N LYS C 66 -59.53 -41.55 -14.34
CA LYS C 66 -60.84 -42.18 -14.40
C LYS C 66 -60.99 -43.08 -15.64
N TYR C 67 -60.23 -42.80 -16.69
CA TYR C 67 -60.46 -43.47 -17.98
C TYR C 67 -60.18 -44.97 -17.88
N GLU C 68 -59.14 -45.35 -17.15
CA GLU C 68 -58.66 -46.71 -17.14
C GLU C 68 -57.78 -46.85 -15.91
N ASP C 69 -57.68 -48.08 -15.38
CA ASP C 69 -56.83 -48.29 -14.22
C ASP C 69 -55.38 -48.20 -14.68
N CYS C 70 -54.93 -46.97 -14.92
CA CYS C 70 -53.78 -46.73 -15.76
C CYS C 70 -52.50 -47.20 -15.08
N LYS C 71 -51.40 -47.08 -15.81
CA LYS C 71 -50.07 -47.15 -15.22
C LYS C 71 -49.88 -45.87 -14.41
N VAL C 72 -50.18 -45.96 -13.12
CA VAL C 72 -49.82 -44.89 -12.18
C VAL C 72 -48.39 -45.04 -11.69
N HIS C 73 -47.76 -46.18 -11.92
CA HIS C 73 -46.37 -46.41 -11.60
C HIS C 73 -45.43 -46.01 -12.73
N GLN C 74 -45.84 -45.06 -13.59
CA GLN C 74 -44.93 -44.51 -14.58
C GLN C 74 -43.76 -43.85 -13.88
N ARG C 75 -42.55 -44.30 -14.21
CA ARG C 75 -41.33 -43.80 -13.61
C ARG C 75 -40.48 -43.16 -14.68
N GLY C 76 -40.20 -41.87 -14.52
CA GLY C 76 -39.39 -41.14 -15.47
C GLY C 76 -37.93 -41.52 -15.39
N ALA C 77 -37.05 -40.58 -15.72
CA ALA C 77 -35.63 -40.89 -15.79
C ALA C 77 -35.05 -41.17 -14.41
N MET C 78 -35.38 -40.33 -13.44
CA MET C 78 -34.87 -40.49 -12.08
C MET C 78 -35.65 -41.52 -11.28
N GLY C 79 -36.60 -42.23 -11.90
CA GLY C 79 -37.35 -43.25 -11.20
C GLY C 79 -38.55 -42.73 -10.44
N GLU C 80 -39.04 -41.57 -10.79
CA GLU C 80 -40.03 -40.86 -9.99
C GLU C 80 -41.42 -41.01 -10.57
N THR C 81 -42.39 -41.13 -9.67
CA THR C 81 -43.79 -41.24 -10.02
C THR C 81 -44.40 -39.84 -10.12
N ALA C 82 -45.68 -39.78 -10.46
CA ALA C 82 -46.36 -38.51 -10.63
C ALA C 82 -46.41 -37.70 -9.34
N LEU C 83 -46.33 -38.35 -8.19
CA LEU C 83 -46.45 -37.64 -6.93
C LEU C 83 -45.20 -36.83 -6.60
N HIS C 84 -44.03 -37.36 -6.94
CA HIS C 84 -42.79 -36.61 -6.79
C HIS C 84 -42.86 -35.30 -7.58
N ILE C 85 -43.41 -35.37 -8.79
CA ILE C 85 -43.38 -34.23 -9.70
C ILE C 85 -44.41 -33.19 -9.27
N ALA C 86 -45.57 -33.63 -8.79
CA ALA C 86 -46.53 -32.69 -8.22
C ALA C 86 -45.94 -31.98 -7.02
N ALA C 87 -45.10 -32.67 -6.25
CA ALA C 87 -44.47 -32.10 -5.07
C ALA C 87 -43.21 -31.33 -5.41
N LEU C 88 -42.54 -31.68 -6.51
CA LEU C 88 -41.31 -31.00 -6.88
C LEU C 88 -41.58 -29.60 -7.42
N TYR C 89 -42.76 -29.39 -8.01
CA TYR C 89 -43.13 -28.09 -8.59
C TYR C 89 -44.20 -27.38 -7.77
N ASP C 90 -44.40 -27.79 -6.52
CA ASP C 90 -45.33 -27.13 -5.61
C ASP C 90 -46.75 -27.16 -6.14
N ASN C 91 -47.13 -28.28 -6.73
CA ASN C 91 -48.48 -28.49 -7.26
C ASN C 91 -49.28 -29.25 -6.22
N LEU C 92 -49.86 -28.50 -5.29
CA LEU C 92 -50.67 -29.09 -4.23
C LEU C 92 -51.90 -29.79 -4.78
N GLU C 93 -52.56 -29.17 -5.76
CA GLU C 93 -53.85 -29.67 -6.22
C GLU C 93 -53.69 -30.95 -7.02
N ALA C 94 -52.61 -31.07 -7.78
CA ALA C 94 -52.35 -32.31 -8.49
C ALA C 94 -52.02 -33.45 -7.55
N ALA C 95 -51.24 -33.17 -6.50
CA ALA C 95 -50.74 -34.23 -5.64
C ALA C 95 -51.88 -34.93 -4.89
N MET C 96 -52.93 -34.19 -4.52
CA MET C 96 -54.06 -34.82 -3.85
C MET C 96 -54.73 -35.85 -4.75
N VAL C 97 -54.89 -35.53 -6.03
CA VAL C 97 -55.60 -36.43 -6.94
C VAL C 97 -54.87 -37.75 -7.07
N LEU C 98 -53.53 -37.70 -7.13
CA LEU C 98 -52.76 -38.94 -7.17
C LEU C 98 -52.95 -39.75 -5.88
N MET C 99 -53.04 -39.06 -4.74
CA MET C 99 -53.21 -39.77 -3.48
C MET C 99 -54.64 -40.27 -3.30
N GLU C 100 -55.61 -39.59 -3.90
CA GLU C 100 -56.98 -40.08 -3.86
C GLU C 100 -57.18 -41.27 -4.79
N ALA C 101 -56.65 -41.18 -6.01
CA ALA C 101 -56.81 -42.25 -6.97
C ALA C 101 -56.15 -43.53 -6.48
N ALA C 102 -54.84 -43.50 -6.31
CA ALA C 102 -54.06 -44.65 -5.83
C ALA C 102 -53.32 -44.21 -4.57
N PRO C 103 -53.71 -44.67 -3.38
CA PRO C 103 -52.92 -44.33 -2.18
C PRO C 103 -51.54 -44.96 -2.13
N GLU C 104 -51.21 -45.86 -3.05
CA GLU C 104 -49.92 -46.54 -3.00
C GLU C 104 -48.75 -45.65 -3.40
N LEU C 105 -48.99 -44.42 -3.84
CA LEU C 105 -47.91 -43.60 -4.37
C LEU C 105 -47.05 -43.01 -3.28
N VAL C 106 -47.63 -42.69 -2.12
CA VAL C 106 -46.88 -42.07 -1.03
C VAL C 106 -45.73 -42.94 -0.55
N PHE C 107 -45.88 -44.26 -0.63
CA PHE C 107 -44.86 -45.21 -0.20
C PHE C 107 -43.78 -45.45 -1.25
N GLU C 108 -43.82 -44.76 -2.37
CA GLU C 108 -42.95 -45.07 -3.49
C GLU C 108 -41.72 -44.17 -3.46
N PRO C 109 -40.52 -44.68 -3.25
CA PRO C 109 -39.32 -43.85 -3.41
C PRO C 109 -38.86 -43.81 -4.85
N MET C 110 -38.00 -42.84 -5.13
CA MET C 110 -37.27 -42.84 -6.38
C MET C 110 -36.29 -44.00 -6.41
N THR C 111 -36.09 -44.56 -7.61
CA THR C 111 -35.33 -45.78 -7.79
C THR C 111 -33.98 -45.56 -8.45
N SER C 112 -33.73 -44.38 -8.98
CA SER C 112 -32.46 -44.12 -9.65
C SER C 112 -31.32 -44.07 -8.65
N GLU C 113 -30.12 -44.36 -9.15
CA GLU C 113 -28.91 -44.28 -8.35
C GLU C 113 -28.66 -42.87 -7.81
N LEU C 114 -29.23 -41.85 -8.45
CA LEU C 114 -28.88 -40.48 -8.12
C LEU C 114 -29.72 -39.95 -6.96
N TYR C 115 -31.04 -40.13 -7.04
CA TYR C 115 -31.99 -39.67 -6.04
C TYR C 115 -32.62 -40.83 -5.31
N GLU C 116 -31.84 -41.88 -5.06
CA GLU C 116 -32.35 -43.13 -4.49
C GLU C 116 -33.01 -42.90 -3.14
N GLY C 117 -34.11 -43.62 -2.92
CA GLY C 117 -34.81 -43.62 -1.66
C GLY C 117 -35.73 -42.44 -1.44
N GLN C 118 -35.53 -41.35 -2.15
CA GLN C 118 -36.30 -40.14 -1.91
C GLN C 118 -37.76 -40.36 -2.25
N THR C 119 -38.63 -39.89 -1.37
CA THR C 119 -40.07 -40.02 -1.48
C THR C 119 -40.68 -38.66 -1.78
N ALA C 120 -42.00 -38.62 -1.83
CA ALA C 120 -42.70 -37.35 -1.95
C ALA C 120 -42.63 -36.54 -0.68
N LEU C 121 -42.41 -37.19 0.47
CA LEU C 121 -42.38 -36.47 1.73
C LEU C 121 -41.12 -35.63 1.85
N HIS C 122 -39.97 -36.22 1.52
CA HIS C 122 -38.72 -35.47 1.49
C HIS C 122 -38.84 -34.22 0.63
N ILE C 123 -39.57 -34.30 -0.48
CA ILE C 123 -39.62 -33.17 -1.41
C ILE C 123 -40.47 -32.04 -0.85
N ALA C 124 -41.65 -32.38 -0.31
CA ALA C 124 -42.53 -31.35 0.21
C ALA C 124 -41.90 -30.60 1.37
N VAL C 125 -41.09 -31.29 2.17
CA VAL C 125 -40.38 -30.66 3.27
C VAL C 125 -39.43 -29.60 2.75
N VAL C 126 -38.64 -29.94 1.73
CA VAL C 126 -37.61 -29.03 1.24
C VAL C 126 -38.26 -27.82 0.58
N ASN C 127 -39.35 -28.02 -0.14
CA ASN C 127 -40.08 -26.90 -0.72
C ASN C 127 -41.00 -26.20 0.28
N GLN C 128 -41.06 -26.68 1.52
CA GLN C 128 -41.81 -26.01 2.58
C GLN C 128 -43.30 -25.93 2.28
N ASN C 129 -43.82 -26.88 1.51
CA ASN C 129 -45.24 -26.88 1.19
C ASN C 129 -45.98 -27.42 2.41
N MET C 130 -46.43 -26.49 3.26
CA MET C 130 -46.97 -26.87 4.57
C MET C 130 -48.26 -27.66 4.43
N ASN C 131 -49.11 -27.30 3.47
CA ASN C 131 -50.41 -27.95 3.33
C ASN C 131 -50.30 -29.30 2.63
N LEU C 132 -49.25 -29.52 1.84
CA LEU C 132 -49.06 -30.81 1.19
C LEU C 132 -48.44 -31.81 2.15
N VAL C 133 -47.48 -31.38 2.96
CA VAL C 133 -46.79 -32.30 3.85
C VAL C 133 -47.77 -32.86 4.89
N ARG C 134 -48.69 -32.03 5.39
CA ARG C 134 -49.70 -32.53 6.32
C ARG C 134 -50.50 -33.66 5.72
N ALA C 135 -50.73 -33.64 4.40
CA ALA C 135 -51.53 -34.67 3.76
C ALA C 135 -50.79 -36.00 3.72
N LEU C 136 -49.52 -35.98 3.33
CA LEU C 136 -48.77 -37.22 3.21
C LEU C 136 -48.58 -37.90 4.56
N LEU C 137 -48.51 -37.12 5.64
CA LEU C 137 -48.52 -37.71 6.96
C LEU C 137 -49.90 -38.28 7.28
N ALA C 138 -50.97 -37.57 6.90
CA ALA C 138 -52.31 -38.12 7.01
C ALA C 138 -52.47 -39.37 6.17
N ARG C 139 -51.69 -39.51 5.10
CA ARG C 139 -51.58 -40.76 4.35
C ARG C 139 -50.45 -41.64 4.87
N ARG C 140 -50.18 -41.57 6.17
CA ARG C 140 -49.31 -42.49 6.92
C ARG C 140 -47.98 -42.73 6.22
N ALA C 141 -47.43 -41.68 5.63
CA ALA C 141 -46.14 -41.76 4.98
C ALA C 141 -45.02 -41.94 6.00
N SER C 142 -44.02 -42.73 5.62
CA SER C 142 -42.91 -43.03 6.51
C SER C 142 -42.04 -41.80 6.71
N VAL C 143 -41.73 -41.48 7.96
CA VAL C 143 -40.83 -40.40 8.31
C VAL C 143 -39.43 -40.92 8.59
N SER C 144 -39.22 -42.23 8.38
CA SER C 144 -37.92 -42.87 8.57
C SER C 144 -37.28 -43.25 7.24
N ALA C 145 -37.78 -42.72 6.13
CA ALA C 145 -37.26 -43.12 4.83
C ALA C 145 -35.92 -42.43 4.57
N ARG C 146 -34.97 -43.19 4.06
CA ARG C 146 -33.57 -42.80 4.02
C ARG C 146 -33.17 -42.48 2.59
N ALA C 147 -33.06 -41.20 2.29
CA ALA C 147 -32.65 -40.74 0.96
C ALA C 147 -31.16 -41.00 0.79
N THR C 148 -30.85 -42.16 0.21
CA THR C 148 -29.49 -42.67 0.10
C THR C 148 -28.78 -42.20 -1.16
N GLY C 149 -29.49 -41.58 -2.09
CA GLY C 149 -28.93 -41.31 -3.41
C GLY C 149 -27.70 -40.43 -3.36
N THR C 150 -26.94 -40.51 -4.46
CA THR C 150 -25.68 -39.80 -4.58
C THR C 150 -25.84 -38.29 -4.53
N ALA C 151 -27.01 -37.78 -4.89
CA ALA C 151 -27.23 -36.34 -4.91
C ALA C 151 -27.34 -35.74 -3.53
N PHE C 152 -27.46 -36.57 -2.48
CA PHE C 152 -27.61 -36.09 -1.12
C PHE C 152 -26.37 -36.29 -0.26
N ARG C 153 -25.46 -37.15 -0.67
CA ARG C 153 -24.25 -37.40 0.10
C ARG C 153 -23.40 -36.13 0.16
N ARG C 154 -22.56 -36.07 1.18
CA ARG C 154 -21.67 -34.93 1.32
C ARG C 154 -20.56 -35.02 0.30
N SER C 155 -20.44 -34.00 -0.52
CA SER C 155 -19.48 -34.01 -1.60
C SER C 155 -19.41 -32.61 -2.22
N PRO C 156 -18.26 -32.19 -2.75
CA PRO C 156 -18.22 -30.92 -3.48
C PRO C 156 -18.99 -30.95 -4.78
N CYS C 157 -19.30 -32.13 -5.30
CA CYS C 157 -20.15 -32.26 -6.48
C CYS C 157 -21.59 -31.89 -6.20
N ASN C 158 -22.01 -31.86 -4.94
CA ASN C 158 -23.37 -31.52 -4.56
C ASN C 158 -23.37 -30.17 -3.84
N LEU C 159 -24.36 -29.36 -4.16
CA LEU C 159 -24.47 -28.02 -3.59
C LEU C 159 -25.15 -28.02 -2.23
N ILE C 160 -25.67 -29.15 -1.78
CA ILE C 160 -26.43 -29.26 -0.54
C ILE C 160 -26.05 -30.55 0.16
N TYR C 161 -25.97 -30.49 1.49
CA TYR C 161 -25.92 -31.67 2.34
C TYR C 161 -27.00 -31.48 3.40
N PHE C 162 -28.20 -31.91 3.08
CA PHE C 162 -29.33 -31.83 3.98
C PHE C 162 -29.52 -33.09 4.80
N GLY C 163 -28.70 -34.11 4.59
CA GLY C 163 -28.78 -35.33 5.35
C GLY C 163 -29.42 -36.47 4.60
N GLU C 164 -30.19 -37.29 5.31
CA GLU C 164 -30.75 -38.50 4.74
C GLU C 164 -32.19 -38.78 5.18
N HIS C 165 -32.75 -37.99 6.08
CA HIS C 165 -34.08 -38.23 6.64
C HIS C 165 -34.94 -37.00 6.43
N PRO C 166 -36.27 -37.13 6.58
CA PRO C 166 -37.12 -35.96 6.38
C PRO C 166 -36.87 -34.84 7.36
N LEU C 167 -36.59 -35.18 8.62
CA LEU C 167 -36.31 -34.16 9.63
C LEU C 167 -35.02 -33.44 9.34
N SER C 168 -34.00 -34.16 8.90
CA SER C 168 -32.74 -33.52 8.55
C SER C 168 -32.92 -32.58 7.36
N PHE C 169 -33.90 -32.86 6.49
CA PHE C 169 -34.21 -31.94 5.40
C PHE C 169 -34.98 -30.73 5.90
N ALA C 170 -35.94 -30.96 6.81
CA ALA C 170 -36.70 -29.86 7.38
C ALA C 170 -35.82 -28.89 8.14
N ALA C 171 -34.88 -29.41 8.91
CA ALA C 171 -34.08 -28.59 9.79
C ALA C 171 -33.10 -27.70 9.05
N CYS C 172 -32.69 -28.09 7.85
CA CYS C 172 -31.69 -27.36 7.10
C CYS C 172 -32.29 -26.32 6.17
N VAL C 173 -33.59 -26.43 5.87
CA VAL C 173 -34.33 -25.34 5.22
C VAL C 173 -34.91 -24.35 6.21
N ASN C 174 -34.74 -24.58 7.51
CA ASN C 174 -35.28 -23.72 8.56
C ASN C 174 -36.80 -23.60 8.48
N SER C 175 -37.46 -24.72 8.73
CA SER C 175 -38.91 -24.76 8.89
C SER C 175 -39.20 -25.27 10.30
N GLU C 176 -39.32 -24.34 11.25
CA GLU C 176 -39.65 -24.72 12.62
C GLU C 176 -40.96 -25.49 12.68
N GLU C 177 -41.90 -25.16 11.79
CA GLU C 177 -43.21 -25.79 11.84
C GLU C 177 -43.14 -27.24 11.43
N ILE C 178 -42.48 -27.54 10.31
CA ILE C 178 -42.42 -28.91 9.83
C ILE C 178 -41.53 -29.77 10.72
N VAL C 179 -40.50 -29.19 11.33
CA VAL C 179 -39.62 -29.96 12.20
C VAL C 179 -40.39 -30.43 13.42
N ARG C 180 -41.21 -29.56 13.99
CA ARG C 180 -42.12 -29.99 15.04
C ARG C 180 -43.09 -31.04 14.50
N LEU C 181 -43.74 -30.75 13.38
CA LEU C 181 -44.82 -31.60 12.88
C LEU C 181 -44.36 -33.02 12.61
N LEU C 182 -43.11 -33.21 12.24
CA LEU C 182 -42.59 -34.56 12.04
C LEU C 182 -42.33 -35.27 13.35
N ILE C 183 -42.21 -34.54 14.46
CA ILE C 183 -41.87 -35.18 15.73
C ILE C 183 -43.12 -35.77 16.39
N GLU C 184 -44.29 -35.15 16.20
CA GLU C 184 -45.51 -35.79 16.68
C GLU C 184 -45.80 -37.10 15.98
N HIS C 185 -45.30 -37.28 14.76
CA HIS C 185 -45.54 -38.47 13.97
C HIS C 185 -44.44 -39.52 14.10
N GLY C 186 -43.49 -39.32 15.02
CA GLY C 186 -42.53 -40.35 15.34
C GLY C 186 -41.24 -40.27 14.54
N ALA C 187 -40.64 -39.08 14.49
CA ALA C 187 -39.37 -38.88 13.82
C ALA C 187 -38.23 -39.02 14.81
N ASP C 188 -37.46 -40.10 14.69
CA ASP C 188 -36.34 -40.32 15.59
C ASP C 188 -35.27 -39.27 15.35
N ILE C 189 -35.02 -38.44 16.36
CA ILE C 189 -33.98 -37.42 16.23
C ILE C 189 -32.60 -38.06 16.22
N ARG C 190 -32.46 -39.26 16.79
CA ARG C 190 -31.19 -39.95 16.88
C ARG C 190 -30.82 -40.70 15.62
N ALA C 191 -31.55 -40.50 14.53
CA ALA C 191 -31.26 -41.19 13.30
C ALA C 191 -30.04 -40.56 12.64
N GLN C 192 -29.14 -41.42 12.16
CA GLN C 192 -27.86 -41.01 11.62
C GLN C 192 -27.78 -41.31 10.12
N ASP C 193 -26.87 -40.62 9.46
CA ASP C 193 -26.63 -40.79 8.04
C ASP C 193 -25.73 -42.01 7.84
N SER C 194 -25.27 -42.19 6.60
CA SER C 194 -24.21 -43.15 6.34
C SER C 194 -22.90 -42.73 6.99
N LEU C 195 -22.69 -41.43 7.17
CA LEU C 195 -21.50 -40.91 7.82
C LEU C 195 -21.65 -40.82 9.33
N GLY C 196 -22.79 -41.24 9.89
CA GLY C 196 -23.01 -41.18 11.31
C GLY C 196 -23.57 -39.88 11.82
N ASN C 197 -23.60 -38.84 10.99
CA ASN C 197 -24.05 -37.53 11.41
C ASN C 197 -25.55 -37.53 11.67
N THR C 198 -25.93 -37.38 12.93
CA THR C 198 -27.31 -37.09 13.27
C THR C 198 -27.61 -35.63 12.88
N VAL C 199 -28.86 -35.22 13.10
CA VAL C 199 -29.29 -33.90 12.65
C VAL C 199 -28.53 -32.78 13.34
N LEU C 200 -27.93 -33.05 14.49
CA LEU C 200 -27.20 -32.01 15.20
C LEU C 200 -25.86 -31.70 14.54
N HIS C 201 -25.24 -32.70 13.88
CA HIS C 201 -24.00 -32.46 13.15
C HIS C 201 -24.26 -31.67 11.88
N ILE C 202 -25.38 -31.95 11.22
CA ILE C 202 -25.65 -31.39 9.90
C ILE C 202 -25.80 -29.89 9.97
N LEU C 203 -26.57 -29.40 10.94
CA LEU C 203 -26.82 -27.98 11.09
C LEU C 203 -25.54 -27.18 11.26
N ILE C 204 -24.46 -27.82 11.70
CA ILE C 204 -23.17 -27.18 11.77
C ILE C 204 -22.53 -27.09 10.39
N LEU C 205 -22.89 -27.99 9.49
CA LEU C 205 -22.29 -28.06 8.17
C LEU C 205 -22.99 -27.19 7.14
N GLN C 206 -23.93 -26.37 7.54
CA GLN C 206 -24.70 -25.57 6.63
C GLN C 206 -24.06 -24.21 6.43
N PRO C 207 -24.34 -23.52 5.32
CA PRO C 207 -23.71 -22.20 5.10
C PRO C 207 -24.34 -21.09 5.90
N ASN C 208 -25.61 -21.20 6.26
CA ASN C 208 -26.33 -20.15 6.98
C ASN C 208 -26.27 -20.47 8.47
N LYS C 209 -25.48 -19.68 9.19
CA LYS C 209 -25.20 -19.95 10.60
C LYS C 209 -26.34 -19.47 11.50
N THR C 210 -26.85 -18.26 11.24
CA THR C 210 -27.79 -17.63 12.15
C THR C 210 -29.09 -18.42 12.27
N PHE C 211 -29.59 -18.97 11.18
CA PHE C 211 -30.77 -19.82 11.24
C PHE C 211 -30.46 -21.21 11.82
N ALA C 212 -29.18 -21.57 11.96
CA ALA C 212 -28.82 -22.90 12.41
C ALA C 212 -28.69 -22.98 13.92
N CYS C 213 -28.37 -21.86 14.58
CA CYS C 213 -28.27 -21.86 16.04
C CYS C 213 -29.65 -21.97 16.67
N GLN C 214 -30.67 -21.40 16.04
CA GLN C 214 -32.02 -21.46 16.59
C GLN C 214 -32.61 -22.85 16.44
N MET C 215 -32.24 -23.58 15.40
CA MET C 215 -32.71 -24.94 15.23
C MET C 215 -31.95 -25.91 16.12
N TYR C 216 -30.68 -25.60 16.42
CA TYR C 216 -29.93 -26.38 17.39
C TYR C 216 -30.63 -26.41 18.73
N ASN C 217 -31.10 -25.25 19.19
CA ASN C 217 -31.81 -25.19 20.45
C ASN C 217 -33.12 -25.96 20.41
N LEU C 218 -33.87 -25.81 19.30
CA LEU C 218 -35.19 -26.41 19.22
C LEU C 218 -35.12 -27.93 19.26
N LEU C 219 -34.12 -28.52 18.63
CA LEU C 219 -34.10 -29.96 18.48
C LEU C 219 -33.65 -30.67 19.74
N LEU C 220 -32.86 -30.00 20.58
CA LEU C 220 -32.49 -30.57 21.87
C LEU C 220 -33.66 -30.52 22.84
N SER C 221 -34.51 -29.50 22.72
CA SER C 221 -35.72 -29.41 23.53
C SER C 221 -36.58 -30.66 23.43
N TYR C 222 -36.56 -31.31 22.27
CA TYR C 222 -37.28 -32.56 22.07
C TYR C 222 -36.45 -33.78 22.45
N ASP C 223 -35.39 -33.60 23.23
CA ASP C 223 -34.62 -34.67 23.85
C ASP C 223 -35.01 -34.81 25.33
N ARG C 224 -36.31 -34.77 25.61
CA ARG C 224 -36.79 -34.58 26.98
C ARG C 224 -36.53 -35.79 27.88
N HIS C 225 -36.75 -36.99 27.38
CA HIS C 225 -36.89 -38.16 28.25
C HIS C 225 -35.52 -38.56 28.81
N GLY C 226 -35.47 -38.74 30.12
CA GLY C 226 -34.23 -38.84 30.84
C GLY C 226 -33.37 -40.06 30.50
N ASP C 227 -33.95 -41.07 29.85
CA ASP C 227 -33.27 -42.33 29.60
C ASP C 227 -32.86 -42.35 28.13
N HIS C 228 -31.65 -41.83 27.86
CA HIS C 228 -31.19 -41.65 26.50
C HIS C 228 -29.79 -42.21 26.20
N LEU C 229 -28.95 -42.49 27.19
CA LEU C 229 -27.72 -43.24 26.93
C LEU C 229 -26.80 -42.51 25.93
N GLN C 230 -26.06 -41.49 26.39
CA GLN C 230 -25.32 -40.51 25.60
C GLN C 230 -26.26 -39.56 24.86
N PRO C 231 -26.82 -38.56 25.56
CA PRO C 231 -27.67 -37.54 24.91
C PRO C 231 -27.09 -36.97 23.62
N LEU C 232 -27.97 -36.35 22.83
CA LEU C 232 -27.73 -36.12 21.41
C LEU C 232 -26.40 -35.43 21.13
N ASP C 233 -26.15 -34.33 21.82
CA ASP C 233 -24.95 -33.55 21.55
C ASP C 233 -23.67 -34.19 22.08
N LEU C 234 -23.74 -35.43 22.58
CA LEU C 234 -22.58 -36.27 22.84
C LEU C 234 -22.55 -37.51 21.96
N VAL C 235 -23.39 -37.57 20.93
CA VAL C 235 -23.41 -38.69 19.99
C VAL C 235 -22.38 -38.40 18.90
N PRO C 236 -21.33 -39.21 18.74
CA PRO C 236 -20.38 -38.96 17.67
C PRO C 236 -20.79 -39.58 16.35
N ASN C 237 -20.14 -39.10 15.29
CA ASN C 237 -20.29 -39.66 13.96
C ASN C 237 -19.26 -40.76 13.77
N HIS C 238 -19.10 -41.21 12.53
CA HIS C 238 -18.18 -42.30 12.24
C HIS C 238 -16.73 -41.86 12.20
N GLN C 239 -16.44 -40.60 12.48
CA GLN C 239 -15.10 -40.13 12.78
C GLN C 239 -14.88 -39.89 14.27
N GLY C 240 -15.86 -40.20 15.10
CA GLY C 240 -15.76 -39.96 16.52
C GLY C 240 -16.09 -38.55 16.96
N LEU C 241 -16.28 -37.63 16.04
CA LEU C 241 -16.48 -36.24 16.38
C LEU C 241 -17.90 -35.99 16.86
N THR C 242 -18.03 -35.28 17.97
CA THR C 242 -19.31 -34.78 18.45
C THR C 242 -19.63 -33.49 17.72
N PRO C 243 -20.85 -32.95 17.91
CA PRO C 243 -21.15 -31.67 17.27
C PRO C 243 -20.26 -30.55 17.74
N PHE C 244 -19.80 -30.59 18.98
CA PHE C 244 -18.91 -29.57 19.48
C PHE C 244 -17.58 -29.61 18.74
N LYS C 245 -16.96 -30.79 18.66
CA LYS C 245 -15.69 -30.91 17.97
C LYS C 245 -15.84 -30.71 16.47
N LEU C 246 -16.99 -31.06 15.90
CA LEU C 246 -17.20 -30.83 14.48
C LEU C 246 -17.29 -29.35 14.17
N ALA C 247 -17.80 -28.55 15.10
CA ALA C 247 -17.90 -27.12 14.89
C ALA C 247 -16.54 -26.47 14.75
N GLY C 248 -15.53 -27.01 15.42
CA GLY C 248 -14.21 -26.45 15.35
C GLY C 248 -13.45 -26.86 14.10
N VAL C 249 -13.61 -28.11 13.72
CA VAL C 249 -12.95 -28.63 12.53
C VAL C 249 -13.43 -27.90 11.29
N GLU C 250 -14.70 -27.53 11.26
CA GLU C 250 -15.30 -26.87 10.12
C GLU C 250 -15.20 -25.35 10.19
N GLY C 251 -14.73 -24.80 11.30
CA GLY C 251 -14.55 -23.37 11.39
C GLY C 251 -15.82 -22.60 11.65
N ASN C 252 -16.82 -23.24 12.23
CA ASN C 252 -18.09 -22.57 12.50
C ASN C 252 -17.96 -21.87 13.84
N THR C 253 -17.43 -20.65 13.78
CA THR C 253 -17.20 -19.86 14.99
C THR C 253 -18.52 -19.53 15.69
N VAL C 254 -19.59 -19.37 14.92
CA VAL C 254 -20.87 -18.98 15.47
C VAL C 254 -21.38 -20.05 16.42
N MET C 255 -21.35 -21.30 15.96
CA MET C 255 -21.86 -22.43 16.72
C MET C 255 -20.89 -22.90 17.78
N PHE C 256 -19.58 -22.74 17.56
CA PHE C 256 -18.64 -23.06 18.61
C PHE C 256 -18.92 -22.24 19.85
N GLN C 257 -19.13 -20.93 19.68
CA GLN C 257 -19.54 -20.09 20.79
C GLN C 257 -20.87 -20.57 21.36
N HIS C 258 -21.86 -20.83 20.51
CA HIS C 258 -23.19 -21.14 21.01
C HIS C 258 -23.21 -22.45 21.77
N LEU C 259 -22.40 -23.42 21.35
CA LEU C 259 -22.31 -24.69 22.04
C LEU C 259 -21.43 -24.62 23.27
N MET C 260 -20.83 -23.47 23.55
CA MET C 260 -19.87 -23.33 24.64
C MET C 260 -20.51 -22.83 25.92
N GLN C 261 -21.66 -22.15 25.84
CA GLN C 261 -22.38 -21.74 27.05
C GLN C 261 -22.90 -22.92 27.84
N LYS C 262 -23.00 -24.09 27.23
CA LYS C 262 -23.30 -25.29 27.98
C LYS C 262 -22.16 -25.71 28.89
N ARG C 263 -20.95 -25.21 28.61
CA ARG C 263 -19.77 -25.58 29.36
C ARG C 263 -19.31 -24.53 30.35
N LYS C 264 -19.69 -23.28 30.14
CA LYS C 264 -19.41 -22.22 31.09
C LYS C 264 -20.10 -22.47 32.42
N HIS C 265 -19.54 -21.85 33.46
CA HIS C 265 -20.21 -21.78 34.76
C HIS C 265 -19.74 -20.49 35.43
N THR C 266 -20.53 -19.43 35.28
CA THR C 266 -20.25 -18.15 35.90
C THR C 266 -20.24 -18.30 37.41
N GLN C 267 -19.07 -18.09 38.02
CA GLN C 267 -18.95 -18.21 39.47
C GLN C 267 -19.53 -17.00 40.17
N TRP C 268 -18.94 -15.84 39.95
CA TRP C 268 -19.29 -14.63 40.68
C TRP C 268 -19.17 -13.43 39.75
N THR C 269 -19.90 -12.37 40.09
CA THR C 269 -19.94 -11.15 39.32
C THR C 269 -19.88 -9.99 40.29
N TYR C 270 -18.80 -9.22 40.21
CA TYR C 270 -18.50 -8.12 41.14
C TYR C 270 -18.39 -6.86 40.29
N GLY C 271 -19.55 -6.26 40.00
CA GLY C 271 -19.61 -5.10 39.15
C GLY C 271 -19.21 -5.44 37.73
N PRO C 272 -18.12 -4.85 37.21
CA PRO C 272 -17.72 -5.15 35.84
C PRO C 272 -16.95 -6.45 35.67
N LEU C 273 -16.68 -7.18 36.76
CA LEU C 273 -15.90 -8.40 36.69
C LEU C 273 -16.79 -9.62 36.59
N THR C 274 -16.26 -10.65 35.94
CA THR C 274 -16.92 -11.93 35.80
C THR C 274 -15.85 -13.01 35.86
N SER C 275 -16.15 -14.10 36.56
CA SER C 275 -15.24 -15.24 36.71
C SER C 275 -15.94 -16.49 36.21
N THR C 276 -15.76 -16.78 34.92
CA THR C 276 -16.34 -17.98 34.33
C THR C 276 -15.37 -19.14 34.48
N LEU C 277 -15.94 -20.35 34.46
CA LEU C 277 -15.18 -21.57 34.70
C LEU C 277 -15.46 -22.53 33.53
N TYR C 278 -14.60 -22.49 32.52
CA TYR C 278 -14.74 -23.32 31.35
C TYR C 278 -14.33 -24.77 31.66
N ASP C 279 -14.70 -25.70 30.78
CA ASP C 279 -14.68 -27.12 31.11
C ASP C 279 -13.47 -27.86 30.53
N LEU C 280 -13.16 -27.64 29.26
CA LEU C 280 -11.91 -28.11 28.64
C LEU C 280 -11.81 -29.63 28.53
N THR C 281 -12.89 -30.36 28.77
CA THR C 281 -12.84 -31.80 28.65
C THR C 281 -12.65 -32.28 27.21
N GLU C 282 -13.19 -31.57 26.22
CA GLU C 282 -13.01 -31.92 24.82
C GLU C 282 -12.00 -31.05 24.10
N ILE C 283 -11.36 -30.11 24.79
CA ILE C 283 -10.46 -29.15 24.18
C ILE C 283 -9.03 -29.53 24.50
N ASP C 284 -8.81 -30.01 25.73
CA ASP C 284 -7.48 -30.32 26.20
C ASP C 284 -7.15 -31.78 25.93
N SER C 285 -5.86 -32.04 25.73
CA SER C 285 -5.36 -33.38 25.40
C SER C 285 -5.48 -34.28 26.62
N SER C 286 -6.54 -35.10 26.67
CA SER C 286 -6.65 -36.11 27.71
C SER C 286 -5.64 -37.23 27.49
N GLY C 287 -5.71 -37.88 26.34
CA GLY C 287 -4.78 -38.93 25.97
C GLY C 287 -5.41 -40.18 25.37
N ASP C 288 -6.74 -40.19 25.23
CA ASP C 288 -7.47 -41.33 24.68
C ASP C 288 -7.88 -41.10 23.22
N GLU C 289 -8.45 -39.94 22.93
CA GLU C 289 -8.83 -39.56 21.56
C GLU C 289 -8.26 -38.18 21.30
N GLN C 290 -8.04 -37.89 20.02
CA GLN C 290 -7.43 -36.61 19.64
C GLN C 290 -8.33 -35.44 20.05
N SER C 291 -7.77 -34.54 20.86
CA SER C 291 -8.52 -33.41 21.36
C SER C 291 -8.68 -32.35 20.28
N LEU C 292 -9.59 -31.41 20.54
CA LEU C 292 -9.97 -30.42 19.55
C LEU C 292 -8.79 -29.61 19.05
N LEU C 293 -7.79 -29.38 19.89
CA LEU C 293 -6.61 -28.65 19.43
C LEU C 293 -5.83 -29.47 18.42
N GLU C 294 -5.89 -30.79 18.53
CA GLU C 294 -5.23 -31.65 17.54
C GLU C 294 -6.02 -31.72 16.24
N LEU C 295 -7.34 -31.60 16.31
CA LEU C 295 -8.16 -31.69 15.12
C LEU C 295 -8.16 -30.40 14.31
N ILE C 296 -7.85 -29.26 14.93
CA ILE C 296 -7.82 -27.99 14.20
C ILE C 296 -6.50 -27.83 13.46
N ILE C 297 -5.43 -28.41 13.99
CA ILE C 297 -4.14 -28.37 13.31
C ILE C 297 -4.10 -29.40 12.20
N THR C 298 -4.75 -30.54 12.39
CA THR C 298 -4.72 -31.64 11.43
C THR C 298 -5.84 -31.58 10.43
N THR C 299 -6.30 -30.38 10.05
CA THR C 299 -7.30 -30.20 9.02
C THR C 299 -6.82 -29.13 8.05
N LYS C 300 -7.17 -29.30 6.78
CA LYS C 300 -6.68 -28.44 5.72
C LYS C 300 -7.34 -27.07 5.71
N LYS C 301 -8.46 -26.91 6.39
CA LYS C 301 -9.19 -25.66 6.36
C LYS C 301 -8.44 -24.57 7.11
N ARG C 302 -8.70 -23.33 6.72
CA ARG C 302 -8.19 -22.14 7.40
C ARG C 302 -9.27 -21.42 8.19
N GLU C 303 -10.53 -21.79 8.01
CA GLU C 303 -11.58 -21.26 8.87
C GLU C 303 -11.53 -21.91 10.24
N ALA C 304 -11.03 -23.15 10.31
CA ALA C 304 -10.88 -23.82 11.59
C ALA C 304 -9.83 -23.16 12.47
N ARG C 305 -8.85 -22.49 11.88
CA ARG C 305 -7.84 -21.82 12.66
C ARG C 305 -8.35 -20.55 13.31
N GLN C 306 -9.55 -20.07 12.95
CA GLN C 306 -10.16 -18.96 13.65
C GLN C 306 -10.57 -19.35 15.06
N ILE C 307 -10.76 -20.64 15.34
CA ILE C 307 -11.20 -21.10 16.63
C ILE C 307 -10.17 -20.84 17.71
N LEU C 308 -8.91 -20.69 17.33
CA LEU C 308 -7.85 -20.49 18.30
C LEU C 308 -7.86 -19.10 18.91
N ASP C 309 -8.74 -18.21 18.46
CA ASP C 309 -8.92 -16.88 19.02
C ASP C 309 -10.12 -16.81 19.97
N GLN C 310 -10.84 -17.90 20.18
CA GLN C 310 -12.02 -17.87 21.02
C GLN C 310 -11.66 -18.00 22.50
N THR C 311 -12.57 -17.53 23.34
CA THR C 311 -12.30 -17.19 24.73
C THR C 311 -11.97 -18.33 25.70
N PRO C 312 -12.31 -19.61 25.43
CA PRO C 312 -11.73 -20.69 26.23
C PRO C 312 -10.41 -21.24 25.71
N VAL C 313 -10.18 -21.10 24.40
CA VAL C 313 -9.07 -21.76 23.74
C VAL C 313 -7.84 -20.87 23.71
N LYS C 314 -8.02 -19.59 23.37
CA LYS C 314 -6.92 -18.64 23.34
C LYS C 314 -6.22 -18.57 24.68
N GLU C 315 -6.96 -18.70 25.77
CA GLU C 315 -6.42 -18.61 27.11
C GLU C 315 -5.77 -19.90 27.58
N LEU C 316 -5.95 -20.99 26.84
CA LEU C 316 -5.34 -22.27 27.15
C LEU C 316 -4.03 -22.47 26.39
N VAL C 317 -4.03 -22.11 25.11
CA VAL C 317 -2.83 -22.18 24.29
C VAL C 317 -1.75 -21.30 24.89
N SER C 318 -2.11 -20.10 25.30
CA SER C 318 -1.18 -19.15 25.88
C SER C 318 -0.74 -19.53 27.29
N LEU C 319 -1.33 -20.56 27.89
CA LEU C 319 -0.91 -21.04 29.20
C LEU C 319 -0.01 -22.26 29.11
N LYS C 320 -0.32 -23.18 28.20
CA LYS C 320 0.60 -24.29 27.93
C LYS C 320 1.95 -23.77 27.50
N TRP C 321 1.95 -22.67 26.75
CA TRP C 321 3.14 -22.13 26.13
C TRP C 321 3.95 -21.28 27.09
N LYS C 322 3.33 -20.22 27.59
CA LYS C 322 3.99 -19.27 28.48
C LYS C 322 4.58 -19.96 29.70
N ARG C 323 3.99 -21.07 30.14
CA ARG C 323 4.44 -21.78 31.33
C ARG C 323 5.34 -22.96 31.00
N TYR C 324 4.90 -23.84 30.10
CA TYR C 324 5.51 -25.15 29.91
C TYR C 324 5.90 -25.44 28.46
N GLY C 325 5.84 -24.44 27.57
CA GLY C 325 6.14 -24.65 26.16
C GLY C 325 7.31 -23.85 25.64
N ARG C 326 7.55 -22.68 26.21
CA ARG C 326 8.77 -21.94 25.92
C ARG C 326 9.96 -22.52 26.67
N PRO C 327 9.83 -22.93 27.93
CA PRO C 327 10.98 -23.55 28.60
C PRO C 327 11.47 -24.81 27.91
N TYR C 328 10.59 -25.77 27.66
CA TYR C 328 10.97 -27.02 27.02
C TYR C 328 11.24 -26.87 25.53
N PHE C 329 11.19 -25.65 24.98
CA PHE C 329 11.51 -25.37 23.60
C PHE C 329 12.69 -24.44 23.44
N CYS C 330 12.99 -23.64 24.45
CA CYS C 330 14.23 -22.89 24.53
C CYS C 330 15.29 -23.59 25.38
N MET C 331 15.05 -24.84 25.78
CA MET C 331 16.08 -25.74 26.31
C MET C 331 16.51 -26.74 25.25
N LEU C 332 15.57 -27.36 24.58
CA LEU C 332 15.88 -28.28 23.49
C LEU C 332 16.26 -27.56 22.21
N GLY C 333 16.28 -26.23 22.22
CA GLY C 333 16.82 -25.45 21.14
C GLY C 333 18.23 -24.97 21.42
N ALA C 334 18.66 -25.06 22.67
CA ALA C 334 20.04 -24.81 23.05
C ALA C 334 20.84 -26.09 23.21
N ILE C 335 20.19 -27.20 23.51
CA ILE C 335 20.86 -28.48 23.50
C ILE C 335 21.20 -28.90 22.08
N TYR C 336 20.35 -28.51 21.12
CA TYR C 336 20.63 -28.79 19.72
C TYR C 336 21.77 -27.94 19.21
N LEU C 337 21.87 -26.70 19.66
CA LEU C 337 22.94 -25.83 19.20
C LEU C 337 24.30 -26.33 19.66
N LEU C 338 24.42 -26.72 20.93
CA LEU C 338 25.65 -27.31 21.42
C LEU C 338 25.94 -28.67 20.81
N TYR C 339 24.97 -29.27 20.12
CA TYR C 339 25.16 -30.51 19.42
C TYR C 339 25.69 -30.31 18.01
N ILE C 340 25.22 -29.27 17.33
CA ILE C 340 25.67 -28.98 15.99
C ILE C 340 27.03 -28.31 16.01
N ILE C 341 27.32 -27.55 17.07
CA ILE C 341 28.65 -27.01 17.27
C ILE C 341 29.65 -28.11 17.49
N CYS C 342 29.21 -29.26 18.02
CA CYS C 342 30.09 -30.40 18.15
C CYS C 342 30.19 -31.17 16.85
N PHE C 343 29.10 -31.24 16.10
CA PHE C 343 29.20 -31.82 14.76
C PHE C 343 30.13 -31.01 13.89
N THR C 344 30.08 -29.70 14.03
CA THR C 344 30.88 -28.83 13.19
C THR C 344 32.36 -29.05 13.42
N MET C 345 32.82 -28.85 14.65
CA MET C 345 34.20 -29.11 15.02
C MET C 345 34.70 -30.50 14.67
N CYS C 346 33.82 -31.49 14.56
CA CYS C 346 34.22 -32.81 14.10
C CYS C 346 34.40 -32.87 12.60
N CYS C 347 34.00 -31.83 11.88
CA CYS C 347 34.13 -31.76 10.44
C CYS C 347 35.23 -30.80 9.99
N ILE C 348 35.49 -29.74 10.75
CA ILE C 348 36.66 -28.92 10.50
C ILE C 348 37.93 -29.71 10.75
N TYR C 349 38.00 -30.43 11.86
CA TYR C 349 39.19 -31.14 12.29
C TYR C 349 39.21 -32.57 11.75
N ARG C 350 38.58 -32.81 10.61
CA ARG C 350 38.47 -34.14 10.09
C ARG C 350 39.82 -34.69 9.66
N PRO C 351 39.91 -35.98 9.37
CA PRO C 351 41.18 -36.55 8.91
C PRO C 351 41.53 -36.13 7.49
N LEU C 352 42.75 -35.63 7.31
CA LEU C 352 43.23 -35.24 5.99
C LEU C 352 44.74 -35.33 5.97
N LYS C 353 45.28 -35.83 4.86
CA LYS C 353 46.71 -35.99 4.67
C LYS C 353 47.10 -35.51 3.28
N PRO C 354 48.39 -35.27 3.04
CA PRO C 354 48.83 -34.97 1.68
C PRO C 354 48.55 -36.12 0.72
N ARG C 355 48.19 -35.76 -0.49
CA ARG C 355 47.86 -36.74 -1.50
C ARG C 355 49.07 -37.57 -1.86
N THR C 356 48.81 -38.82 -2.25
CA THR C 356 49.84 -39.77 -2.62
C THR C 356 49.98 -39.93 -4.12
N ASN C 357 48.93 -39.63 -4.88
CA ASN C 357 48.99 -39.65 -6.33
C ASN C 357 49.75 -38.41 -6.79
N ASN C 358 49.80 -38.20 -8.10
CA ASN C 358 50.35 -37.01 -8.72
C ASN C 358 49.24 -36.28 -9.45
N ARG C 359 49.44 -34.98 -9.63
CA ARG C 359 48.47 -34.15 -10.34
C ARG C 359 48.27 -34.68 -11.75
N THR C 360 47.07 -35.21 -12.00
CA THR C 360 46.77 -35.81 -13.29
C THR C 360 46.85 -34.78 -14.41
N SER C 361 45.96 -33.81 -14.37
CA SER C 361 45.89 -32.70 -15.30
C SER C 361 46.20 -31.41 -14.56
N PRO C 362 46.61 -30.34 -15.26
CA PRO C 362 46.85 -29.08 -14.57
C PRO C 362 45.60 -28.43 -14.01
N ARG C 363 44.43 -28.97 -14.31
CA ARG C 363 43.18 -28.52 -13.75
C ARG C 363 42.83 -29.17 -12.42
N ASP C 364 43.76 -29.91 -11.83
CA ASP C 364 43.55 -30.62 -10.58
C ASP C 364 44.36 -29.92 -9.51
N ASN C 365 43.70 -29.09 -8.71
CA ASN C 365 44.32 -28.39 -7.59
C ASN C 365 44.00 -29.05 -6.26
N THR C 366 43.64 -30.32 -6.28
CA THR C 366 43.52 -31.10 -5.07
C THR C 366 44.90 -31.37 -4.52
N LEU C 367 45.14 -30.94 -3.28
CA LEU C 367 46.40 -31.11 -2.60
C LEU C 367 46.36 -32.19 -1.54
N LEU C 368 45.21 -32.41 -0.94
CA LEU C 368 45.03 -33.25 0.22
C LEU C 368 43.98 -34.30 -0.09
N GLN C 369 44.03 -35.40 0.64
CA GLN C 369 42.98 -36.40 0.61
C GLN C 369 42.80 -36.91 2.02
N GLN C 370 41.72 -37.65 2.23
CA GLN C 370 41.33 -38.01 3.58
C GLN C 370 41.98 -39.31 4.02
N LYS C 371 42.32 -39.36 5.30
CA LYS C 371 43.09 -40.44 5.87
C LYS C 371 42.23 -41.69 6.02
N LEU C 372 42.91 -42.83 5.99
CA LEU C 372 42.29 -44.09 6.31
C LEU C 372 42.17 -44.23 7.82
N LEU C 373 41.32 -45.17 8.25
CA LEU C 373 41.05 -45.34 9.67
C LEU C 373 42.30 -45.63 10.47
N GLN C 374 43.20 -46.43 9.90
CA GLN C 374 44.34 -46.93 10.65
C GLN C 374 45.27 -45.80 11.09
N GLU C 375 45.22 -44.67 10.39
CA GLU C 375 46.00 -43.48 10.71
C GLU C 375 45.12 -42.28 11.04
N ALA C 376 43.80 -42.42 10.97
CA ALA C 376 42.91 -41.34 11.36
C ALA C 376 42.81 -41.20 12.88
N TYR C 377 42.94 -42.31 13.62
CA TYR C 377 42.82 -42.32 15.07
C TYR C 377 44.10 -42.92 15.62
N MET C 378 45.12 -42.06 15.77
CA MET C 378 46.48 -42.48 16.06
C MET C 378 47.21 -41.51 16.99
N THR C 379 46.53 -40.47 17.50
CA THR C 379 47.18 -39.39 18.22
C THR C 379 46.16 -38.78 19.17
N PRO C 380 46.60 -38.08 20.22
CA PRO C 380 45.63 -37.58 21.21
C PRO C 380 44.61 -36.61 20.64
N LYS C 381 44.99 -35.76 19.68
CA LYS C 381 44.04 -34.82 19.12
C LYS C 381 42.95 -35.52 18.31
N ASP C 382 43.22 -36.72 17.82
CA ASP C 382 42.22 -37.50 17.11
C ASP C 382 41.33 -38.31 18.03
N ASP C 383 41.64 -38.37 19.32
CA ASP C 383 40.79 -39.05 20.29
C ASP C 383 39.81 -38.11 20.97
N ILE C 384 40.18 -36.84 21.14
CA ILE C 384 39.19 -35.84 21.52
C ILE C 384 38.12 -35.76 20.45
N ARG C 385 38.49 -35.88 19.18
CA ARG C 385 37.51 -35.81 18.12
C ARG C 385 36.60 -37.02 18.13
N LEU C 386 37.13 -38.21 18.40
CA LEU C 386 36.32 -39.41 18.45
C LEU C 386 35.19 -39.28 19.46
N VAL C 387 35.45 -38.61 20.59
CA VAL C 387 34.40 -38.32 21.56
C VAL C 387 33.27 -37.55 20.89
N GLY C 388 33.59 -36.38 20.33
CA GLY C 388 32.62 -35.57 19.65
C GLY C 388 31.95 -36.28 18.49
N GLU C 389 32.62 -37.25 17.87
CA GLU C 389 32.02 -37.97 16.76
C GLU C 389 31.08 -39.06 17.25
N LEU C 390 31.29 -39.57 18.46
CA LEU C 390 30.36 -40.53 19.05
C LEU C 390 29.18 -39.81 19.68
N VAL C 391 29.43 -38.69 20.36
CA VAL C 391 28.37 -37.79 20.79
C VAL C 391 27.45 -37.47 19.64
N THR C 392 28.02 -37.25 18.46
CA THR C 392 27.25 -36.93 17.28
C THR C 392 26.37 -38.08 16.86
N VAL C 393 26.98 -39.19 16.46
CA VAL C 393 26.22 -40.27 15.85
C VAL C 393 25.24 -40.93 16.82
N ILE C 394 25.52 -40.89 18.12
CA ILE C 394 24.51 -41.27 19.09
C ILE C 394 23.34 -40.30 19.01
N GLY C 395 23.63 -39.02 18.84
CA GLY C 395 22.60 -38.01 18.74
C GLY C 395 21.76 -38.12 17.49
N ALA C 396 22.26 -38.76 16.45
CA ALA C 396 21.49 -38.95 15.23
C ALA C 396 20.61 -40.19 15.30
N ILE C 397 21.06 -41.21 16.01
CA ILE C 397 20.22 -42.37 16.26
C ILE C 397 19.00 -41.94 17.09
N ILE C 398 19.24 -41.15 18.14
CA ILE C 398 18.16 -40.65 18.99
C ILE C 398 17.12 -39.90 18.15
N ILE C 399 17.57 -39.08 17.20
CA ILE C 399 16.64 -38.38 16.32
C ILE C 399 15.77 -39.38 15.58
N LEU C 400 16.36 -40.49 15.13
CA LEU C 400 15.62 -41.49 14.39
C LEU C 400 14.82 -42.42 15.29
N LEU C 401 14.85 -42.21 16.60
CA LEU C 401 14.04 -42.98 17.54
C LEU C 401 12.93 -42.17 18.18
N VAL C 402 12.84 -40.87 17.88
CA VAL C 402 11.74 -40.02 18.33
C VAL C 402 11.01 -39.37 17.18
N GLU C 403 11.41 -39.63 15.93
CA GLU C 403 10.79 -39.06 14.74
C GLU C 403 10.28 -40.10 13.77
N VAL C 404 11.06 -41.15 13.52
CA VAL C 404 10.66 -42.24 12.63
C VAL C 404 9.58 -43.09 13.30
N PRO C 405 9.67 -43.42 14.60
CA PRO C 405 8.58 -44.19 15.21
C PRO C 405 7.25 -43.47 15.21
N ASP C 406 7.25 -42.14 15.19
CA ASP C 406 5.99 -41.43 14.94
C ASP C 406 5.49 -41.75 13.54
N ILE C 407 6.33 -41.54 12.52
CA ILE C 407 5.94 -41.74 11.14
C ILE C 407 5.44 -43.16 10.92
N PHE C 408 6.30 -44.15 11.19
CA PHE C 408 5.97 -45.55 10.90
C PHE C 408 4.74 -46.03 11.66
N ARG C 409 4.40 -45.41 12.78
CA ARG C 409 3.22 -45.76 13.57
C ARG C 409 2.00 -44.92 13.25
N MET C 410 2.21 -43.64 12.99
CA MET C 410 1.14 -42.69 12.74
C MET C 410 0.76 -42.80 11.25
N GLY C 411 -0.04 -41.88 10.74
CA GLY C 411 -0.47 -41.89 9.35
C GLY C 411 0.66 -41.50 8.43
N VAL C 412 1.43 -42.52 8.06
CA VAL C 412 2.84 -42.47 7.65
C VAL C 412 3.20 -41.26 6.80
N THR C 413 2.35 -40.88 5.85
CA THR C 413 2.65 -39.78 4.94
C THR C 413 1.51 -38.79 4.74
N ARG C 414 0.27 -39.18 5.00
CA ARG C 414 -0.86 -38.28 4.83
C ARG C 414 -1.12 -37.47 6.09
N PHE C 415 -1.22 -38.15 7.24
CA PHE C 415 -1.48 -37.47 8.50
C PHE C 415 -0.22 -36.86 9.09
N PHE C 416 0.96 -37.32 8.68
CA PHE C 416 2.21 -36.73 9.17
C PHE C 416 2.29 -35.28 8.75
N GLY C 417 2.38 -35.02 7.45
CA GLY C 417 2.36 -33.66 6.93
C GLY C 417 1.08 -32.91 7.20
N GLN C 418 0.04 -33.58 7.67
CA GLN C 418 -1.21 -32.92 8.06
C GLN C 418 -1.04 -32.16 9.36
N THR C 419 -0.43 -32.79 10.37
CA THR C 419 -0.06 -32.08 11.59
C THR C 419 0.97 -30.99 11.30
N ILE C 420 1.82 -31.21 10.30
CA ILE C 420 2.80 -30.20 9.89
C ILE C 420 2.08 -28.97 9.36
N LEU C 421 2.22 -27.86 10.08
CA LEU C 421 1.82 -26.55 9.57
C LEU C 421 3.02 -25.77 9.06
N GLY C 422 4.00 -25.53 9.92
CA GLY C 422 5.26 -24.89 9.55
C GLY C 422 6.46 -25.73 9.91
N GLY C 423 6.27 -27.04 10.03
CA GLY C 423 7.31 -28.01 10.28
C GLY C 423 7.83 -28.84 9.11
N PRO C 424 8.51 -28.24 8.13
CA PRO C 424 9.39 -29.07 7.28
C PRO C 424 10.62 -29.53 8.02
N PHE C 425 10.92 -28.88 9.14
CA PHE C 425 11.92 -29.29 10.11
C PHE C 425 12.02 -30.80 10.28
N HIS C 426 10.88 -31.47 10.42
CA HIS C 426 10.89 -32.90 10.69
C HIS C 426 11.43 -33.70 9.51
N VAL C 427 11.33 -33.16 8.30
CA VAL C 427 11.93 -33.80 7.14
C VAL C 427 13.43 -33.57 7.12
N LEU C 428 13.86 -32.36 7.45
CA LEU C 428 15.26 -32.02 7.37
C LEU C 428 16.08 -32.73 8.42
N ILE C 429 15.58 -32.77 9.64
CA ILE C 429 16.34 -33.35 10.73
C ILE C 429 16.44 -34.85 10.63
N ILE C 430 15.48 -35.51 9.98
CA ILE C 430 15.64 -36.91 9.65
C ILE C 430 16.67 -37.05 8.54
N THR C 431 16.69 -36.10 7.61
CA THR C 431 17.70 -36.11 6.57
C THR C 431 19.07 -35.79 7.13
N TYR C 432 19.14 -34.93 8.14
CA TYR C 432 20.39 -34.70 8.86
C TYR C 432 20.94 -36.01 9.40
N ALA C 433 20.17 -36.68 10.25
CA ALA C 433 20.60 -37.91 10.90
C ALA C 433 20.96 -38.99 9.90
N PHE C 434 20.28 -39.05 8.77
CA PHE C 434 20.63 -39.99 7.73
C PHE C 434 22.03 -39.73 7.21
N MET C 435 22.33 -38.47 6.85
CA MET C 435 23.63 -38.12 6.32
C MET C 435 24.75 -38.36 7.33
N VAL C 436 24.49 -38.12 8.61
CA VAL C 436 25.49 -38.40 9.64
C VAL C 436 25.82 -39.87 9.68
N LEU C 437 24.83 -40.73 9.43
CA LEU C 437 25.08 -42.16 9.45
C LEU C 437 25.73 -42.63 8.16
N VAL C 438 25.37 -42.02 7.03
CA VAL C 438 26.13 -42.25 5.81
C VAL C 438 27.58 -41.85 6.01
N THR C 439 27.81 -40.71 6.67
CA THR C 439 29.17 -40.30 6.99
C THR C 439 29.88 -41.33 7.86
N MET C 440 29.18 -41.94 8.81
CA MET C 440 29.80 -42.95 9.64
C MET C 440 30.25 -44.14 8.82
N VAL C 441 29.31 -44.75 8.09
CA VAL C 441 29.60 -45.95 7.29
C VAL C 441 30.80 -45.69 6.39
N MET C 442 30.78 -44.58 5.66
CA MET C 442 31.87 -44.22 4.78
C MET C 442 33.19 -44.07 5.52
N ARG C 443 33.15 -43.68 6.79
CA ARG C 443 34.36 -43.63 7.59
C ARG C 443 34.80 -45.02 8.02
N LEU C 444 33.84 -45.92 8.24
CA LEU C 444 34.21 -47.26 8.66
C LEU C 444 34.81 -48.07 7.52
N ILE C 445 34.21 -47.97 6.31
CA ILE C 445 34.73 -48.68 5.15
C ILE C 445 35.78 -47.87 4.38
N SER C 446 36.18 -46.71 4.89
CA SER C 446 37.17 -45.86 4.24
C SER C 446 36.77 -45.52 2.80
N ALA C 447 35.56 -45.01 2.66
CA ALA C 447 35.05 -44.61 1.36
C ALA C 447 35.39 -43.16 1.07
N SER C 448 35.66 -42.88 -0.19
CA SER C 448 36.00 -41.53 -0.61
C SER C 448 34.73 -40.75 -0.90
N GLY C 449 34.65 -39.53 -0.36
CA GLY C 449 33.55 -38.64 -0.63
C GLY C 449 32.77 -38.22 0.59
N GLU C 450 33.42 -38.21 1.76
CA GLU C 450 32.74 -37.81 2.98
C GLU C 450 32.31 -36.36 2.97
N VAL C 451 32.89 -35.53 2.10
CA VAL C 451 32.47 -34.16 2.00
C VAL C 451 31.05 -34.03 1.51
N VAL C 452 30.57 -34.99 0.74
CA VAL C 452 29.24 -34.88 0.17
C VAL C 452 28.23 -35.02 1.31
N PRO C 453 28.25 -36.08 2.12
CA PRO C 453 27.27 -36.13 3.21
C PRO C 453 27.39 -35.03 4.25
N MET C 454 28.61 -34.74 4.69
CA MET C 454 28.81 -33.69 5.68
C MET C 454 28.18 -32.38 5.25
N SER C 455 28.49 -31.94 4.05
CA SER C 455 28.09 -30.63 3.58
C SER C 455 26.58 -30.48 3.50
N PHE C 456 25.85 -31.57 3.27
CA PHE C 456 24.41 -31.52 3.50
C PHE C 456 24.13 -31.38 4.99
N ALA C 457 24.75 -32.24 5.80
CA ALA C 457 24.48 -32.28 7.23
C ALA C 457 24.79 -30.98 7.93
N LEU C 458 25.87 -30.30 7.55
CA LEU C 458 26.12 -28.97 8.08
C LEU C 458 24.94 -28.05 7.80
N VAL C 459 24.57 -27.91 6.55
CA VAL C 459 23.54 -26.95 6.16
C VAL C 459 22.20 -27.34 6.75
N LEU C 460 21.81 -28.60 6.60
CA LEU C 460 20.57 -29.06 7.20
C LEU C 460 20.61 -28.99 8.71
N GLY C 461 21.81 -29.13 9.30
CA GLY C 461 21.92 -29.09 10.74
C GLY C 461 21.76 -27.70 11.31
N TRP C 462 22.41 -26.72 10.73
CA TRP C 462 22.31 -25.37 11.26
C TRP C 462 20.98 -24.74 10.91
N CYS C 463 20.58 -24.80 9.65
CA CYS C 463 19.37 -24.14 9.21
C CYS C 463 18.12 -24.67 9.90
N ASN C 464 18.19 -25.84 10.52
CA ASN C 464 17.17 -26.27 11.47
C ASN C 464 17.13 -25.43 12.74
N VAL C 465 18.20 -24.73 13.09
CA VAL C 465 18.19 -23.84 14.24
C VAL C 465 17.31 -22.62 13.98
N MET C 466 16.94 -22.38 12.72
CA MET C 466 15.93 -21.38 12.40
C MET C 466 14.58 -21.76 12.97
N TYR C 467 14.37 -23.05 13.25
CA TYR C 467 13.10 -23.51 13.80
C TYR C 467 13.02 -23.23 15.29
N PHE C 468 14.12 -23.43 16.02
CA PHE C 468 14.13 -23.16 17.45
C PHE C 468 14.29 -21.67 17.73
N ALA C 469 13.40 -20.87 17.18
CA ALA C 469 13.39 -19.43 17.30
C ALA C 469 12.04 -18.88 17.70
N ARG C 470 10.96 -19.53 17.25
CA ARG C 470 9.60 -19.11 17.57
C ARG C 470 9.33 -18.98 19.07
N GLY C 471 10.16 -19.60 19.91
CA GLY C 471 9.98 -19.54 21.35
C GLY C 471 9.86 -18.13 21.89
N PHE C 472 10.62 -17.20 21.33
CA PHE C 472 10.73 -15.85 21.82
C PHE C 472 9.99 -14.85 20.91
N GLN C 473 9.29 -15.34 19.90
CA GLN C 473 8.80 -14.51 18.80
C GLN C 473 9.99 -13.85 18.10
N MET C 474 10.86 -14.72 17.57
CA MET C 474 12.03 -14.37 16.78
C MET C 474 11.58 -14.02 15.35
N LEU C 475 12.44 -14.20 14.34
CA LEU C 475 11.99 -14.23 12.95
C LEU C 475 11.36 -15.60 12.60
N GLY C 476 11.18 -16.49 13.59
CA GLY C 476 10.37 -17.69 13.45
C GLY C 476 8.89 -17.46 13.14
N PRO C 477 8.29 -16.44 13.74
CA PRO C 477 7.02 -15.93 13.21
C PRO C 477 7.13 -15.39 11.80
N PHE C 478 8.34 -15.08 11.33
CA PHE C 478 8.60 -14.58 9.99
C PHE C 478 9.26 -15.60 9.07
N THR C 479 9.74 -16.73 9.60
CA THR C 479 9.94 -17.88 8.71
C THR C 479 8.62 -18.57 8.42
N ILE C 480 7.53 -18.13 9.06
CA ILE C 480 6.20 -18.38 8.52
C ILE C 480 6.13 -17.87 7.09
N MET C 481 6.72 -16.70 6.83
CA MET C 481 6.71 -16.16 5.48
C MET C 481 7.46 -17.09 4.53
N ILE C 482 8.75 -17.34 4.80
CA ILE C 482 9.56 -18.10 3.86
C ILE C 482 9.02 -19.52 3.69
N GLN C 483 8.25 -20.03 4.65
CA GLN C 483 7.50 -21.26 4.47
C GLN C 483 6.12 -21.02 3.87
N LYS C 484 5.49 -19.89 4.18
CA LYS C 484 4.40 -19.42 3.33
C LYS C 484 4.90 -19.09 1.94
N MET C 485 6.19 -18.78 1.79
CA MET C 485 6.75 -18.47 0.48
C MET C 485 6.98 -19.70 -0.38
N ILE C 486 6.42 -20.85 -0.01
CA ILE C 486 6.29 -21.98 -0.92
C ILE C 486 4.88 -21.89 -1.52
N PHE C 487 4.33 -20.68 -1.60
CA PHE C 487 3.10 -20.46 -2.34
C PHE C 487 3.45 -20.52 -3.82
N GLY C 488 2.49 -20.09 -4.64
CA GLY C 488 2.63 -20.06 -6.08
C GLY C 488 3.94 -19.51 -6.61
N ASP C 489 4.20 -18.20 -6.56
CA ASP C 489 5.38 -17.66 -7.21
C ASP C 489 6.68 -17.90 -6.45
N LEU C 490 6.93 -19.15 -6.04
CA LEU C 490 8.29 -19.53 -5.68
C LEU C 490 8.60 -21.00 -5.94
N MET C 491 7.64 -21.81 -6.41
CA MET C 491 7.92 -23.09 -7.05
C MET C 491 7.50 -23.01 -8.51
N ARG C 492 7.27 -21.79 -8.99
CA ARG C 492 6.50 -21.51 -10.18
C ARG C 492 7.14 -20.44 -11.04
N PHE C 493 7.87 -19.50 -10.42
CA PHE C 493 8.83 -18.63 -11.07
C PHE C 493 10.07 -19.39 -11.52
N CYS C 494 10.29 -20.59 -10.98
CA CYS C 494 11.30 -21.48 -11.52
C CYS C 494 11.10 -21.71 -13.01
N TRP C 495 9.87 -21.99 -13.43
CA TRP C 495 9.63 -22.39 -14.81
C TRP C 495 9.96 -21.27 -15.77
N LEU C 496 9.85 -20.01 -15.33
CA LEU C 496 10.07 -18.85 -16.19
C LEU C 496 11.39 -18.18 -15.92
N MET C 497 12.19 -18.73 -15.04
CA MET C 497 13.58 -18.37 -14.85
C MET C 497 14.52 -19.41 -15.44
N ALA C 498 14.28 -20.68 -15.14
CA ALA C 498 15.03 -21.79 -15.70
C ALA C 498 15.02 -21.84 -17.20
N VAL C 499 14.01 -21.28 -17.84
CA VAL C 499 13.91 -21.28 -19.28
C VAL C 499 14.77 -20.17 -19.87
N VAL C 500 14.90 -19.06 -19.14
CA VAL C 500 15.83 -18.01 -19.51
C VAL C 500 17.25 -18.51 -19.39
N ILE C 501 17.56 -19.20 -18.30
CA ILE C 501 18.91 -19.70 -18.06
C ILE C 501 19.30 -20.71 -19.13
N LEU C 502 18.43 -21.67 -19.43
CA LEU C 502 18.77 -22.69 -20.40
C LEU C 502 18.85 -22.13 -21.81
N GLY C 503 18.19 -21.02 -22.06
CA GLY C 503 18.19 -20.42 -23.36
C GLY C 503 19.42 -19.60 -23.67
N PHE C 504 19.77 -18.71 -22.77
CA PHE C 504 20.94 -17.87 -22.97
C PHE C 504 22.24 -18.60 -22.65
N ALA C 505 22.21 -19.59 -21.77
CA ALA C 505 23.38 -20.40 -21.52
C ALA C 505 23.76 -21.26 -22.70
N SER C 506 22.77 -21.79 -23.40
CA SER C 506 23.02 -22.54 -24.61
C SER C 506 23.42 -21.63 -25.74
N ALA C 507 23.06 -20.35 -25.68
CA ALA C 507 23.54 -19.37 -26.63
C ALA C 507 24.96 -18.94 -26.31
N PHE C 508 25.20 -18.48 -25.08
CA PHE C 508 26.53 -18.13 -24.62
C PHE C 508 27.52 -19.24 -24.88
N TYR C 509 27.10 -20.48 -24.69
CA TYR C 509 27.98 -21.61 -24.91
C TYR C 509 28.44 -21.69 -26.35
N ILE C 510 27.52 -21.63 -27.31
CA ILE C 510 27.89 -21.79 -28.70
C ILE C 510 28.62 -20.57 -29.24
N ILE C 511 28.47 -19.42 -28.61
CA ILE C 511 29.20 -18.22 -29.00
C ILE C 511 30.67 -18.38 -28.66
N PHE C 512 30.98 -18.88 -27.47
CA PHE C 512 32.33 -19.14 -27.01
C PHE C 512 32.77 -20.57 -27.21
N GLN C 513 32.04 -21.33 -28.01
CA GLN C 513 32.43 -22.69 -28.33
C GLN C 513 33.61 -22.71 -29.28
N THR C 514 33.87 -21.61 -29.99
CA THR C 514 34.98 -21.48 -30.90
C THR C 514 36.17 -20.74 -30.32
N GLU C 515 36.02 -20.10 -29.17
CA GLU C 515 36.99 -19.15 -28.67
C GLU C 515 37.92 -19.81 -27.66
N ASP C 516 38.97 -19.08 -27.30
CA ASP C 516 39.99 -19.59 -26.40
C ASP C 516 39.50 -19.45 -24.97
N PRO C 517 39.41 -20.53 -24.18
CA PRO C 517 38.83 -20.38 -22.84
C PRO C 517 39.78 -19.89 -21.77
N GLU C 518 41.08 -19.82 -22.03
CA GLU C 518 42.00 -19.30 -21.03
C GLU C 518 41.87 -17.80 -20.83
N GLU C 519 41.12 -17.12 -21.70
CA GLU C 519 40.87 -15.70 -21.60
C GLU C 519 39.51 -15.40 -20.98
N LEU C 520 38.44 -15.92 -21.57
CA LEU C 520 37.08 -15.87 -21.03
C LEU C 520 36.57 -17.29 -20.96
N GLY C 521 36.55 -17.86 -19.76
CA GLY C 521 36.22 -19.26 -19.58
C GLY C 521 35.03 -19.52 -18.70
N HIS C 522 34.09 -18.58 -18.71
CA HIS C 522 32.84 -18.75 -18.01
C HIS C 522 31.99 -19.86 -18.63
N PHE C 523 32.29 -20.26 -19.85
CA PHE C 523 31.44 -21.08 -20.70
C PHE C 523 32.24 -22.16 -21.42
N TYR C 524 33.14 -22.83 -20.72
CA TYR C 524 34.03 -23.80 -21.38
C TYR C 524 33.36 -25.15 -21.57
N ASP C 525 32.34 -25.46 -20.78
CA ASP C 525 31.54 -26.65 -20.97
C ASP C 525 30.10 -26.27 -20.64
N TYR C 526 29.16 -27.11 -21.06
CA TYR C 526 27.76 -26.77 -20.92
C TYR C 526 27.33 -26.74 -19.46
N PRO C 527 27.79 -27.63 -18.59
CA PRO C 527 27.40 -27.50 -17.18
C PRO C 527 27.85 -26.23 -16.51
N MET C 528 29.03 -25.69 -16.85
CA MET C 528 29.44 -24.42 -16.30
C MET C 528 28.76 -23.24 -16.96
N ALA C 529 28.20 -23.44 -18.15
CA ALA C 529 27.47 -22.38 -18.80
C ALA C 529 26.15 -22.11 -18.12
N LEU C 530 25.58 -23.11 -17.46
CA LEU C 530 24.34 -22.92 -16.73
C LEU C 530 24.60 -22.37 -15.35
N PHE C 531 25.69 -22.78 -14.73
CA PHE C 531 26.06 -22.24 -13.44
C PHE C 531 26.46 -20.79 -13.55
N SER C 532 27.31 -20.46 -14.51
CA SER C 532 27.67 -19.08 -14.75
C SER C 532 26.45 -18.24 -15.05
N THR C 533 25.60 -18.72 -15.94
CA THR C 533 24.39 -18.02 -16.31
C THR C 533 23.40 -17.93 -15.16
N PHE C 534 23.36 -18.94 -14.29
CA PHE C 534 22.59 -18.81 -13.07
C PHE C 534 23.13 -17.68 -12.21
N GLU C 535 24.45 -17.61 -12.06
CA GLU C 535 25.06 -16.57 -11.26
C GLU C 535 24.89 -15.20 -11.88
N LEU C 536 24.89 -15.12 -13.20
CA LEU C 536 24.73 -13.84 -13.87
C LEU C 536 23.30 -13.32 -13.77
N PHE C 537 22.32 -14.21 -13.79
CA PHE C 537 20.93 -13.84 -13.58
C PHE C 537 20.78 -13.07 -12.28
N LEU C 538 21.39 -13.59 -11.22
CA LEU C 538 21.27 -13.02 -9.89
C LEU C 538 22.29 -11.93 -9.61
N THR C 539 23.22 -11.68 -10.51
CA THR C 539 24.23 -10.65 -10.33
C THR C 539 25.11 -10.96 -9.14
N ILE C 540 25.54 -12.22 -9.06
CA ILE C 540 26.47 -12.69 -8.05
C ILE C 540 27.81 -13.09 -8.64
N ILE C 541 28.03 -12.87 -9.93
CA ILE C 541 29.35 -12.73 -10.50
C ILE C 541 29.27 -11.59 -11.50
N ASP C 542 30.42 -11.06 -11.86
CA ASP C 542 30.46 -9.95 -12.79
C ASP C 542 30.29 -10.43 -14.20
N GLY C 543 29.76 -9.56 -15.04
CA GLY C 543 29.65 -9.80 -16.45
C GLY C 543 31.00 -10.16 -17.04
N PRO C 544 31.05 -11.18 -17.90
CA PRO C 544 32.31 -11.52 -18.56
C PRO C 544 32.88 -10.37 -19.37
N ALA C 545 34.20 -10.28 -19.35
CA ALA C 545 34.91 -9.26 -20.07
C ALA C 545 36.39 -9.53 -19.96
N ASN C 546 37.12 -9.24 -21.03
CA ASN C 546 38.57 -9.23 -20.99
C ASN C 546 39.16 -7.91 -21.43
N TYR C 547 38.75 -7.40 -22.58
CA TYR C 547 39.13 -6.08 -23.08
C TYR C 547 40.56 -6.03 -23.60
N ASN C 548 41.29 -7.13 -23.51
CA ASN C 548 42.56 -7.32 -24.18
C ASN C 548 42.43 -8.24 -25.39
N VAL C 549 41.20 -8.51 -25.82
CA VAL C 549 40.94 -9.46 -26.88
C VAL C 549 39.53 -9.21 -27.41
N ASP C 550 39.36 -9.41 -28.70
CA ASP C 550 38.09 -9.10 -29.36
C ASP C 550 37.12 -10.23 -29.10
N LEU C 551 36.12 -9.96 -28.26
CA LEU C 551 35.08 -10.93 -28.02
C LEU C 551 34.12 -10.94 -29.20
N PRO C 552 33.26 -11.95 -29.29
CA PRO C 552 32.29 -11.98 -30.38
C PRO C 552 31.29 -10.85 -30.26
N PHE C 553 30.88 -10.33 -31.42
CA PHE C 553 29.84 -9.30 -31.46
C PHE C 553 28.50 -9.86 -31.04
N MET C 554 28.34 -11.16 -31.15
CA MET C 554 27.11 -11.84 -30.83
C MET C 554 26.96 -12.08 -29.35
N TYR C 555 28.00 -11.80 -28.56
CA TYR C 555 27.91 -11.87 -27.11
C TYR C 555 27.25 -10.65 -26.53
N SER C 556 27.64 -9.47 -26.99
CA SER C 556 27.21 -8.24 -26.38
C SER C 556 25.74 -7.97 -26.66
N ILE C 557 25.27 -8.38 -27.83
CA ILE C 557 23.84 -8.35 -28.11
C ILE C 557 23.09 -9.26 -27.16
N THR C 558 23.54 -10.51 -27.02
CA THR C 558 22.85 -11.49 -26.21
C THR C 558 22.86 -11.11 -24.74
N TYR C 559 24.01 -10.78 -24.20
CA TYR C 559 24.12 -10.46 -22.79
C TYR C 559 23.39 -9.19 -22.41
N ALA C 560 23.23 -8.26 -23.34
CA ALA C 560 22.44 -7.08 -23.05
C ALA C 560 20.99 -7.43 -22.83
N ALA C 561 20.47 -8.39 -23.57
CA ALA C 561 19.10 -8.85 -23.38
C ALA C 561 18.94 -9.68 -22.13
N PHE C 562 19.91 -10.52 -21.82
CA PHE C 562 19.86 -11.32 -20.59
C PHE C 562 19.79 -10.43 -19.37
N ALA C 563 20.61 -9.40 -19.32
CA ALA C 563 20.63 -8.48 -18.19
C ALA C 563 19.33 -7.70 -18.06
N ILE C 564 18.50 -7.69 -19.08
CA ILE C 564 17.22 -7.01 -19.06
C ILE C 564 16.11 -7.94 -18.61
N ILE C 565 16.03 -9.09 -19.25
CA ILE C 565 15.09 -10.12 -18.86
C ILE C 565 15.35 -10.53 -17.42
N ALA C 566 16.61 -10.58 -17.01
CA ALA C 566 16.96 -10.93 -15.64
C ALA C 566 16.60 -9.83 -14.65
N THR C 567 16.76 -8.58 -15.06
CA THR C 567 16.47 -7.45 -14.20
C THR C 567 14.99 -7.22 -14.04
N LEU C 568 14.21 -7.51 -15.06
CA LEU C 568 12.78 -7.32 -15.00
C LEU C 568 12.10 -8.47 -14.29
N LEU C 569 12.57 -9.70 -14.50
CA LEU C 569 12.04 -10.84 -13.79
C LEU C 569 12.39 -10.83 -12.30
N MET C 570 13.42 -10.10 -11.91
CA MET C 570 13.69 -9.84 -10.50
C MET C 570 13.01 -8.59 -9.98
N LEU C 571 12.11 -7.99 -10.76
CA LEU C 571 11.26 -6.91 -10.29
C LEU C 571 9.81 -7.08 -10.69
N ASN C 572 9.43 -8.23 -11.25
CA ASN C 572 8.04 -8.64 -11.24
C ASN C 572 7.74 -9.52 -10.04
N LEU C 573 8.77 -10.15 -9.47
CA LEU C 573 8.61 -11.06 -8.34
C LEU C 573 8.68 -10.33 -7.02
N LEU C 574 9.54 -9.32 -6.90
CA LEU C 574 9.48 -8.41 -5.77
C LEU C 574 8.07 -7.85 -5.65
N ILE C 575 7.47 -7.53 -6.78
CA ILE C 575 6.10 -7.07 -6.82
C ILE C 575 5.15 -8.21 -6.49
N ALA C 576 5.35 -9.38 -7.10
CA ALA C 576 4.47 -10.52 -6.84
C ALA C 576 4.54 -10.97 -5.39
N MET C 577 5.72 -10.93 -4.77
CA MET C 577 5.82 -11.23 -3.35
C MET C 577 5.23 -10.14 -2.48
N MET C 578 4.95 -8.97 -3.05
CA MET C 578 4.39 -7.85 -2.31
C MET C 578 2.86 -7.88 -2.31
N GLY C 579 2.25 -7.87 -3.50
CA GLY C 579 0.81 -7.97 -3.61
C GLY C 579 0.23 -9.22 -2.99
N ASP C 580 1.03 -10.28 -2.87
CA ASP C 580 0.67 -11.45 -2.08
C ASP C 580 1.00 -11.27 -0.60
N THR C 581 1.30 -10.05 -0.15
CA THR C 581 1.60 -9.79 1.25
C THR C 581 0.90 -8.57 1.84
N HIS C 582 0.60 -7.54 1.04
CA HIS C 582 0.13 -6.27 1.59
C HIS C 582 -1.31 -5.95 1.24
N TRP C 583 -1.66 -5.95 -0.05
CA TRP C 583 -3.06 -6.02 -0.43
C TRP C 583 -3.65 -7.41 -0.17
N ARG C 584 -2.79 -8.41 0.03
CA ARG C 584 -3.12 -9.75 0.46
C ARG C 584 -2.57 -9.88 1.89
N VAL C 585 -2.60 -11.10 2.44
CA VAL C 585 -2.33 -11.41 3.84
C VAL C 585 -1.09 -10.73 4.42
N ALA C 586 -1.31 -9.94 5.48
CA ALA C 586 -0.26 -9.48 6.37
C ALA C 586 -0.58 -9.72 7.84
N HIS C 587 -1.84 -10.03 8.19
CA HIS C 587 -2.26 -10.23 9.57
C HIS C 587 -2.54 -11.68 9.91
N GLU C 588 -3.00 -12.49 8.96
CA GLU C 588 -3.19 -13.91 9.24
C GLU C 588 -1.86 -14.63 9.45
N ARG C 589 -0.74 -14.01 9.07
CA ARG C 589 0.55 -14.51 9.52
C ARG C 589 0.67 -14.42 11.03
N ASP C 590 0.16 -13.34 11.63
CA ASP C 590 0.07 -13.27 13.08
C ASP C 590 -0.90 -14.28 13.62
N GLU C 591 -1.93 -14.62 12.83
CA GLU C 591 -2.80 -15.72 13.17
C GLU C 591 -2.11 -17.06 12.96
N LEU C 592 -1.21 -17.15 11.96
CA LEU C 592 -0.51 -18.40 11.71
C LEU C 592 0.50 -18.72 12.80
N TRP C 593 1.04 -17.69 13.45
CA TRP C 593 1.92 -17.93 14.58
C TRP C 593 1.21 -18.72 15.67
N ARG C 594 0.04 -18.24 16.09
CA ARG C 594 -0.73 -18.92 17.12
C ARG C 594 -1.09 -20.34 16.73
N ALA C 595 -1.11 -20.66 15.43
CA ALA C 595 -1.33 -22.03 15.00
C ALA C 595 -0.09 -22.89 15.10
N GLN C 596 1.10 -22.29 15.08
CA GLN C 596 2.34 -23.02 15.24
C GLN C 596 2.70 -23.19 16.70
N ILE C 597 2.31 -22.23 17.53
CA ILE C 597 2.39 -22.37 18.98
C ILE C 597 1.63 -23.61 19.43
N VAL C 598 0.50 -23.88 18.80
CA VAL C 598 -0.27 -25.07 19.13
C VAL C 598 0.42 -26.32 18.58
N ALA C 599 0.77 -26.30 17.30
CA ALA C 599 1.36 -27.46 16.66
C ALA C 599 2.65 -27.87 17.35
N THR C 600 3.44 -26.88 17.77
CA THR C 600 4.60 -27.17 18.60
C THR C 600 4.19 -27.78 19.93
N THR C 601 3.28 -27.10 20.64
CA THR C 601 2.85 -27.53 21.96
C THR C 601 2.30 -28.96 21.95
N VAL C 602 1.54 -29.31 20.92
CA VAL C 602 0.97 -30.64 20.82
C VAL C 602 2.07 -31.68 20.66
N MET C 603 3.07 -31.40 19.81
CA MET C 603 4.11 -32.38 19.55
C MET C 603 4.96 -32.61 20.78
N LEU C 604 5.28 -31.56 21.52
CA LEU C 604 6.07 -31.71 22.73
C LEU C 604 5.31 -32.51 23.77
N GLU C 605 4.04 -32.18 23.98
CA GLU C 605 3.21 -32.92 24.94
C GLU C 605 3.04 -34.37 24.52
N ARG C 606 3.14 -34.66 23.22
CA ARG C 606 3.05 -36.04 22.76
C ARG C 606 4.35 -36.79 23.00
N LYS C 607 5.48 -36.11 22.87
CA LYS C 607 6.79 -36.75 22.97
C LYS C 607 7.31 -36.75 24.41
N LEU C 608 7.24 -35.60 25.08
CA LEU C 608 7.74 -35.51 26.43
C LEU C 608 6.84 -36.31 27.38
N PRO C 609 7.38 -36.79 28.50
CA PRO C 609 6.56 -37.62 29.40
C PRO C 609 5.63 -36.78 30.26
N ARG C 610 4.73 -37.48 30.95
CA ARG C 610 3.71 -36.82 31.76
C ARG C 610 4.32 -36.12 32.95
N CYS C 611 5.44 -36.61 33.48
CA CYS C 611 6.02 -36.02 34.68
C CYS C 611 6.48 -34.59 34.42
N LEU C 612 7.09 -34.34 33.25
CA LEU C 612 7.51 -32.99 32.91
C LEU C 612 6.35 -32.12 32.48
N TRP C 613 5.21 -32.72 32.12
CA TRP C 613 4.05 -31.99 31.60
C TRP C 613 2.90 -32.11 32.59
N PRO C 614 2.83 -31.23 33.59
CA PRO C 614 1.59 -31.14 34.37
C PRO C 614 0.43 -30.78 33.49
N ARG C 615 -0.69 -31.46 33.69
CA ARG C 615 -1.87 -31.19 32.89
C ARG C 615 -2.38 -29.79 33.17
N SER C 616 -2.74 -29.07 32.12
CA SER C 616 -3.20 -27.71 32.26
C SER C 616 -4.62 -27.69 32.82
N GLY C 617 -4.95 -26.60 33.50
CA GLY C 617 -6.23 -26.48 34.15
C GLY C 617 -6.26 -27.18 35.49
N ILE C 618 -7.16 -26.70 36.33
CA ILE C 618 -7.31 -27.19 37.69
C ILE C 618 -8.24 -28.39 37.70
N CYS C 619 -8.01 -29.30 38.65
CA CYS C 619 -8.82 -30.48 38.79
C CYS C 619 -10.21 -30.11 39.33
N GLY C 620 -11.02 -31.13 39.55
CA GLY C 620 -12.34 -30.95 40.11
C GLY C 620 -12.69 -31.95 41.20
N ARG C 621 -11.86 -32.98 41.36
CA ARG C 621 -12.17 -34.02 42.34
C ARG C 621 -12.15 -33.46 43.76
N GLU C 622 -11.15 -32.64 44.07
CA GLU C 622 -11.04 -32.01 45.38
C GLU C 622 -11.79 -30.69 45.46
N TYR C 623 -12.79 -30.50 44.60
CA TYR C 623 -13.64 -29.31 44.66
C TYR C 623 -15.11 -29.62 44.42
N GLY C 624 -15.51 -30.87 44.28
CA GLY C 624 -16.90 -31.22 44.13
C GLY C 624 -17.48 -31.03 42.75
N LEU C 625 -16.68 -30.57 41.78
CA LEU C 625 -17.18 -30.32 40.44
C LEU C 625 -17.19 -31.57 39.56
N GLY C 626 -16.60 -32.67 40.02
CA GLY C 626 -16.55 -33.91 39.25
C GLY C 626 -15.13 -34.41 39.09
N ASP C 627 -14.84 -34.97 37.92
CA ASP C 627 -13.51 -35.45 37.57
C ASP C 627 -13.07 -34.80 36.26
N ARG C 628 -13.56 -33.59 35.99
CA ARG C 628 -13.21 -32.84 34.81
C ARG C 628 -12.11 -31.85 35.15
N TRP C 629 -11.60 -31.16 34.13
CA TRP C 629 -10.39 -30.34 34.23
C TRP C 629 -10.70 -28.95 33.71
N PHE C 630 -11.12 -28.08 34.63
CA PHE C 630 -11.65 -26.77 34.31
C PHE C 630 -10.55 -25.75 34.11
N LEU C 631 -10.93 -24.62 33.53
CA LEU C 631 -10.08 -23.44 33.41
C LEU C 631 -10.88 -22.23 33.84
N ARG C 632 -10.31 -21.41 34.70
CA ARG C 632 -10.93 -20.19 35.16
C ARG C 632 -10.42 -19.01 34.35
N VAL C 633 -11.34 -18.15 33.92
CA VAL C 633 -11.01 -16.94 33.17
C VAL C 633 -11.74 -15.79 33.83
N GLU C 634 -10.98 -14.79 34.25
CA GLU C 634 -11.52 -13.59 34.87
C GLU C 634 -11.40 -12.45 33.87
N ASP C 635 -12.52 -11.81 33.56
CA ASP C 635 -12.61 -10.89 32.46
C ASP C 635 -13.50 -9.72 32.86
N ARG C 636 -13.26 -8.58 32.23
CA ARG C 636 -13.97 -7.34 32.51
C ARG C 636 -14.85 -7.00 31.31
N GLN C 637 -16.15 -6.83 31.55
CA GLN C 637 -17.13 -6.66 30.50
C GLN C 637 -16.88 -5.39 29.69
N ASP C 638 -17.01 -4.23 30.33
CA ASP C 638 -16.87 -2.95 29.67
C ASP C 638 -16.39 -1.88 30.64
N GLU D 27 2.73 -17.07 37.69
CA GLU D 27 2.80 -18.52 37.36
C GLU D 27 2.04 -19.33 38.40
N SER D 28 2.64 -19.53 39.57
CA SER D 28 1.97 -20.26 40.65
C SER D 28 1.03 -19.38 41.43
N TRP D 29 1.31 -18.08 41.51
CA TRP D 29 0.42 -17.19 42.24
C TRP D 29 -0.91 -17.01 41.50
N ALA D 30 -0.84 -16.91 40.17
CA ALA D 30 -2.07 -16.95 39.38
C ALA D 30 -2.77 -18.30 39.54
N GLN D 31 -2.00 -19.38 39.61
CA GLN D 31 -2.57 -20.69 39.88
C GLN D 31 -3.14 -20.78 41.29
N SER D 32 -2.63 -20.00 42.23
CA SER D 32 -3.13 -20.03 43.59
C SER D 32 -4.36 -19.16 43.80
N ARG D 33 -4.58 -18.16 42.94
CA ARG D 33 -5.88 -17.49 42.93
C ARG D 33 -6.97 -18.48 42.60
N ASP D 34 -6.79 -19.23 41.51
CA ASP D 34 -7.81 -20.14 41.01
C ASP D 34 -8.18 -21.18 42.05
N GLU D 35 -7.18 -21.78 42.69
CA GLU D 35 -7.44 -22.79 43.71
C GLU D 35 -8.25 -22.25 44.87
N GLN D 36 -8.24 -20.95 45.11
CA GLN D 36 -9.05 -20.34 46.15
C GLN D 36 -10.44 -19.99 45.65
N ASN D 37 -10.56 -19.50 44.42
CA ASN D 37 -11.87 -19.17 43.87
C ASN D 37 -12.73 -20.41 43.74
N LEU D 38 -12.12 -21.56 43.49
CA LEU D 38 -12.86 -22.82 43.46
C LEU D 38 -13.09 -23.35 44.87
N LEU D 39 -12.10 -23.18 45.75
CA LEU D 39 -12.31 -23.52 47.15
C LEU D 39 -13.36 -22.62 47.77
N GLN D 40 -13.45 -21.38 47.31
CA GLN D 40 -14.50 -20.49 47.77
C GLN D 40 -15.88 -21.05 47.44
N GLN D 41 -16.09 -21.49 46.20
CA GLN D 41 -17.36 -22.09 45.81
C GLN D 41 -17.58 -23.44 46.47
N LYS D 42 -16.51 -24.11 46.88
CA LYS D 42 -16.62 -25.40 47.54
C LYS D 42 -17.23 -25.25 48.92
N ARG D 43 -16.65 -24.37 49.74
CA ARG D 43 -17.07 -24.20 51.11
C ARG D 43 -18.42 -23.50 51.23
N ILE D 44 -18.89 -22.86 50.17
CA ILE D 44 -20.28 -22.44 50.11
C ILE D 44 -21.19 -23.67 50.03
N TRP D 45 -20.85 -24.60 49.14
CA TRP D 45 -21.61 -25.84 49.02
C TRP D 45 -21.47 -26.70 50.28
N GLU D 46 -20.31 -26.66 50.92
CA GLU D 46 -20.13 -27.34 52.21
C GLU D 46 -20.52 -26.44 53.38
N SER D 47 -21.72 -25.87 53.30
CA SER D 47 -22.29 -25.11 54.39
C SER D 47 -23.77 -24.86 54.12
N PRO D 48 -24.67 -25.08 55.08
CA PRO D 48 -26.07 -24.69 54.84
C PRO D 48 -26.30 -23.19 54.90
N LEU D 49 -25.46 -22.45 55.64
CA LEU D 49 -25.66 -21.02 55.78
C LEU D 49 -25.17 -20.25 54.56
N LEU D 50 -23.91 -20.45 54.18
CA LEU D 50 -23.33 -19.74 53.04
C LEU D 50 -24.03 -20.07 51.73
N LEU D 51 -24.68 -21.24 51.64
CA LEU D 51 -25.45 -21.57 50.45
C LEU D 51 -26.75 -20.79 50.40
N ALA D 52 -27.49 -20.76 51.51
CA ALA D 52 -28.76 -20.07 51.54
C ALA D 52 -28.61 -18.60 51.20
N ALA D 53 -27.49 -18.00 51.57
CA ALA D 53 -27.21 -16.62 51.18
C ALA D 53 -27.01 -16.50 49.68
N LYS D 54 -26.30 -17.45 49.07
CA LYS D 54 -25.96 -17.35 47.66
C LYS D 54 -27.20 -17.36 46.78
N ASP D 55 -28.22 -18.13 47.17
CA ASP D 55 -29.42 -18.35 46.36
C ASP D 55 -30.67 -17.72 46.95
N ASN D 56 -30.56 -17.04 48.09
CA ASN D 56 -31.64 -16.19 48.59
C ASN D 56 -32.84 -17.02 49.05
N ASP D 57 -32.56 -18.11 49.77
CA ASP D 57 -33.61 -18.93 50.35
C ASP D 57 -33.86 -18.42 51.77
N VAL D 58 -34.69 -17.38 51.88
CA VAL D 58 -34.95 -16.78 53.18
C VAL D 58 -35.72 -17.74 54.08
N GLN D 59 -36.65 -18.52 53.52
CA GLN D 59 -37.46 -19.40 54.35
C GLN D 59 -36.63 -20.52 54.98
N ALA D 60 -35.61 -20.99 54.27
CA ALA D 60 -34.67 -21.96 54.83
C ALA D 60 -33.52 -21.31 55.57
N LEU D 61 -33.44 -19.97 55.57
CA LEU D 61 -32.41 -19.24 56.29
C LEU D 61 -32.87 -18.88 57.70
N ASN D 62 -34.10 -18.37 57.83
CA ASN D 62 -34.69 -18.15 59.14
C ASN D 62 -34.69 -19.44 59.96
N LYS D 63 -34.92 -20.58 59.31
CA LYS D 63 -34.83 -21.87 60.00
C LYS D 63 -33.46 -22.10 60.62
N LEU D 64 -32.39 -21.67 59.94
CA LEU D 64 -31.04 -21.90 60.41
C LEU D 64 -30.62 -20.93 61.50
N LEU D 65 -30.98 -19.65 61.37
CA LEU D 65 -30.59 -18.67 62.37
C LEU D 65 -31.39 -18.81 63.64
N LYS D 66 -32.62 -19.32 63.54
CA LYS D 66 -33.47 -19.47 64.72
C LYS D 66 -33.17 -20.75 65.49
N TYR D 67 -32.60 -21.76 64.82
CA TYR D 67 -32.47 -23.08 65.43
C TYR D 67 -31.53 -23.04 66.63
N GLU D 68 -30.45 -22.29 66.52
CA GLU D 68 -29.37 -22.33 67.49
C GLU D 68 -28.56 -21.07 67.29
N ASP D 69 -27.91 -20.60 68.35
CA ASP D 69 -27.07 -19.41 68.22
C ASP D 69 -25.83 -19.79 67.43
N CYS D 70 -26.00 -19.94 66.13
CA CYS D 70 -25.09 -20.72 65.31
C CYS D 70 -23.75 -20.00 65.17
N LYS D 71 -22.81 -20.67 64.50
CA LYS D 71 -21.63 -20.02 63.98
C LYS D 71 -22.08 -19.14 62.82
N VAL D 72 -22.32 -17.86 63.12
CA VAL D 72 -22.53 -16.86 62.08
C VAL D 72 -21.21 -16.31 61.57
N HIS D 73 -20.11 -16.58 62.27
CA HIS D 73 -18.77 -16.21 61.84
C HIS D 73 -18.12 -17.27 60.96
N GLN D 74 -18.92 -18.08 60.27
CA GLN D 74 -18.36 -19.00 59.28
C GLN D 74 -17.65 -18.22 58.20
N ARG D 75 -16.36 -18.51 58.01
CA ARG D 75 -15.53 -17.82 57.04
C ARG D 75 -15.06 -18.83 56.00
N GLY D 76 -15.43 -18.58 54.74
CA GLY D 76 -15.04 -19.44 53.65
C GLY D 76 -13.58 -19.32 53.30
N ALA D 77 -13.24 -19.56 52.04
CA ALA D 77 -11.84 -19.58 51.64
C ALA D 77 -11.22 -18.19 51.71
N MET D 78 -11.93 -17.19 51.18
CA MET D 78 -11.42 -15.82 51.19
C MET D 78 -11.64 -15.12 52.52
N GLY D 79 -12.13 -15.81 53.55
CA GLY D 79 -12.32 -15.20 54.84
C GLY D 79 -13.63 -14.48 55.00
N GLU D 80 -14.62 -14.79 54.18
CA GLU D 80 -15.83 -14.00 54.08
C GLU D 80 -16.99 -14.65 54.83
N THR D 81 -17.79 -13.81 55.45
CA THR D 81 -18.97 -14.23 56.18
C THR D 81 -20.16 -14.29 55.23
N ALA D 82 -21.32 -14.69 55.76
CA ALA D 82 -22.51 -14.82 54.94
C ALA D 82 -22.97 -13.50 54.34
N LEU D 83 -22.60 -12.38 54.95
CA LEU D 83 -23.06 -11.09 54.47
C LEU D 83 -22.36 -10.67 53.20
N HIS D 84 -21.06 -10.97 53.09
CA HIS D 84 -20.34 -10.73 51.85
C HIS D 84 -20.99 -11.44 50.68
N ILE D 85 -21.43 -12.68 50.92
CA ILE D 85 -21.93 -13.52 49.83
C ILE D 85 -23.32 -13.10 49.43
N ALA D 86 -24.15 -12.70 50.39
CA ALA D 86 -25.45 -12.13 50.06
C ALA D 86 -25.29 -10.86 49.24
N ALA D 87 -24.25 -10.08 49.51
CA ALA D 87 -23.97 -8.86 48.79
C ALA D 87 -23.21 -9.09 47.50
N LEU D 88 -22.44 -10.17 47.42
CA LEU D 88 -21.67 -10.45 46.21
C LEU D 88 -22.56 -10.93 45.07
N TYR D 89 -23.69 -11.57 45.39
CA TYR D 89 -24.62 -12.09 44.40
C TYR D 89 -25.91 -11.29 44.32
N ASP D 90 -25.92 -10.07 44.87
CA ASP D 90 -27.07 -9.17 44.78
C ASP D 90 -28.30 -9.77 45.44
N ASN D 91 -28.09 -10.44 46.57
CA ASN D 91 -29.17 -11.05 47.33
C ASN D 91 -29.53 -10.08 48.46
N LEU D 92 -30.42 -9.14 48.14
CA LEU D 92 -30.87 -8.15 49.11
C LEU D 92 -31.61 -8.81 50.26
N GLU D 93 -32.47 -9.78 49.96
CA GLU D 93 -33.37 -10.32 50.97
C GLU D 93 -32.61 -11.18 51.97
N ALA D 94 -31.58 -11.89 51.52
CA ALA D 94 -30.76 -12.66 52.44
C ALA D 94 -29.94 -11.75 53.35
N ALA D 95 -29.41 -10.66 52.81
CA ALA D 95 -28.48 -9.83 53.58
C ALA D 95 -29.17 -9.17 54.76
N MET D 96 -30.45 -8.82 54.64
CA MET D 96 -31.16 -8.24 55.76
C MET D 96 -31.25 -9.21 56.93
N VAL D 97 -31.52 -10.48 56.64
CA VAL D 97 -31.71 -11.47 57.70
C VAL D 97 -30.43 -11.64 58.50
N LEU D 98 -29.28 -11.62 57.83
CA LEU D 98 -28.01 -11.69 58.55
C LEU D 98 -27.83 -10.47 59.44
N MET D 99 -28.25 -9.30 58.97
CA MET D 99 -28.08 -8.08 59.75
C MET D 99 -29.11 -7.99 60.88
N GLU D 100 -30.28 -8.61 60.70
CA GLU D 100 -31.26 -8.65 61.78
C GLU D 100 -30.85 -9.65 62.84
N ALA D 101 -30.41 -10.84 62.44
CA ALA D 101 -30.03 -11.87 63.39
C ALA D 101 -28.85 -11.41 64.25
N ALA D 102 -27.71 -11.17 63.61
CA ALA D 102 -26.49 -10.72 64.28
C ALA D 102 -26.07 -9.41 63.63
N PRO D 103 -26.22 -8.26 64.30
CA PRO D 103 -25.71 -7.01 63.71
C PRO D 103 -24.19 -6.92 63.64
N GLU D 104 -23.45 -7.87 64.21
CA GLU D 104 -22.00 -7.80 64.21
C GLU D 104 -21.38 -8.10 62.85
N LEU D 105 -22.17 -8.48 61.84
CA LEU D 105 -21.59 -8.92 60.58
C LEU D 105 -21.13 -7.75 59.72
N VAL D 106 -21.81 -6.60 59.79
CA VAL D 106 -21.47 -5.45 58.97
C VAL D 106 -20.06 -4.96 59.24
N PHE D 107 -19.56 -5.12 60.46
CA PHE D 107 -18.22 -4.69 60.84
C PHE D 107 -17.13 -5.70 60.48
N GLU D 108 -17.48 -6.78 59.80
CA GLU D 108 -16.54 -7.88 59.60
C GLU D 108 -15.88 -7.74 58.24
N PRO D 109 -14.59 -7.50 58.14
CA PRO D 109 -13.91 -7.56 56.83
C PRO D 109 -13.50 -8.98 56.48
N MET D 110 -13.19 -9.15 55.20
CA MET D 110 -12.53 -10.38 54.77
C MET D 110 -11.12 -10.42 55.34
N THR D 111 -10.66 -11.63 55.65
CA THR D 111 -9.41 -11.84 56.36
C THR D 111 -8.31 -12.42 55.49
N SER D 112 -8.64 -12.88 54.29
CA SER D 112 -7.63 -13.47 53.42
C SER D 112 -6.67 -12.41 52.90
N GLU D 113 -5.47 -12.87 52.56
CA GLU D 113 -4.45 -12.01 51.98
C GLU D 113 -4.90 -11.39 50.66
N LEU D 114 -5.87 -12.00 49.98
CA LEU D 114 -6.23 -11.57 48.64
C LEU D 114 -7.23 -10.43 48.65
N TYR D 115 -8.30 -10.59 49.42
CA TYR D 115 -9.38 -9.62 49.52
C TYR D 115 -9.41 -8.98 50.91
N GLU D 116 -8.22 -8.74 51.47
CA GLU D 116 -8.10 -8.27 52.84
C GLU D 116 -8.81 -6.94 53.05
N GLY D 117 -9.44 -6.80 54.21
CA GLY D 117 -10.08 -5.58 54.62
C GLY D 117 -11.45 -5.35 54.04
N GLN D 118 -11.78 -5.99 52.92
CA GLN D 118 -13.03 -5.73 52.23
C GLN D 118 -14.21 -6.14 53.11
N THR D 119 -15.22 -5.29 53.16
CA THR D 119 -16.42 -5.47 53.94
C THR D 119 -17.59 -5.73 53.01
N ALA D 120 -18.77 -5.83 53.59
CA ALA D 120 -19.99 -5.93 52.79
C ALA D 120 -20.34 -4.60 52.13
N LEU D 121 -19.85 -3.49 52.68
CA LEU D 121 -20.18 -2.20 52.12
C LEU D 121 -19.47 -1.97 50.80
N HIS D 122 -18.18 -2.28 50.75
CA HIS D 122 -17.43 -2.21 49.50
C HIS D 122 -18.10 -3.01 48.39
N ILE D 123 -18.70 -4.15 48.73
CA ILE D 123 -19.26 -5.02 47.71
C ILE D 123 -20.55 -4.45 47.16
N ALA D 124 -21.43 -3.99 48.03
CA ALA D 124 -22.72 -3.45 47.57
C ALA D 124 -22.53 -2.23 46.70
N VAL D 125 -21.50 -1.43 46.98
CA VAL D 125 -21.20 -0.26 46.17
C VAL D 125 -20.84 -0.68 44.75
N VAL D 126 -19.97 -1.68 44.61
CA VAL D 126 -19.48 -2.08 43.30
C VAL D 126 -20.61 -2.70 42.48
N ASN D 127 -21.46 -3.48 43.12
CA ASN D 127 -22.62 -4.03 42.45
C ASN D 127 -23.78 -3.05 42.34
N GLN D 128 -23.64 -1.84 42.86
CA GLN D 128 -24.63 -0.78 42.70
C GLN D 128 -25.97 -1.15 43.31
N ASN D 129 -25.98 -1.99 44.34
CA ASN D 129 -27.22 -2.38 44.99
C ASN D 129 -27.65 -1.22 45.88
N MET D 130 -28.50 -0.35 45.34
CA MET D 130 -28.81 0.91 46.02
C MET D 130 -29.58 0.67 47.31
N ASN D 131 -30.49 -0.30 47.32
CA ASN D 131 -31.30 -0.55 48.50
C ASN D 131 -30.56 -1.31 49.59
N LEU D 132 -29.53 -2.06 49.23
CA LEU D 132 -28.73 -2.76 50.23
C LEU D 132 -27.73 -1.84 50.89
N VAL D 133 -27.10 -0.96 50.11
CA VAL D 133 -26.09 -0.07 50.67
C VAL D 133 -26.70 0.88 51.68
N ARG D 134 -27.90 1.38 51.42
CA ARG D 134 -28.59 2.23 52.40
C ARG D 134 -28.74 1.54 53.73
N ALA D 135 -28.93 0.23 53.73
CA ALA D 135 -29.13 -0.51 54.97
C ALA D 135 -27.86 -0.59 55.79
N LEU D 136 -26.75 -0.91 55.14
CA LEU D 136 -25.49 -1.06 55.88
C LEU D 136 -25.03 0.26 56.48
N LEU D 137 -25.36 1.38 55.83
CA LEU D 137 -25.12 2.67 56.45
C LEU D 137 -26.06 2.89 57.62
N ALA D 138 -27.34 2.49 57.47
CA ALA D 138 -28.26 2.51 58.59
C ALA D 138 -27.79 1.60 59.71
N ARG D 139 -27.01 0.57 59.40
CA ARG D 139 -26.33 -0.24 60.39
C ARG D 139 -24.92 0.28 60.67
N ARG D 140 -24.74 1.60 60.57
CA ARG D 140 -23.56 2.33 61.02
C ARG D 140 -22.25 1.69 60.57
N ALA D 141 -22.26 1.18 59.34
CA ALA D 141 -21.06 0.59 58.76
C ALA D 141 -20.01 1.65 58.46
N SER D 142 -18.75 1.27 58.67
CA SER D 142 -17.64 2.21 58.46
C SER D 142 -17.46 2.51 56.98
N VAL D 143 -17.37 3.79 56.65
CA VAL D 143 -17.09 4.23 55.29
C VAL D 143 -15.60 4.56 55.12
N SER D 144 -14.80 4.29 56.15
CA SER D 144 -13.36 4.50 56.12
C SER D 144 -12.58 3.20 56.06
N ALA D 145 -13.25 2.09 55.76
CA ALA D 145 -12.59 0.79 55.77
C ALA D 145 -11.73 0.64 54.53
N ARG D 146 -10.52 0.14 54.72
CA ARG D 146 -9.48 0.18 53.71
C ARG D 146 -9.24 -1.21 53.14
N ALA D 147 -9.75 -1.44 51.93
CA ALA D 147 -9.58 -2.71 51.24
C ALA D 147 -8.14 -2.83 50.78
N THR D 148 -7.31 -3.45 51.61
CA THR D 148 -5.87 -3.53 51.42
C THR D 148 -5.44 -4.72 50.57
N GLY D 149 -6.34 -5.66 50.30
CA GLY D 149 -5.95 -6.92 49.71
C GLY D 149 -5.29 -6.78 48.36
N THR D 150 -4.56 -7.84 48.00
CA THR D 150 -3.77 -7.86 46.78
C THR D 150 -4.63 -7.75 45.53
N ALA D 151 -5.91 -8.13 45.61
CA ALA D 151 -6.77 -8.09 44.44
C ALA D 151 -7.18 -6.68 44.06
N PHE D 152 -6.91 -5.69 44.91
CA PHE D 152 -7.30 -4.31 44.65
C PHE D 152 -6.13 -3.41 44.32
N ARG D 153 -4.90 -3.82 44.61
CA ARG D 153 -3.75 -3.00 44.31
C ARG D 153 -3.58 -2.85 42.81
N ARG D 154 -2.89 -1.78 42.42
CA ARG D 154 -2.64 -1.53 41.01
C ARG D 154 -1.60 -2.51 40.50
N SER D 155 -1.97 -3.27 39.49
CA SER D 155 -1.09 -4.30 38.96
C SER D 155 -1.68 -4.85 37.67
N PRO D 156 -0.86 -5.30 36.72
CA PRO D 156 -1.41 -5.96 35.52
C PRO D 156 -2.06 -7.29 35.84
N CYS D 157 -1.76 -7.89 36.98
CA CYS D 157 -2.42 -9.11 37.41
C CYS D 157 -3.88 -8.88 37.78
N ASN D 158 -4.28 -7.64 38.04
CA ASN D 158 -5.64 -7.30 38.40
C ASN D 158 -6.29 -6.52 37.27
N LEU D 159 -7.56 -6.85 36.99
CA LEU D 159 -8.29 -6.21 35.91
C LEU D 159 -8.92 -4.88 36.33
N ILE D 160 -8.85 -4.52 37.60
CA ILE D 160 -9.49 -3.32 38.13
C ILE D 160 -8.55 -2.67 39.13
N TYR D 161 -8.53 -1.35 39.13
CA TYR D 161 -7.94 -0.56 40.21
C TYR D 161 -9.01 0.46 40.60
N PHE D 162 -9.85 0.07 41.55
CA PHE D 162 -10.91 0.91 42.06
C PHE D 162 -10.49 1.67 43.31
N GLY D 163 -9.29 1.43 43.82
CA GLY D 163 -8.80 2.12 44.98
C GLY D 163 -8.81 1.29 46.22
N GLU D 164 -9.11 1.92 47.36
CA GLU D 164 -9.04 1.25 48.65
C GLU D 164 -10.17 1.61 49.60
N HIS D 165 -11.06 2.53 49.24
CA HIS D 165 -12.13 3.01 50.10
C HIS D 165 -13.47 2.82 49.41
N PRO D 166 -14.58 2.89 50.15
CA PRO D 166 -15.88 2.71 49.52
C PRO D 166 -16.19 3.77 48.48
N LEU D 167 -15.82 5.03 48.73
CA LEU D 167 -16.07 6.09 47.78
C LEU D 167 -15.27 5.90 46.51
N SER D 168 -14.01 5.48 46.64
CA SER D 168 -13.21 5.21 45.46
C SER D 168 -13.78 4.07 44.64
N PHE D 169 -14.49 3.14 45.28
CA PHE D 169 -15.18 2.09 44.53
C PHE D 169 -16.45 2.62 43.88
N ALA D 170 -17.20 3.47 44.58
CA ALA D 170 -18.40 4.05 44.01
C ALA D 170 -18.10 4.91 42.80
N ALA D 171 -17.03 5.69 42.87
CA ALA D 171 -16.73 6.66 41.83
C ALA D 171 -16.28 6.00 40.54
N CYS D 172 -15.71 4.81 40.62
CA CYS D 172 -15.16 4.14 39.44
C CYS D 172 -16.16 3.24 38.75
N VAL D 173 -17.25 2.87 39.43
CA VAL D 173 -18.39 2.24 38.78
C VAL D 173 -19.40 3.26 38.26
N ASN D 174 -19.16 4.55 38.46
CA ASN D 174 -20.06 5.61 38.02
C ASN D 174 -21.45 5.46 38.63
N SER D 175 -21.51 5.63 39.95
CA SER D 175 -22.77 5.71 40.67
C SER D 175 -22.81 7.07 41.35
N GLU D 176 -23.38 8.06 40.65
CA GLU D 176 -23.52 9.40 41.23
C GLU D 176 -24.31 9.36 42.53
N GLU D 177 -25.28 8.45 42.63
CA GLU D 177 -26.14 8.40 43.79
C GLU D 177 -25.39 7.91 45.02
N ILE D 178 -24.63 6.82 44.88
CA ILE D 178 -23.93 6.27 46.03
C ILE D 178 -22.76 7.16 46.43
N VAL D 179 -22.13 7.84 45.47
CA VAL D 179 -21.00 8.71 45.80
C VAL D 179 -21.49 9.87 46.66
N ARG D 180 -22.63 10.45 46.31
CA ARG D 180 -23.26 11.43 47.20
C ARG D 180 -23.59 10.79 48.54
N LEU D 181 -24.30 9.65 48.52
CA LEU D 181 -24.84 9.06 49.73
C LEU D 181 -23.76 8.74 50.75
N LEU D 182 -22.55 8.42 50.30
CA LEU D 182 -21.45 8.17 51.23
C LEU D 182 -20.90 9.46 51.84
N ILE D 183 -21.16 10.61 51.20
CA ILE D 183 -20.60 11.87 51.70
C ILE D 183 -21.43 12.43 52.85
N GLU D 184 -22.75 12.22 52.84
CA GLU D 184 -23.54 12.61 54.00
C GLU D 184 -23.15 11.82 55.24
N HIS D 185 -22.60 10.62 55.08
CA HIS D 185 -22.25 9.75 56.20
C HIS D 185 -20.79 9.90 56.61
N GLY D 186 -20.06 10.86 56.06
CA GLY D 186 -18.73 11.17 56.53
C GLY D 186 -17.61 10.44 55.80
N ALA D 187 -17.65 10.48 54.48
CA ALA D 187 -16.61 9.87 53.64
C ALA D 187 -15.56 10.93 53.31
N ASP D 188 -14.37 10.79 53.88
CA ASP D 188 -13.30 11.72 53.62
C ASP D 188 -12.84 11.59 52.17
N ILE D 189 -13.03 12.65 51.39
CA ILE D 189 -12.60 12.62 50.00
C ILE D 189 -11.07 12.64 49.92
N ARG D 190 -10.39 13.15 50.94
CA ARG D 190 -8.94 13.27 50.95
C ARG D 190 -8.24 11.99 51.36
N ALA D 191 -8.97 10.89 51.45
CA ALA D 191 -8.36 9.62 51.83
C ALA D 191 -7.57 9.06 50.68
N GLN D 192 -6.37 8.59 50.97
CA GLN D 192 -5.42 8.13 49.97
C GLN D 192 -5.19 6.63 50.09
N ASP D 193 -4.70 6.05 49.01
CA ASP D 193 -4.37 4.63 48.96
C ASP D 193 -3.01 4.41 49.59
N SER D 194 -2.48 3.19 49.45
CA SER D 194 -1.09 2.92 49.78
C SER D 194 -0.16 3.65 48.84
N LEU D 195 -0.59 3.91 47.61
CA LEU D 195 0.20 4.65 46.63
C LEU D 195 0.01 6.15 46.73
N GLY D 196 -0.81 6.63 47.67
CA GLY D 196 -1.06 8.05 47.82
C GLY D 196 -2.18 8.59 46.97
N ASN D 197 -2.68 7.82 46.02
CA ASN D 197 -3.71 8.28 45.10
C ASN D 197 -5.03 8.47 45.82
N THR D 198 -5.46 9.72 45.96
CA THR D 198 -6.82 10.00 46.37
C THR D 198 -7.76 9.68 45.22
N VAL D 199 -9.06 9.86 45.44
CA VAL D 199 -10.06 9.45 44.46
C VAL D 199 -9.92 10.23 43.16
N LEU D 200 -9.29 11.40 43.19
CA LEU D 200 -9.14 12.19 41.98
C LEU D 200 -8.10 11.61 41.04
N HIS D 201 -7.08 10.95 41.58
CA HIS D 201 -6.08 10.29 40.74
C HIS D 201 -6.65 9.04 40.09
N ILE D 202 -7.51 8.31 40.80
CA ILE D 202 -7.97 7.01 40.35
C ILE D 202 -8.82 7.15 39.10
N LEU D 203 -9.75 8.12 39.10
CA LEU D 203 -10.64 8.33 37.98
C LEU D 203 -9.89 8.59 36.68
N ILE D 204 -8.65 9.05 36.77
CA ILE D 204 -7.80 9.22 35.60
C ILE D 204 -7.27 7.88 35.13
N LEU D 205 -7.14 6.91 36.03
CA LEU D 205 -6.55 5.61 35.71
C LEU D 205 -7.57 4.60 35.21
N GLN D 206 -8.78 5.01 34.95
CA GLN D 206 -9.83 4.09 34.55
C GLN D 206 -9.90 4.01 33.04
N PRO D 207 -10.45 2.91 32.49
CA PRO D 207 -10.51 2.79 31.02
C PRO D 207 -11.61 3.62 30.39
N ASN D 208 -12.68 3.91 31.11
CA ASN D 208 -13.83 4.65 30.58
C ASN D 208 -13.65 6.12 30.93
N LYS D 209 -13.34 6.92 29.92
CA LYS D 209 -12.99 8.32 30.12
C LYS D 209 -14.23 9.20 30.27
N THR D 210 -15.25 8.97 29.45
CA THR D 210 -16.40 9.87 29.39
C THR D 210 -17.17 9.89 30.70
N PHE D 211 -17.33 8.75 31.35
CA PHE D 211 -17.96 8.71 32.66
C PHE D 211 -17.05 9.22 33.77
N ALA D 212 -15.76 9.41 33.49
CA ALA D 212 -14.82 9.82 34.53
C ALA D 212 -14.70 11.32 34.64
N CYS D 213 -14.94 12.04 33.55
CA CYS D 213 -14.89 13.50 33.61
C CYS D 213 -16.06 14.06 34.40
N GLN D 214 -17.23 13.41 34.32
CA GLN D 214 -18.39 13.90 35.05
C GLN D 214 -18.27 13.65 36.54
N MET D 215 -17.57 12.60 36.94
CA MET D 215 -17.34 12.33 38.34
C MET D 215 -16.22 13.20 38.90
N TYR D 216 -15.27 13.58 38.06
CA TYR D 216 -14.25 14.53 38.45
C TYR D 216 -14.88 15.84 38.90
N ASN D 217 -15.85 16.33 38.14
CA ASN D 217 -16.53 17.57 38.49
C ASN D 217 -17.32 17.42 39.78
N LEU D 218 -18.02 16.30 39.93
CA LEU D 218 -18.91 16.12 41.08
C LEU D 218 -18.13 16.08 42.38
N LEU D 219 -16.96 15.47 42.38
CA LEU D 219 -16.26 15.24 43.64
C LEU D 219 -15.55 16.48 44.14
N LEU D 220 -15.18 17.40 43.24
CA LEU D 220 -14.61 18.66 43.65
C LEU D 220 -15.69 19.59 44.21
N SER D 221 -16.92 19.47 43.72
CA SER D 221 -18.03 20.24 44.25
C SER D 221 -18.19 20.02 45.75
N TYR D 222 -17.86 18.84 46.25
CA TYR D 222 -17.90 18.54 47.67
C TYR D 222 -16.60 18.89 48.38
N ASP D 223 -15.77 19.73 47.77
CA ASP D 223 -14.60 20.33 48.40
C ASP D 223 -14.89 21.78 48.80
N ARG D 224 -16.07 22.01 49.40
CA ARG D 224 -16.61 23.36 49.55
C ARG D 224 -15.82 24.20 50.55
N HIS D 225 -15.44 23.63 51.69
CA HIS D 225 -15.03 24.43 52.83
C HIS D 225 -13.64 25.04 52.57
N GLY D 226 -13.53 26.35 52.80
CA GLY D 226 -12.39 27.11 52.35
C GLY D 226 -11.06 26.75 53.00
N ASP D 227 -11.09 26.03 54.13
CA ASP D 227 -9.89 25.73 54.90
C ASP D 227 -9.49 24.28 54.63
N HIS D 228 -8.67 24.11 53.58
CA HIS D 228 -8.31 22.77 53.10
C HIS D 228 -6.82 22.51 52.93
N LEU D 229 -5.96 23.53 52.84
CA LEU D 229 -4.51 23.28 52.91
C LEU D 229 -4.03 22.38 51.77
N GLN D 230 -3.87 22.93 50.55
CA GLN D 230 -3.67 22.22 49.29
C GLN D 230 -4.93 21.49 48.84
N PRO D 231 -5.91 22.21 48.27
CA PRO D 231 -7.12 21.57 47.73
C PRO D 231 -6.86 20.34 46.86
N LEU D 232 -7.92 19.54 46.68
CA LEU D 232 -7.79 18.14 46.27
C LEU D 232 -6.93 17.97 45.03
N ASP D 233 -7.23 18.73 43.98
CA ASP D 233 -6.55 18.56 42.71
C ASP D 233 -5.13 19.12 42.71
N LEU D 234 -4.62 19.55 43.87
CA LEU D 234 -3.21 19.82 44.07
C LEU D 234 -2.58 18.87 45.10
N VAL D 235 -3.27 17.81 45.48
CA VAL D 235 -2.74 16.82 46.41
C VAL D 235 -1.96 15.80 45.59
N PRO D 236 -0.65 15.63 45.81
CA PRO D 236 0.10 14.62 45.07
C PRO D 236 0.06 13.25 45.72
N ASN D 237 0.41 12.26 44.91
CA ASN D 237 0.57 10.89 45.38
C ASN D 237 2.00 10.69 45.87
N HIS D 238 2.39 9.44 46.10
CA HIS D 238 3.71 9.14 46.61
C HIS D 238 4.79 9.20 45.54
N GLN D 239 4.44 9.55 44.30
CA GLN D 239 5.40 9.93 43.28
C GLN D 239 5.45 11.44 43.07
N GLY D 240 4.72 12.23 43.86
CA GLY D 240 4.66 13.66 43.69
C GLY D 240 3.70 14.15 42.65
N LEU D 241 3.11 13.26 41.85
CA LEU D 241 2.27 13.67 40.75
C LEU D 241 0.90 14.08 41.24
N THR D 242 0.43 15.23 40.74
CA THR D 242 -0.94 15.67 40.93
C THR D 242 -1.83 14.99 39.90
N PRO D 243 -3.14 15.14 40.01
CA PRO D 243 -4.01 14.57 38.98
C PRO D 243 -3.77 15.14 37.61
N PHE D 244 -3.36 16.40 37.52
CA PHE D 244 -3.07 16.99 36.22
C PHE D 244 -1.86 16.31 35.59
N LYS D 245 -0.76 16.20 36.34
CA LYS D 245 0.43 15.57 35.80
C LYS D 245 0.23 14.08 35.59
N LEU D 246 -0.60 13.43 36.39
CA LEU D 246 -0.88 12.02 36.20
C LEU D 246 -1.65 11.78 34.91
N ALA D 247 -2.49 12.72 34.51
CA ALA D 247 -3.25 12.58 33.29
C ALA D 247 -2.35 12.54 32.07
N GLY D 248 -1.22 13.22 32.12
CA GLY D 248 -0.31 13.25 30.99
C GLY D 248 0.57 12.02 30.92
N VAL D 249 1.02 11.57 32.07
CA VAL D 249 1.87 10.39 32.14
C VAL D 249 1.13 9.17 31.62
N GLU D 250 -0.17 9.10 31.90
CA GLU D 250 -0.99 7.96 31.52
C GLU D 250 -1.62 8.12 30.14
N GLY D 251 -1.48 9.27 29.51
CA GLY D 251 -2.00 9.44 28.18
C GLY D 251 -3.49 9.68 28.11
N ASN D 252 -4.08 10.18 29.18
CA ASN D 252 -5.52 10.43 29.22
C ASN D 252 -5.77 11.80 28.61
N THR D 253 -5.87 11.84 27.29
CA THR D 253 -6.06 13.09 26.58
C THR D 253 -7.39 13.74 26.95
N VAL D 254 -8.40 12.92 27.26
CA VAL D 254 -9.72 13.44 27.56
C VAL D 254 -9.68 14.30 28.81
N MET D 255 -9.06 13.78 29.86
CA MET D 255 -8.99 14.46 31.14
C MET D 255 -7.92 15.54 31.17
N PHE D 256 -6.85 15.39 30.40
CA PHE D 256 -5.88 16.48 30.32
C PHE D 256 -6.54 17.74 29.81
N GLN D 257 -7.34 17.62 28.74
CA GLN D 257 -8.12 18.75 28.27
C GLN D 257 -9.07 19.24 29.35
N HIS D 258 -9.80 18.32 29.99
CA HIS D 258 -10.84 18.74 30.92
C HIS D 258 -10.25 19.43 32.15
N LEU D 259 -9.07 19.00 32.58
CA LEU D 259 -8.41 19.64 33.71
C LEU D 259 -7.69 20.92 33.31
N MET D 260 -7.71 21.27 32.04
CA MET D 260 -6.95 22.41 31.53
C MET D 260 -7.78 23.69 31.49
N GLN D 261 -9.10 23.58 31.42
CA GLN D 261 -9.95 24.77 31.48
C GLN D 261 -9.87 25.48 32.81
N LYS D 262 -9.40 24.81 33.85
CA LYS D 262 -9.11 25.47 35.11
C LYS D 262 -7.92 26.41 35.00
N ARG D 263 -7.09 26.23 33.98
CA ARG D 263 -5.87 27.01 33.80
C ARG D 263 -5.99 28.07 32.72
N LYS D 264 -6.90 27.91 31.78
CA LYS D 264 -7.18 28.93 30.78
C LYS D 264 -7.69 30.21 31.42
N HIS D 265 -7.51 31.30 30.69
CA HIS D 265 -8.16 32.57 31.02
C HIS D 265 -8.36 33.33 29.71
N THR D 266 -9.55 33.19 29.14
CA THR D 266 -9.92 33.89 27.92
C THR D 266 -9.87 35.39 28.15
N GLN D 267 -8.95 36.07 27.46
CA GLN D 267 -8.81 37.51 27.62
C GLN D 267 -9.92 38.26 26.87
N TRP D 268 -9.93 38.11 25.55
CA TRP D 268 -10.82 38.88 24.70
C TRP D 268 -11.26 38.03 23.52
N THR D 269 -12.41 38.39 22.97
CA THR D 269 -13.01 37.68 21.85
C THR D 269 -13.52 38.71 20.86
N TYR D 270 -12.94 38.73 19.67
CA TYR D 270 -13.20 39.72 18.64
C TYR D 270 -13.70 38.95 17.41
N GLY D 271 -14.99 38.63 17.41
CA GLY D 271 -15.57 37.84 16.36
C GLY D 271 -15.03 36.42 16.38
N PRO D 272 -14.35 35.99 15.31
CA PRO D 272 -13.82 34.62 15.29
C PRO D 272 -12.53 34.43 16.07
N LEU D 273 -11.97 35.47 16.65
CA LEU D 273 -10.70 35.40 17.35
C LEU D 273 -10.91 35.18 18.84
N THR D 274 -9.94 34.51 19.45
CA THR D 274 -9.91 34.27 20.88
C THR D 274 -8.47 34.33 21.33
N SER D 275 -8.24 34.95 22.48
CA SER D 275 -6.90 35.10 23.07
C SER D 275 -6.92 34.50 24.47
N THR D 276 -6.60 33.21 24.55
CA THR D 276 -6.53 32.52 25.82
C THR D 276 -5.14 32.66 26.41
N LEU D 277 -5.06 32.55 27.74
CA LEU D 277 -3.83 32.75 28.48
C LEU D 277 -3.60 31.53 29.37
N TYR D 278 -2.83 30.57 28.87
CA TYR D 278 -2.54 29.35 29.58
C TYR D 278 -1.52 29.61 30.69
N ASP D 279 -1.39 28.67 31.62
CA ASP D 279 -0.70 28.92 32.88
C ASP D 279 0.72 28.36 32.93
N LEU D 280 0.92 27.11 32.49
CA LEU D 280 2.25 26.53 32.28
C LEU D 280 3.06 26.34 33.57
N THR D 281 2.45 26.50 34.72
CA THR D 281 3.18 26.31 35.97
C THR D 281 3.59 24.86 36.21
N GLU D 282 2.80 23.89 35.77
CA GLU D 282 3.15 22.48 35.90
C GLU D 282 3.64 21.85 34.60
N ILE D 283 3.75 22.63 33.52
CA ILE D 283 4.10 22.09 32.20
C ILE D 283 5.54 22.48 31.90
N ASP D 284 5.94 23.68 32.30
CA ASP D 284 7.25 24.20 31.99
C ASP D 284 8.24 23.87 33.10
N SER D 285 9.50 23.72 32.71
CA SER D 285 10.56 23.34 33.63
C SER D 285 10.86 24.51 34.56
N SER D 286 10.32 24.46 35.78
CA SER D 286 10.68 25.45 36.79
C SER D 286 12.10 25.21 37.29
N GLY D 287 12.37 24.03 37.82
CA GLY D 287 13.70 23.65 38.28
C GLY D 287 13.73 22.96 39.63
N ASP D 288 12.57 22.76 40.26
CA ASP D 288 12.48 22.11 41.56
C ASP D 288 12.03 20.65 41.46
N GLU D 289 10.99 20.38 40.68
CA GLU D 289 10.50 19.04 40.43
C GLU D 289 10.35 18.87 38.93
N GLN D 290 10.43 17.62 38.48
CA GLN D 290 10.37 17.33 37.05
C GLN D 290 9.02 17.77 36.48
N SER D 291 9.07 18.63 35.48
CA SER D 291 7.87 19.16 34.86
C SER D 291 7.25 18.12 33.93
N LEU D 292 6.00 18.40 33.54
CA LEU D 292 5.21 17.44 32.78
C LEU D 292 5.88 17.04 31.48
N LEU D 293 6.64 17.94 30.87
CA LEU D 293 7.35 17.58 29.65
C LEU D 293 8.44 16.56 29.93
N GLU D 294 9.01 16.59 31.13
CA GLU D 294 10.00 15.60 31.50
C GLU D 294 9.37 14.26 31.85
N LEU D 295 8.15 14.27 32.37
CA LEU D 295 7.48 13.04 32.75
C LEU D 295 6.89 12.30 31.56
N ILE D 296 6.62 12.99 30.46
CA ILE D 296 6.06 12.34 29.28
C ILE D 296 7.17 11.67 28.47
N ILE D 297 8.37 12.22 28.50
CA ILE D 297 9.50 11.60 27.82
C ILE D 297 10.04 10.44 28.63
N THR D 298 10.00 10.53 29.95
CA THR D 298 10.57 9.54 30.85
C THR D 298 9.56 8.47 31.25
N THR D 299 8.60 8.15 30.39
CA THR D 299 7.66 7.07 30.62
C THR D 299 7.58 6.19 29.38
N LYS D 300 7.38 4.89 29.62
CA LYS D 300 7.43 3.90 28.55
C LYS D 300 6.20 3.93 27.67
N LYS D 301 5.12 4.58 28.09
CA LYS D 301 3.89 4.56 27.32
C LYS D 301 4.03 5.42 26.07
N ARG D 302 3.22 5.07 25.07
CA ARG D 302 3.10 5.83 23.84
C ARG D 302 1.80 6.61 23.75
N GLU D 303 0.85 6.35 24.67
CA GLU D 303 -0.33 7.19 24.76
C GLU D 303 -0.01 8.53 25.40
N ALA D 304 1.01 8.56 26.25
CA ALA D 304 1.45 9.80 26.86
C ALA D 304 2.04 10.76 25.85
N ARG D 305 2.60 10.25 24.76
CA ARG D 305 3.17 11.12 23.75
C ARG D 305 2.10 11.80 22.90
N GLN D 306 0.83 11.41 23.03
CA GLN D 306 -0.25 12.13 22.39
C GLN D 306 -0.46 13.51 23.01
N ILE D 307 -0.02 13.70 24.26
CA ILE D 307 -0.21 14.96 24.96
C ILE D 307 0.55 16.09 24.32
N LEU D 308 1.60 15.78 23.57
CA LEU D 308 2.43 16.80 22.96
C LEU D 308 1.74 17.49 21.79
N ASP D 309 0.56 17.04 21.40
CA ASP D 309 -0.24 17.66 20.34
C ASP D 309 -1.34 18.56 20.90
N GLN D 310 -1.46 18.68 22.22
CA GLN D 310 -2.54 19.45 22.80
C GLN D 310 -2.18 20.94 22.85
N THR D 311 -3.22 21.76 22.92
CA THR D 311 -3.17 23.18 22.58
C THR D 311 -2.36 24.10 23.50
N PRO D 312 -2.05 23.75 24.77
CA PRO D 312 -1.04 24.53 25.50
C PRO D 312 0.38 24.04 25.33
N VAL D 313 0.55 22.75 25.01
CA VAL D 313 1.84 22.11 25.02
C VAL D 313 2.52 22.18 23.66
N LYS D 314 1.75 21.90 22.60
CA LYS D 314 2.28 21.97 21.24
C LYS D 314 2.84 23.35 20.94
N GLU D 315 2.23 24.39 21.48
CA GLU D 315 2.64 25.76 21.23
C GLU D 315 3.82 26.19 22.10
N LEU D 316 4.19 25.40 23.09
CA LEU D 316 5.32 25.66 23.96
C LEU D 316 6.57 24.96 23.47
N VAL D 317 6.44 23.70 23.07
CA VAL D 317 7.54 22.94 22.50
C VAL D 317 8.07 23.64 21.27
N SER D 318 7.17 24.09 20.40
CA SER D 318 7.54 24.76 19.17
C SER D 318 8.08 26.16 19.39
N LEU D 319 8.04 26.68 20.62
CA LEU D 319 8.61 27.98 20.93
C LEU D 319 9.98 27.87 21.58
N LYS D 320 10.17 26.91 22.48
CA LYS D 320 11.49 26.62 23.00
C LYS D 320 12.45 26.28 21.88
N TRP D 321 11.95 25.59 20.86
CA TRP D 321 12.76 25.06 19.79
C TRP D 321 13.04 26.10 18.71
N LYS D 322 11.99 26.62 18.10
CA LYS D 322 12.11 27.59 17.03
C LYS D 322 12.94 28.81 17.44
N ARG D 323 12.93 29.16 18.72
CA ARG D 323 13.63 30.32 19.22
C ARG D 323 14.99 29.97 19.81
N TYR D 324 15.04 29.01 20.74
CA TYR D 324 16.20 28.78 21.58
C TYR D 324 16.70 27.35 21.56
N GLY D 325 16.20 26.51 20.65
CA GLY D 325 16.57 25.11 20.59
C GLY D 325 17.24 24.69 19.30
N ARG D 326 16.89 25.32 18.19
CA ARG D 326 17.62 25.12 16.96
C ARG D 326 18.94 25.90 16.96
N PRO D 327 18.99 27.14 17.46
CA PRO D 327 20.29 27.83 17.53
C PRO D 327 21.33 27.09 18.35
N TYR D 328 21.00 26.75 19.58
CA TYR D 328 21.94 26.06 20.46
C TYR D 328 22.14 24.61 20.11
N PHE D 329 21.53 24.12 19.02
CA PHE D 329 21.70 22.77 18.54
C PHE D 329 22.31 22.72 17.15
N CYS D 330 22.17 23.78 16.37
CA CYS D 330 22.91 23.96 15.13
C CYS D 330 24.16 24.81 15.32
N MET D 331 24.53 25.14 16.56
CA MET D 331 25.84 25.66 16.90
C MET D 331 26.73 24.59 17.49
N LEU D 332 26.19 23.83 18.45
CA LEU D 332 26.93 22.72 19.04
C LEU D 332 26.95 21.50 18.14
N GLY D 333 26.32 21.57 16.96
CA GLY D 333 26.46 20.56 15.94
C GLY D 333 27.47 20.93 14.87
N ALA D 334 27.88 22.20 14.83
CA ALA D 334 28.97 22.65 13.99
C ALA D 334 30.28 22.79 14.75
N ILE D 335 30.21 23.00 16.06
CA ILE D 335 31.42 22.96 16.87
C ILE D 335 31.92 21.53 16.98
N TYR D 336 31.02 20.56 16.97
CA TYR D 336 31.41 19.16 17.00
C TYR D 336 32.03 18.74 15.67
N LEU D 337 31.53 19.27 14.56
CA LEU D 337 32.06 18.91 13.26
C LEU D 337 33.49 19.40 13.11
N LEU D 338 33.76 20.66 13.47
CA LEU D 338 35.12 21.17 13.45
C LEU D 338 36.02 20.50 14.47
N TYR D 339 35.47 19.74 15.41
CA TYR D 339 36.24 18.98 16.36
C TYR D 339 36.63 17.61 15.84
N ILE D 340 35.74 16.97 15.11
CA ILE D 340 36.02 15.66 14.54
C ILE D 340 36.90 15.79 13.31
N ILE D 341 36.78 16.89 12.59
CA ILE D 341 37.69 17.19 11.50
C ILE D 341 39.10 17.40 12.02
N CYS D 342 39.23 17.84 13.26
CA CYS D 342 40.55 17.97 13.87
C CYS D 342 41.02 16.63 14.41
N PHE D 343 40.11 15.82 14.93
CA PHE D 343 40.49 14.46 15.29
C PHE D 343 40.95 13.68 14.10
N THR D 344 40.29 13.89 12.97
CA THR D 344 40.58 13.13 11.77
C THR D 344 41.99 13.41 11.28
N MET D 345 42.29 14.67 10.98
CA MET D 345 43.62 15.10 10.58
C MET D 345 44.72 14.71 11.56
N CYS D 346 44.41 14.50 12.83
CA CYS D 346 45.40 14.00 13.76
C CYS D 346 45.61 12.50 13.64
N CYS D 347 44.78 11.82 12.85
CA CYS D 347 44.89 10.39 12.63
C CYS D 347 45.41 10.04 11.24
N ILE D 348 45.13 10.86 10.24
CA ILE D 348 45.78 10.72 8.95
C ILE D 348 47.28 10.99 9.07
N TYR D 349 47.64 12.06 9.76
CA TYR D 349 49.03 12.50 9.85
C TYR D 349 49.73 11.90 11.06
N ARG D 350 49.30 10.72 11.49
CA ARG D 350 49.84 10.11 12.68
C ARG D 350 51.31 9.74 12.49
N PRO D 351 52.00 9.39 13.57
CA PRO D 351 53.40 8.96 13.44
C PRO D 351 53.53 7.58 12.81
N LEU D 352 54.37 7.48 11.79
CA LEU D 352 54.63 6.21 11.13
C LEU D 352 56.01 6.25 10.50
N LYS D 353 56.73 5.14 10.60
CA LYS D 353 58.08 5.02 10.07
C LYS D 353 58.22 3.68 9.37
N PRO D 354 59.25 3.51 8.54
CA PRO D 354 59.52 2.19 7.97
C PRO D 354 59.84 1.17 9.04
N ARG D 355 59.36 -0.05 8.81
CA ARG D 355 59.55 -1.12 9.77
C ARG D 355 61.03 -1.47 9.90
N THR D 356 61.38 -1.94 11.09
CA THR D 356 62.75 -2.29 11.42
C THR D 356 62.98 -3.80 11.40
N ASN D 357 61.93 -4.60 11.58
CA ASN D 357 62.01 -6.03 11.46
C ASN D 357 62.11 -6.40 9.98
N ASN D 358 62.07 -7.68 9.69
CA ASN D 358 62.01 -8.21 8.34
C ASN D 358 60.69 -8.96 8.17
N ARG D 359 60.26 -9.06 6.92
CA ARG D 359 59.03 -9.76 6.59
C ARG D 359 59.12 -11.21 7.07
N THR D 360 58.32 -11.55 8.07
CA THR D 360 58.36 -12.88 8.66
C THR D 360 57.98 -13.94 7.64
N SER D 361 56.73 -13.89 7.20
CA SER D 361 56.16 -14.77 6.19
C SER D 361 55.81 -13.95 4.97
N PRO D 362 55.68 -14.58 3.79
CA PRO D 362 55.28 -13.80 2.60
C PRO D 362 53.86 -13.27 2.66
N ARG D 363 53.09 -13.66 3.67
CA ARG D 363 51.76 -13.14 3.89
C ARG D 363 51.75 -11.86 4.72
N ASP D 364 52.91 -11.28 4.97
CA ASP D 364 53.03 -10.06 5.78
C ASP D 364 53.39 -8.93 4.85
N ASN D 365 52.41 -8.11 4.50
CA ASN D 365 52.61 -6.94 3.66
C ASN D 365 52.60 -5.66 4.48
N THR D 366 52.88 -5.77 5.77
CA THR D 366 53.13 -4.60 6.59
C THR D 366 54.47 -4.00 6.22
N LEU D 367 54.45 -2.73 5.83
CA LEU D 367 55.64 -1.99 5.42
C LEU D 367 56.09 -0.99 6.46
N LEU D 368 55.16 -0.47 7.24
CA LEU D 368 55.38 0.64 8.13
C LEU D 368 54.95 0.22 9.53
N GLN D 369 55.51 0.90 10.53
CA GLN D 369 55.06 0.76 11.90
C GLN D 369 55.12 2.14 12.54
N GLN D 370 54.51 2.26 13.70
CA GLN D 370 54.30 3.57 14.30
C GLN D 370 55.48 3.97 15.16
N LYS D 371 55.79 5.27 15.13
CA LYS D 371 56.96 5.81 15.76
C LYS D 371 56.80 5.85 17.28
N LEU D 372 57.93 5.79 17.96
CA LEU D 372 57.97 6.02 19.39
C LEU D 372 57.91 7.53 19.66
N LEU D 373 57.59 7.86 20.91
CA LEU D 373 57.41 9.25 21.30
C LEU D 373 58.64 10.09 21.02
N GLN D 374 59.81 9.52 21.26
CA GLN D 374 61.04 10.31 21.21
C GLN D 374 61.32 10.84 19.82
N GLU D 375 60.75 10.20 18.79
CA GLU D 375 60.88 10.63 17.41
C GLU D 375 59.53 10.97 16.78
N ALA D 376 58.43 10.83 17.51
CA ALA D 376 57.13 11.25 17.01
C ALA D 376 56.95 12.75 17.04
N TYR D 377 57.57 13.43 18.00
CA TYR D 377 57.45 14.88 18.17
C TYR D 377 58.86 15.46 18.13
N MET D 378 59.33 15.70 16.90
CA MET D 378 60.73 16.04 16.66
C MET D 378 60.90 17.05 15.53
N THR D 379 59.81 17.57 14.97
CA THR D 379 59.86 18.38 13.76
C THR D 379 58.65 19.31 13.77
N PRO D 380 58.70 20.42 13.01
CA PRO D 380 57.59 21.38 13.09
C PRO D 380 56.23 20.82 12.68
N LYS D 381 56.19 19.92 11.69
CA LYS D 381 54.91 19.37 11.28
C LYS D 381 54.29 18.47 12.34
N ASP D 382 55.11 17.94 13.25
CA ASP D 382 54.61 17.13 14.35
C ASP D 382 54.19 17.97 15.55
N ASP D 383 54.47 19.27 15.54
CA ASP D 383 54.02 20.16 16.60
C ASP D 383 52.70 20.84 16.28
N ILE D 384 52.42 21.09 15.00
CA ILE D 384 51.07 21.47 14.61
C ILE D 384 50.11 20.36 14.97
N ARG D 385 50.53 19.11 14.82
CA ARG D 385 49.65 18.00 15.14
C ARG D 385 49.40 17.90 16.63
N LEU D 386 50.44 18.14 17.45
CA LEU D 386 50.28 18.10 18.90
C LEU D 386 49.21 19.06 19.38
N VAL D 387 49.11 20.23 18.74
CA VAL D 387 48.03 21.16 19.04
C VAL D 387 46.68 20.48 18.85
N GLY D 388 46.42 20.00 17.64
CA GLY D 388 45.19 19.30 17.33
C GLY D 388 44.94 18.09 18.19
N GLU D 389 46.00 17.44 18.69
CA GLU D 389 45.84 16.28 19.53
C GLU D 389 45.52 16.65 20.96
N LEU D 390 45.93 17.85 21.39
CA LEU D 390 45.55 18.34 22.71
C LEU D 390 44.16 18.95 22.68
N VAL D 391 43.84 19.71 21.62
CA VAL D 391 42.47 20.13 21.36
C VAL D 391 41.53 18.95 21.43
N THR D 392 41.95 17.82 20.88
CA THR D 392 41.14 16.62 20.88
C THR D 392 40.91 16.10 22.29
N VAL D 393 41.98 15.67 22.95
CA VAL D 393 41.83 14.97 24.22
C VAL D 393 41.26 15.85 25.32
N ILE D 394 41.46 17.17 25.24
CA ILE D 394 40.74 18.07 26.12
C ILE D 394 39.25 17.99 25.81
N GLY D 395 38.91 17.89 24.53
CA GLY D 395 37.52 17.79 24.12
C GLY D 395 36.86 16.50 24.52
N ALA D 396 37.62 15.45 24.79
CA ALA D 396 37.05 14.20 25.23
C ALA D 396 36.86 14.16 26.74
N ILE D 397 37.73 14.84 27.47
CA ILE D 397 37.51 14.99 28.91
C ILE D 397 36.24 15.78 29.16
N ILE D 398 36.05 16.87 28.42
CA ILE D 398 34.85 17.69 28.55
C ILE D 398 33.60 16.86 28.32
N ILE D 399 33.61 15.97 27.32
CA ILE D 399 32.49 15.08 27.08
C ILE D 399 32.20 14.24 28.31
N LEU D 400 33.25 13.78 28.99
CA LEU D 400 33.09 12.94 30.17
C LEU D 400 32.81 13.75 31.42
N LEU D 401 32.71 15.07 31.32
CA LEU D 401 32.34 15.94 32.43
C LEU D 401 30.97 16.57 32.28
N VAL D 402 30.29 16.33 31.16
CA VAL D 402 28.90 16.77 30.96
C VAL D 402 27.97 15.61 30.65
N GLU D 403 28.47 14.38 30.61
CA GLU D 403 27.68 13.20 30.32
C GLU D 403 27.75 12.14 31.41
N VAL D 404 28.92 11.88 31.95
CA VAL D 404 29.10 10.92 33.04
C VAL D 404 28.54 11.49 34.34
N PRO D 405 28.75 12.77 34.67
CA PRO D 405 28.14 13.29 35.90
C PRO D 405 26.63 13.26 35.89
N ASP D 406 26.00 13.31 34.72
CA ASP D 406 24.56 13.03 34.67
C ASP D 406 24.29 11.60 35.10
N ILE D 407 24.95 10.64 34.45
CA ILE D 407 24.72 9.22 34.71
C ILE D 407 24.96 8.91 36.18
N PHE D 408 26.18 9.17 36.67
CA PHE D 408 26.55 8.80 38.03
C PHE D 408 25.68 9.47 39.09
N ARG D 409 25.07 10.61 38.77
CA ARG D 409 24.20 11.31 39.70
C ARG D 409 22.73 10.97 39.50
N MET D 410 22.31 10.79 38.26
CA MET D 410 20.92 10.54 37.90
C MET D 410 20.66 9.04 38.08
N GLY D 411 19.52 8.53 37.61
CA GLY D 411 19.18 7.13 37.73
C GLY D 411 20.01 6.29 36.79
N VAL D 412 21.18 5.90 37.30
CA VAL D 412 22.40 5.56 36.57
C VAL D 412 22.16 4.79 35.28
N THR D 413 21.25 3.82 35.28
CA THR D 413 21.01 2.98 34.10
C THR D 413 19.56 2.78 33.76
N ARG D 414 18.63 2.96 34.70
CA ARG D 414 17.22 2.77 34.43
C ARG D 414 16.59 4.07 33.92
N PHE D 415 16.79 5.18 34.64
CA PHE D 415 16.23 6.45 34.25
C PHE D 415 17.04 7.14 33.16
N PHE D 416 18.31 6.76 32.98
CA PHE D 416 19.11 7.33 31.92
C PHE D 416 18.51 7.01 30.56
N GLY D 417 18.48 5.72 30.21
CA GLY D 417 17.84 5.27 29.00
C GLY D 417 16.35 5.53 28.94
N GLN D 418 15.74 5.90 30.06
CA GLN D 418 14.32 6.26 30.09
C GLN D 418 14.09 7.62 29.44
N THR D 419 14.91 8.61 29.76
CA THR D 419 14.87 9.88 29.05
C THR D 419 15.28 9.70 27.59
N ILE D 420 16.14 8.73 27.31
CA ILE D 420 16.54 8.43 25.94
C ILE D 420 15.34 7.93 25.16
N LEU D 421 14.92 8.71 24.16
CA LEU D 421 13.96 8.25 23.16
C LEU D 421 14.66 7.83 21.88
N GLY D 422 15.40 8.76 21.27
CA GLY D 422 16.21 8.48 20.10
C GLY D 422 17.66 8.85 20.28
N GLY D 423 18.11 8.89 21.54
CA GLY D 423 19.48 9.14 21.92
C GLY D 423 20.35 7.96 22.33
N PRO D 424 20.68 7.04 21.42
CA PRO D 424 21.86 6.20 21.67
C PRO D 424 23.15 6.97 21.55
N PHE D 425 23.09 8.14 20.91
CA PHE D 425 24.15 9.13 20.87
C PHE D 425 24.94 9.22 22.17
N HIS D 426 24.25 9.27 23.30
CA HIS D 426 24.93 9.48 24.57
C HIS D 426 25.80 8.28 24.95
N VAL D 427 25.48 7.09 24.43
CA VAL D 427 26.35 5.94 24.63
C VAL D 427 27.55 6.00 23.72
N LEU D 428 27.36 6.41 22.48
CA LEU D 428 28.43 6.40 21.51
C LEU D 428 29.47 7.46 21.83
N ILE D 429 29.03 8.66 22.18
CA ILE D 429 29.95 9.75 22.41
C ILE D 429 30.75 9.57 23.68
N ILE D 430 30.22 8.85 24.67
CA ILE D 430 31.03 8.46 25.80
C ILE D 430 32.02 7.40 25.36
N THR D 431 31.61 6.51 24.46
CA THR D 431 32.52 5.52 23.91
C THR D 431 33.57 6.16 23.03
N TYR D 432 33.21 7.21 22.31
CA TYR D 432 34.19 8.00 21.58
C TYR D 432 35.28 8.50 22.51
N ALA D 433 34.90 9.28 23.52
CA ALA D 433 35.86 9.88 24.44
C ALA D 433 36.70 8.86 25.15
N PHE D 434 36.14 7.69 25.44
CA PHE D 434 36.92 6.62 26.04
C PHE D 434 38.04 6.18 25.11
N MET D 435 37.72 5.90 23.84
CA MET D 435 38.71 5.46 22.88
C MET D 435 39.79 6.50 22.65
N VAL D 436 39.42 7.78 22.65
CA VAL D 436 40.41 8.84 22.48
C VAL D 436 41.40 8.82 23.63
N LEU D 437 40.94 8.48 24.83
CA LEU D 437 41.84 8.43 25.98
C LEU D 437 42.65 7.16 26.00
N VAL D 438 42.07 6.05 25.55
CA VAL D 438 42.86 4.84 25.31
C VAL D 438 43.95 5.14 24.29
N THR D 439 43.61 5.86 23.24
CA THR D 439 44.61 6.27 22.26
C THR D 439 45.70 7.12 22.88
N MET D 440 45.35 8.00 23.82
CA MET D 440 46.37 8.81 24.47
C MET D 440 47.33 7.95 25.26
N VAL D 441 46.81 7.15 26.19
CA VAL D 441 47.64 6.31 27.04
C VAL D 441 48.59 5.47 26.19
N MET D 442 48.07 4.81 25.18
CA MET D 442 48.87 3.99 24.28
C MET D 442 49.96 4.80 23.59
N ARG D 443 49.71 6.08 23.34
CA ARG D 443 50.74 6.94 22.79
C ARG D 443 51.77 7.32 23.84
N LEU D 444 51.36 7.45 25.10
CA LEU D 444 52.31 7.82 26.13
C LEU D 444 53.23 6.66 26.47
N ILE D 445 52.69 5.44 26.59
CA ILE D 445 53.49 4.27 26.89
C ILE D 445 54.05 3.59 25.65
N SER D 446 53.84 4.18 24.46
CA SER D 446 54.34 3.62 23.20
C SER D 446 53.84 2.19 22.99
N ALA D 447 52.53 2.01 23.11
CA ALA D 447 51.92 0.72 22.91
C ALA D 447 51.54 0.52 21.45
N SER D 448 51.67 -0.72 20.98
CA SER D 448 51.34 -1.04 19.60
C SER D 448 49.86 -1.36 19.50
N GLY D 449 49.21 -0.75 18.51
CA GLY D 449 47.82 -1.03 18.22
C GLY D 449 46.91 0.17 18.29
N GLU D 450 47.45 1.36 18.06
CA GLU D 450 46.65 2.57 18.10
C GLU D 450 45.58 2.61 17.03
N VAL D 451 45.73 1.81 15.97
CA VAL D 451 44.70 1.77 14.95
C VAL D 451 43.40 1.21 15.47
N VAL D 452 43.44 0.38 16.50
CA VAL D 452 42.23 -0.25 16.99
C VAL D 452 41.39 0.83 17.65
N PRO D 453 41.89 1.59 18.64
CA PRO D 453 41.03 2.62 19.22
C PRO D 453 40.60 3.72 18.26
N MET D 454 41.53 4.24 17.46
CA MET D 454 41.19 5.30 16.51
C MET D 454 40.03 4.90 15.62
N SER D 455 40.11 3.73 15.02
CA SER D 455 39.15 3.32 14.02
C SER D 455 37.75 3.17 14.59
N PHE D 456 37.62 2.85 15.88
CA PHE D 456 36.33 3.03 16.53
C PHE D 456 35.99 4.50 16.63
N ALA D 457 36.93 5.29 17.15
CA ALA D 457 36.69 6.70 17.42
C ALA D 457 36.33 7.48 16.16
N LEU D 458 36.97 7.20 15.04
CA LEU D 458 36.55 7.79 13.78
C LEU D 458 35.09 7.51 13.50
N VAL D 459 34.71 6.25 13.47
CA VAL D 459 33.36 5.86 13.09
C VAL D 459 32.36 6.38 14.10
N LEU D 460 32.60 6.13 15.38
CA LEU D 460 31.72 6.65 16.41
C LEU D 460 31.70 8.17 16.43
N GLY D 461 32.80 8.80 16.04
CA GLY D 461 32.87 10.24 16.04
C GLY D 461 32.05 10.89 14.94
N TRP D 462 32.17 10.38 13.72
CA TRP D 462 31.45 10.97 12.62
C TRP D 462 29.98 10.60 12.66
N CYS D 463 29.67 9.31 12.81
CA CYS D 463 28.29 8.85 12.77
C CYS D 463 27.43 9.45 13.88
N ASN D 464 28.04 10.02 14.92
CA ASN D 464 27.33 10.89 15.84
C ASN D 464 26.88 12.21 15.21
N VAL D 465 27.49 12.64 14.11
CA VAL D 465 27.03 13.82 13.40
C VAL D 465 25.69 13.58 12.74
N MET D 466 25.26 12.33 12.61
CA MET D 466 23.92 12.02 12.18
C MET D 466 22.90 12.49 13.19
N TYR D 467 23.31 12.69 14.44
CA TYR D 467 22.40 13.17 15.48
C TYR D 467 22.17 14.66 15.37
N PHE D 468 23.21 15.44 15.08
CA PHE D 468 23.08 16.88 14.94
C PHE D 468 22.51 17.24 13.56
N ALA D 469 21.35 16.68 13.25
CA ALA D 469 20.67 16.88 11.98
C ALA D 469 19.21 17.24 12.17
N ARG D 470 18.56 16.70 13.22
CA ARG D 470 17.16 16.99 13.51
C ARG D 470 16.84 18.48 13.63
N GLY D 471 17.85 19.32 13.84
CA GLY D 471 17.64 20.75 13.96
C GLY D 471 16.85 21.36 12.81
N PHE D 472 17.11 20.89 11.61
CA PHE D 472 16.55 21.45 10.38
C PHE D 472 15.45 20.56 9.80
N GLN D 473 15.07 19.49 10.50
CA GLN D 473 14.27 18.41 9.92
C GLN D 473 15.02 17.80 8.74
N MET D 474 16.21 17.26 9.04
CA MET D 474 17.10 16.55 8.14
C MET D 474 16.56 15.13 7.96
N LEU D 475 17.40 14.15 7.63
CA LEU D 475 17.06 12.74 7.77
C LEU D 475 17.16 12.29 9.25
N GLY D 476 17.38 13.22 10.18
CA GLY D 476 17.25 12.99 11.61
C GLY D 476 15.85 12.62 12.08
N PRO D 477 14.82 13.24 11.50
CA PRO D 477 13.47 12.68 11.62
C PRO D 477 13.34 11.29 10.99
N PHE D 478 14.28 10.91 10.13
CA PHE D 478 14.28 9.60 9.48
C PHE D 478 15.37 8.68 10.00
N THR D 479 16.31 9.15 10.81
CA THR D 479 17.05 8.23 11.66
C THR D 479 16.21 7.84 12.87
N ILE D 480 15.03 8.45 13.04
CA ILE D 480 13.99 7.83 13.85
C ILE D 480 13.71 6.43 13.33
N MET D 481 13.69 6.27 12.00
CA MET D 481 13.45 4.94 11.45
C MET D 481 14.55 3.98 11.85
N ILE D 482 15.81 4.29 11.48
CA ILE D 482 16.90 3.35 11.71
C ILE D 482 17.11 3.08 13.20
N GLN D 483 16.64 3.98 14.07
CA GLN D 483 16.57 3.71 15.50
C GLN D 483 15.25 3.05 15.89
N LYS D 484 14.15 3.39 15.21
CA LYS D 484 12.98 2.51 15.26
C LYS D 484 13.29 1.17 14.63
N MET D 485 14.30 1.09 13.74
CA MET D 485 14.65 -0.17 13.12
C MET D 485 15.46 -1.08 14.04
N ILE D 486 15.50 -0.79 15.34
CA ILE D 486 15.94 -1.76 16.34
C ILE D 486 14.67 -2.43 16.88
N PHE D 487 13.60 -2.47 16.06
CA PHE D 487 12.43 -3.25 16.39
C PHE D 487 12.79 -4.71 16.18
N GLY D 488 11.76 -5.56 16.20
CA GLY D 488 11.89 -6.98 16.00
C GLY D 488 12.80 -7.42 14.87
N ASP D 489 12.40 -7.29 13.60
CA ASP D 489 13.20 -7.86 12.53
C ASP D 489 14.45 -7.05 12.18
N LEU D 490 15.26 -6.69 13.18
CA LEU D 490 16.64 -6.29 12.90
C LEU D 490 17.60 -6.61 14.04
N MET D 491 17.14 -7.17 15.17
CA MET D 491 18.00 -7.86 16.12
C MET D 491 17.62 -9.33 16.15
N ARG D 492 16.85 -9.75 15.15
CA ARG D 492 16.06 -10.96 15.18
C ARG D 492 16.14 -11.73 13.88
N PHE D 493 16.33 -11.04 12.76
CA PHE D 493 16.78 -11.60 11.50
C PHE D 493 18.24 -12.02 11.56
N CYS D 494 18.98 -11.54 12.54
CA CYS D 494 20.30 -12.08 12.82
C CYS D 494 20.27 -13.58 13.00
N TRP D 495 19.32 -14.07 13.81
CA TRP D 495 19.31 -15.48 14.18
C TRP D 495 19.09 -16.37 12.96
N LEU D 496 18.41 -15.88 11.94
CA LEU D 496 18.06 -16.67 10.77
C LEU D 496 18.90 -16.29 9.57
N MET D 497 19.85 -15.40 9.74
CA MET D 497 20.91 -15.13 8.79
C MET D 497 22.24 -15.73 9.21
N ALA D 498 22.62 -15.50 10.46
CA ALA D 498 23.82 -16.08 11.04
C ALA D 498 23.86 -17.59 11.00
N VAL D 499 22.71 -18.23 10.94
CA VAL D 499 22.64 -19.68 10.88
C VAL D 499 22.89 -20.17 9.47
N VAL D 500 22.48 -19.38 8.48
CA VAL D 500 22.81 -19.66 7.10
C VAL D 500 24.30 -19.49 6.87
N ILE D 501 24.87 -18.42 7.41
CA ILE D 501 26.28 -18.15 7.23
C ILE D 501 27.14 -19.23 7.87
N LEU D 502 26.83 -19.62 9.10
CA LEU D 502 27.62 -20.64 9.78
C LEU D 502 27.46 -22.01 9.14
N GLY D 503 26.34 -22.23 8.46
CA GLY D 503 26.09 -23.51 7.84
C GLY D 503 26.78 -23.71 6.52
N PHE D 504 26.67 -22.75 5.63
CA PHE D 504 27.31 -22.84 4.34
C PHE D 504 28.78 -22.51 4.38
N ALA D 505 29.21 -21.68 5.33
CA ALA D 505 30.63 -21.42 5.51
C ALA D 505 31.38 -22.62 6.02
N SER D 506 30.77 -23.39 6.89
CA SER D 506 31.36 -24.62 7.35
C SER D 506 31.32 -25.69 6.28
N ALA D 507 30.39 -25.58 5.34
CA ALA D 507 30.38 -26.45 4.18
C ALA D 507 31.42 -26.05 3.16
N PHE D 508 31.37 -24.78 2.72
CA PHE D 508 32.39 -24.24 1.82
C PHE D 508 33.79 -24.51 2.31
N TYR D 509 33.99 -24.41 3.61
CA TYR D 509 35.31 -24.65 4.19
C TYR D 509 35.78 -26.07 3.94
N ILE D 510 34.95 -27.05 4.26
CA ILE D 510 35.39 -28.44 4.12
C ILE D 510 35.46 -28.88 2.67
N ILE D 511 34.77 -28.19 1.78
CA ILE D 511 34.87 -28.49 0.36
C ILE D 511 36.23 -28.08 -0.18
N PHE D 512 36.71 -26.91 0.21
CA PHE D 512 38.01 -26.40 -0.18
C PHE D 512 39.08 -26.65 0.86
N GLN D 513 38.81 -27.52 1.83
CA GLN D 513 39.81 -27.90 2.80
C GLN D 513 40.88 -28.78 2.21
N THR D 514 40.58 -29.42 1.07
CA THR D 514 41.52 -30.27 0.37
C THR D 514 42.22 -29.59 -0.80
N GLU D 515 41.76 -28.42 -1.21
CA GLU D 515 42.16 -27.83 -2.46
C GLU D 515 43.28 -26.82 -2.26
N ASP D 516 43.85 -26.37 -3.37
CA ASP D 516 44.97 -25.46 -3.33
C ASP D 516 44.45 -24.04 -3.12
N PRO D 517 44.86 -23.30 -2.09
CA PRO D 517 44.26 -22.00 -1.85
C PRO D 517 44.84 -20.85 -2.66
N GLU D 518 45.97 -21.05 -3.34
CA GLU D 518 46.51 -19.97 -4.17
C GLU D 518 45.68 -19.71 -5.41
N GLU D 519 44.72 -20.58 -5.71
CA GLU D 519 43.83 -20.42 -6.84
C GLU D 519 42.49 -19.84 -6.43
N LEU D 520 41.79 -20.52 -5.50
CA LEU D 520 40.57 -20.04 -4.88
C LEU D 520 40.77 -20.07 -3.37
N GLY D 521 41.01 -18.90 -2.79
CA GLY D 521 41.38 -18.80 -1.39
C GLY D 521 40.42 -18.01 -0.54
N HIS D 522 39.15 -18.01 -0.93
CA HIS D 522 38.12 -17.38 -0.13
C HIS D 522 37.91 -18.09 1.19
N PHE D 523 38.39 -19.33 1.32
CA PHE D 523 38.03 -20.25 2.38
C PHE D 523 39.25 -20.98 2.91
N TYR D 524 40.37 -20.28 3.12
CA TYR D 524 41.61 -20.93 3.52
C TYR D 524 41.66 -21.24 5.00
N ASP D 525 40.90 -20.51 5.80
CA ASP D 525 40.74 -20.80 7.22
C ASP D 525 39.29 -20.52 7.58
N TYR D 526 38.88 -21.03 8.73
CA TYR D 526 37.48 -20.94 9.10
C TYR D 526 37.05 -19.50 9.37
N PRO D 527 37.87 -18.66 10.00
CA PRO D 527 37.44 -17.27 10.17
C PRO D 527 37.23 -16.50 8.88
N MET D 528 38.01 -16.77 7.84
CA MET D 528 37.77 -16.12 6.57
C MET D 528 36.63 -16.76 5.80
N ALA D 529 36.25 -17.98 6.15
CA ALA D 529 35.11 -18.61 5.52
C ALA D 529 33.81 -17.98 5.94
N LEU D 530 33.77 -17.39 7.14
CA LEU D 530 32.58 -16.73 7.61
C LEU D 530 32.51 -15.31 7.09
N PHE D 531 33.66 -14.66 6.99
CA PHE D 531 33.71 -13.33 6.42
C PHE D 531 33.38 -13.34 4.95
N SER D 532 34.00 -14.24 4.19
CA SER D 532 33.66 -14.39 2.79
C SER D 532 32.19 -14.71 2.60
N THR D 533 31.69 -15.66 3.38
CA THR D 533 30.30 -16.04 3.30
C THR D 533 29.37 -14.94 3.77
N PHE D 534 29.79 -14.13 4.73
CA PHE D 534 29.04 -12.94 5.06
C PHE D 534 28.95 -12.00 3.87
N GLU D 535 30.08 -11.79 3.20
CA GLU D 535 30.11 -10.90 2.06
C GLU D 535 29.33 -11.46 0.88
N LEU D 536 29.31 -12.78 0.72
CA LEU D 536 28.58 -13.38 -0.38
C LEU D 536 27.07 -13.33 -0.16
N PHE D 537 26.64 -13.44 1.09
CA PHE D 537 25.22 -13.28 1.42
C PHE D 537 24.72 -11.95 0.91
N LEU D 538 25.47 -10.88 1.15
CA LEU D 538 25.08 -9.54 0.80
C LEU D 538 25.45 -9.15 -0.62
N THR D 539 26.16 -9.99 -1.35
CA THR D 539 26.58 -9.72 -2.71
C THR D 539 27.48 -8.49 -2.76
N ILE D 540 28.45 -8.47 -1.85
CA ILE D 540 29.47 -7.43 -1.81
C ILE D 540 30.85 -7.97 -2.12
N ILE D 541 30.96 -9.24 -2.52
CA ILE D 541 32.07 -9.74 -3.30
C ILE D 541 31.48 -10.69 -4.33
N ASP D 542 32.26 -10.95 -5.36
CA ASP D 542 31.78 -11.82 -6.42
C ASP D 542 31.88 -13.27 -6.01
N GLY D 543 31.02 -14.08 -6.59
CA GLY D 543 31.06 -15.50 -6.41
C GLY D 543 32.43 -16.05 -6.78
N PRO D 544 32.96 -16.97 -5.96
CA PRO D 544 34.25 -17.58 -6.30
C PRO D 544 34.23 -18.31 -7.63
N ALA D 545 35.36 -18.22 -8.33
CA ALA D 545 35.51 -18.85 -9.62
C ALA D 545 36.95 -18.68 -10.06
N ASN D 546 37.48 -19.70 -10.73
CA ASN D 546 38.75 -19.59 -11.42
C ASN D 546 38.65 -19.92 -12.89
N TYR D 547 38.05 -21.07 -13.23
CA TYR D 547 37.79 -21.49 -14.59
C TYR D 547 39.03 -21.92 -15.35
N ASN D 548 40.20 -21.87 -14.71
CA ASN D 548 41.42 -22.48 -15.20
C ASN D 548 41.75 -23.73 -14.41
N VAL D 549 40.80 -24.24 -13.62
CA VAL D 549 41.04 -25.35 -12.72
C VAL D 549 39.70 -25.93 -12.33
N ASP D 550 39.65 -27.24 -12.15
CA ASP D 550 38.41 -27.95 -11.88
C ASP D 550 38.07 -27.80 -10.41
N LEU D 551 37.05 -27.00 -10.11
CA LEU D 551 36.59 -26.85 -8.76
C LEU D 551 35.77 -28.08 -8.38
N PRO D 552 35.49 -28.26 -7.09
CA PRO D 552 34.66 -29.39 -6.69
C PRO D 552 33.24 -29.27 -7.21
N PHE D 553 32.66 -30.41 -7.55
CA PHE D 553 31.27 -30.45 -7.97
C PHE D 553 30.34 -30.14 -6.82
N MET D 554 30.80 -30.31 -5.61
CA MET D 554 30.04 -30.09 -4.40
C MET D 554 29.99 -28.62 -4.02
N TYR D 555 30.76 -27.77 -4.71
CA TYR D 555 30.69 -26.34 -4.51
C TYR D 555 29.53 -25.72 -5.24
N SER D 556 29.33 -26.11 -6.49
CA SER D 556 28.35 -25.45 -7.32
C SER D 556 26.94 -25.79 -6.90
N ILE D 557 26.73 -26.99 -6.38
CA ILE D 557 25.46 -27.36 -5.76
C ILE D 557 25.21 -26.48 -4.54
N THR D 558 26.20 -26.39 -3.65
CA THR D 558 26.04 -25.66 -2.40
C THR D 558 25.83 -24.18 -2.63
N TYR D 559 26.70 -23.56 -3.44
CA TYR D 559 26.61 -22.14 -3.67
C TYR D 559 25.37 -21.73 -4.42
N ALA D 560 24.80 -22.61 -5.22
CA ALA D 560 23.55 -22.30 -5.88
C ALA D 560 22.42 -22.17 -4.88
N ALA D 561 22.44 -22.98 -3.83
CA ALA D 561 21.44 -22.88 -2.78
C ALA D 561 21.66 -21.68 -1.87
N PHE D 562 22.92 -21.37 -1.57
CA PHE D 562 23.22 -20.19 -0.77
C PHE D 562 22.71 -18.92 -1.43
N ALA D 563 22.95 -18.78 -2.72
CA ALA D 563 22.51 -17.62 -3.47
C ALA D 563 21.00 -17.50 -3.53
N ILE D 564 20.28 -18.56 -3.22
CA ILE D 564 18.83 -18.56 -3.21
C ILE D 564 18.29 -18.23 -1.85
N ILE D 565 18.76 -18.93 -0.84
CA ILE D 565 18.42 -18.62 0.54
C ILE D 565 18.82 -17.20 0.87
N ALA D 566 19.95 -16.74 0.35
CA ALA D 566 20.39 -15.37 0.59
C ALA D 566 19.55 -14.35 -0.15
N THR D 567 19.09 -14.68 -1.34
CA THR D 567 18.30 -13.77 -2.15
C THR D 567 16.88 -13.67 -1.65
N LEU D 568 16.34 -14.75 -1.09
CA LEU D 568 14.98 -14.75 -0.58
C LEU D 568 14.92 -14.13 0.81
N LEU D 569 15.92 -14.38 1.64
CA LEU D 569 15.99 -13.75 2.95
C LEU D 569 16.25 -12.26 2.88
N MET D 570 16.81 -11.76 1.77
CA MET D 570 16.90 -10.35 1.52
C MET D 570 15.70 -9.80 0.78
N LEU D 571 14.64 -10.58 0.60
CA LEU D 571 13.37 -10.10 0.10
C LEU D 571 12.18 -10.58 0.90
N ASN D 572 12.41 -11.22 2.05
CA ASN D 572 11.37 -11.29 3.07
C ASN D 572 11.50 -10.14 4.05
N LEU D 573 12.70 -9.57 4.17
CA LEU D 573 12.95 -8.50 5.12
C LEU D 573 12.65 -7.13 4.54
N LEU D 574 12.93 -6.92 3.25
CA LEU D 574 12.43 -5.76 2.55
C LEU D 574 10.93 -5.67 2.74
N ILE D 575 10.26 -6.80 2.66
CA ILE D 575 8.83 -6.90 2.89
C ILE D 575 8.53 -6.67 4.37
N ALA D 576 9.27 -7.32 5.26
CA ALA D 576 9.04 -7.17 6.69
C ALA D 576 9.28 -5.74 7.16
N MET D 577 10.29 -5.06 6.61
CA MET D 577 10.49 -3.65 6.92
C MET D 577 9.44 -2.76 6.30
N MET D 578 8.65 -3.27 5.36
CA MET D 578 7.61 -2.51 4.68
C MET D 578 6.29 -2.59 5.43
N GLY D 579 5.77 -3.80 5.63
CA GLY D 579 4.54 -3.98 6.39
C GLY D 579 4.61 -3.46 7.80
N ASP D 580 5.81 -3.35 8.36
CA ASP D 580 6.04 -2.65 9.62
C ASP D 580 6.22 -1.15 9.41
N THR D 581 5.91 -0.62 8.21
CA THR D 581 6.02 0.80 7.94
C THR D 581 4.81 1.42 7.24
N HIS D 582 4.07 0.67 6.43
CA HIS D 582 3.04 1.26 5.56
C HIS D 582 1.63 0.84 5.94
N TRP D 583 1.35 -0.45 6.01
CA TRP D 583 0.16 -0.90 6.71
C TRP D 583 0.29 -0.74 8.22
N ARG D 584 1.51 -0.55 8.71
CA ARG D 584 1.84 -0.20 10.07
C ARG D 584 2.37 1.24 10.03
N VAL D 585 2.90 1.73 11.16
CA VAL D 585 3.26 3.12 11.39
C VAL D 585 4.03 3.79 10.25
N ALA D 586 3.44 4.88 9.74
CA ALA D 586 4.13 5.84 8.90
C ALA D 586 3.94 7.28 9.37
N HIS D 587 2.97 7.55 10.25
CA HIS D 587 2.67 8.89 10.72
C HIS D 587 3.10 9.15 12.15
N GLU D 588 3.10 8.14 13.01
CA GLU D 588 3.59 8.34 14.37
C GLU D 588 5.10 8.56 14.40
N ARG D 589 5.80 8.28 13.29
CA ARG D 589 7.16 8.76 13.16
C ARG D 589 7.19 10.28 13.14
N ASP D 590 6.22 10.91 12.46
CA ASP D 590 6.10 12.36 12.53
C ASP D 590 5.69 12.79 13.92
N GLU D 591 4.97 11.94 14.64
CA GLU D 591 4.72 12.17 16.05
C GLU D 591 5.96 11.92 16.89
N LEU D 592 6.81 10.97 16.48
CA LEU D 592 8.03 10.69 17.23
C LEU D 592 9.04 11.81 17.10
N TRP D 593 9.03 12.54 16.00
CA TRP D 593 9.90 13.71 15.86
C TRP D 593 9.62 14.71 16.96
N ARG D 594 8.36 15.09 17.13
CA ARG D 594 7.98 16.05 18.16
C ARG D 594 8.34 15.57 19.55
N ALA D 595 8.50 14.27 19.76
CA ALA D 595 8.95 13.74 21.04
C ALA D 595 10.46 13.86 21.22
N GLN D 596 11.22 13.93 20.13
CA GLN D 596 12.66 14.11 20.20
C GLN D 596 13.03 15.58 20.28
N ILE D 597 12.22 16.43 19.68
CA ILE D 597 12.33 17.87 19.86
C ILE D 597 12.23 18.23 21.34
N VAL D 598 11.37 17.54 22.07
CA VAL D 598 11.25 17.76 23.50
C VAL D 598 12.45 17.18 24.23
N ALA D 599 12.78 15.92 23.96
CA ALA D 599 13.86 15.26 24.67
C ALA D 599 15.18 15.98 24.47
N THR D 600 15.40 16.49 23.25
CA THR D 600 16.55 17.36 23.02
C THR D 600 16.44 18.63 23.84
N THR D 601 15.31 19.33 23.72
CA THR D 601 15.11 20.61 24.40
C THR D 601 15.30 20.49 25.90
N VAL D 602 14.81 19.41 26.49
CA VAL D 602 14.95 19.22 27.93
C VAL D 602 16.41 19.06 28.32
N MET D 603 17.16 18.27 27.54
CA MET D 603 18.54 18.01 27.90
C MET D 603 19.39 19.26 27.80
N LEU D 604 19.16 20.07 26.76
CA LEU D 604 19.91 21.32 26.61
C LEU D 604 19.60 22.28 27.75
N GLU D 605 18.31 22.44 28.07
CA GLU D 605 17.92 23.31 29.16
C GLU D 605 18.46 22.81 30.50
N ARG D 606 18.70 21.51 30.62
CA ARG D 606 19.28 20.97 31.84
C ARG D 606 20.78 21.23 31.91
N LYS D 607 21.46 21.19 30.76
CA LYS D 607 22.91 21.33 30.72
C LYS D 607 23.34 22.79 30.58
N LEU D 608 22.74 23.51 29.65
CA LEU D 608 23.11 24.89 29.42
C LEU D 608 22.68 25.76 30.61
N PRO D 609 23.36 26.87 30.86
CA PRO D 609 23.01 27.68 32.03
C PRO D 609 21.78 28.54 31.78
N ARG D 610 21.30 29.14 32.87
CA ARG D 610 20.08 29.94 32.83
C ARG D 610 20.26 31.20 32.00
N CYS D 611 21.47 31.75 31.96
CA CYS D 611 21.69 33.01 31.23
C CYS D 611 21.42 32.84 29.74
N LEU D 612 21.85 31.72 29.16
CA LEU D 612 21.59 31.48 27.75
C LEU D 612 20.17 31.03 27.51
N TRP D 613 19.46 30.58 28.54
CA TRP D 613 18.11 30.05 28.41
C TRP D 613 17.13 30.98 29.11
N PRO D 614 16.62 32.01 28.45
CA PRO D 614 15.49 32.74 29.00
C PRO D 614 14.31 31.82 29.17
N ARG D 615 13.64 31.94 30.31
CA ARG D 615 12.48 31.09 30.57
C ARG D 615 11.37 31.42 29.59
N SER D 616 10.74 30.39 29.06
CA SER D 616 9.67 30.59 28.09
C SER D 616 8.41 31.08 28.77
N GLY D 617 7.60 31.79 28.03
CA GLY D 617 6.40 32.39 28.56
C GLY D 617 6.67 33.69 29.29
N ILE D 618 5.65 34.51 29.33
CA ILE D 618 5.72 35.83 29.92
C ILE D 618 5.46 35.74 31.42
N CYS D 619 6.07 36.65 32.17
CA CYS D 619 5.90 36.69 33.61
C CYS D 619 4.51 37.18 33.96
N GLY D 620 4.26 37.30 35.27
CA GLY D 620 3.01 37.81 35.77
C GLY D 620 3.15 38.83 36.88
N ARG D 621 4.37 38.98 37.41
CA ARG D 621 4.57 39.89 38.54
C ARG D 621 4.30 41.33 38.14
N GLU D 622 4.79 41.73 36.97
CA GLU D 622 4.56 43.08 36.44
C GLU D 622 3.27 43.19 35.65
N TYR D 623 2.31 42.30 35.88
CA TYR D 623 1.00 42.37 35.24
C TYR D 623 -0.15 42.04 36.18
N GLY D 624 0.10 41.83 37.47
CA GLY D 624 -0.96 41.59 38.42
C GLY D 624 -1.53 40.19 38.42
N LEU D 625 -1.03 39.29 37.59
CA LEU D 625 -1.56 37.94 37.51
C LEU D 625 -0.97 37.00 38.56
N GLY D 626 0.07 37.42 39.27
CA GLY D 626 0.70 36.60 40.29
C GLY D 626 2.20 36.49 40.04
N ASP D 627 2.73 35.31 40.34
CA ASP D 627 4.14 34.98 40.10
C ASP D 627 4.26 33.73 39.23
N ARG D 628 3.25 33.51 38.38
CA ARG D 628 3.22 32.38 37.47
C ARG D 628 3.73 32.82 36.10
N TRP D 629 3.86 31.87 35.20
CA TRP D 629 4.55 32.07 33.91
C TRP D 629 3.62 31.61 32.80
N PHE D 630 2.83 32.55 32.29
CA PHE D 630 1.75 32.27 31.36
C PHE D 630 2.25 32.18 29.93
N LEU D 631 1.38 31.64 29.08
CA LEU D 631 1.58 31.63 27.64
C LEU D 631 0.29 32.07 26.98
N ARG D 632 0.40 33.00 26.05
CA ARG D 632 -0.74 33.50 25.29
C ARG D 632 -0.83 32.77 23.96
N VAL D 633 -2.03 32.34 23.60
CA VAL D 633 -2.30 31.68 22.34
C VAL D 633 -3.50 32.35 21.71
N GLU D 634 -3.31 32.87 20.51
CA GLU D 634 -4.37 33.53 19.75
C GLU D 634 -4.78 32.59 18.61
N ASP D 635 -6.06 32.26 18.56
CA ASP D 635 -6.56 31.21 17.71
C ASP D 635 -7.90 31.62 17.13
N ARG D 636 -8.21 31.06 15.96
CA ARG D 636 -9.43 31.36 15.23
C ARG D 636 -10.34 30.15 15.27
N GLN D 637 -11.57 30.34 15.73
CA GLN D 637 -12.50 29.24 15.97
C GLN D 637 -12.87 28.52 14.69
N ASP D 638 -13.54 29.22 13.77
CA ASP D 638 -14.00 28.62 12.53
C ASP D 638 -14.11 29.67 11.43
#